data_2C2V
#
_entry.id   2C2V
#
_cell.length_a   180.310
_cell.length_b   69.991
_cell.length_c   204.477
_cell.angle_alpha   90.00
_cell.angle_beta   106.95
_cell.angle_gamma   90.00
#
_symmetry.space_group_name_H-M   'C 1 2 1'
#
loop_
_entity.id
_entity.type
_entity.pdbx_description
1 polymer 'Ubiquitin-conjugating enzyme E2 N'
2 polymer 'Ubiquitin-conjugating enzyme E2 variant 1'
3 polymer 'STIP1 homology and U box-containing protein 1'
4 water water
#
loop_
_entity_poly.entity_id
_entity_poly.type
_entity_poly.pdbx_seq_one_letter_code
_entity_poly.pdbx_strand_id
1 'polypeptide(L)'
;AGSAGLPRRIIKETQRLLAEPVPGIKAEPDESNARYFHVVIAGPQDSPFEGGTFKLELFLPEEYPMAAPKVRFMTKIYHP
NVDKLGRICLDILKDKWSPALQIRTVLLSIQALLSAPNPDDPLANDVAEQWKTNEAQAIETARAWTRLYAMNNI
;
B,E,H,K
2 'polypeptide(L)'
;TTGVKVPRNFRLLEELEEGQKGVGDGTVSWGLEDDEDMTLTRWTGMILGPPRTIYENRIYSLKIECGPKYPEAPPFVRFV
TKINMNGVNSSNGVVDPRAISVLAKWQNSYSIKVVLQELRRLMMSKENMKLPQPPEGQCYSN
;
C,F,I,L
3 'polypeptide(L)' DIPDYLCGKISFELMREPCITPSGITYDRKDIEEHLQRVGHFNPVTRSPLTQEQLIPNLAMKEVIDAFISENGWVEDY S,T,U,V
#
# COMPACT_ATOMS: atom_id res chain seq x y z
N ALA A 1 -11.81 -37.86 13.66
CA ALA A 1 -12.89 -38.87 13.52
C ALA A 1 -13.22 -39.55 12.11
N GLY A 2 -12.18 -40.21 11.38
CA GLY A 2 -12.29 -40.90 10.04
C GLY A 2 -11.85 -39.88 8.98
N SER A 3 -12.70 -38.83 8.60
CA SER A 3 -12.49 -37.98 7.32
C SER A 3 -13.73 -37.47 6.41
N ALA A 4 -14.47 -38.48 5.77
CA ALA A 4 -15.97 -38.57 5.52
C ALA A 4 -17.08 -39.22 6.57
N GLY A 5 -18.28 -39.36 6.16
CA GLY A 5 -19.42 -38.89 6.76
C GLY A 5 -19.87 -37.99 5.56
N LEU A 6 -18.94 -37.52 4.69
CA LEU A 6 -19.12 -36.41 3.75
C LEU A 6 -19.96 -36.70 2.48
N PRO A 7 -20.79 -35.79 1.77
CA PRO A 7 -21.35 -36.23 0.51
C PRO A 7 -20.34 -36.67 -0.58
N ARG A 8 -20.86 -37.63 -1.34
CA ARG A 8 -20.06 -38.25 -2.31
C ARG A 8 -19.78 -37.22 -3.35
N ARG A 9 -20.74 -36.45 -3.86
CA ARG A 9 -20.40 -35.26 -4.64
C ARG A 9 -19.17 -34.53 -4.16
N ILE A 10 -19.16 -34.17 -2.85
CA ILE A 10 -18.01 -33.34 -2.35
C ILE A 10 -16.73 -34.08 -2.44
N ILE A 11 -16.77 -35.42 -2.12
CA ILE A 11 -15.49 -36.18 -2.16
C ILE A 11 -14.97 -36.09 -3.55
N LYS A 12 -15.90 -36.33 -4.44
CA LYS A 12 -15.44 -36.39 -5.80
C LYS A 12 -14.82 -35.02 -6.40
N GLU A 13 -15.46 -33.88 -6.09
CA GLU A 13 -15.06 -32.63 -6.55
C GLU A 13 -13.73 -32.39 -6.01
N THR A 14 -13.55 -32.82 -4.77
CA THR A 14 -12.31 -32.53 -4.06
C THR A 14 -11.18 -33.20 -4.76
N GLN A 15 -11.55 -34.27 -5.42
CA GLN A 15 -10.52 -35.15 -5.69
C GLN A 15 -10.10 -34.95 -7.07
N ARG A 16 -11.08 -34.51 -7.89
CA ARG A 16 -10.77 -33.97 -9.21
C ARG A 16 -9.89 -32.72 -9.13
N LEU A 17 -10.24 -31.85 -8.15
CA LEU A 17 -9.39 -30.64 -7.98
C LEU A 17 -8.05 -30.86 -7.60
N LEU A 18 -7.79 -31.79 -6.65
CA LEU A 18 -6.35 -31.99 -6.42
C LEU A 18 -5.65 -32.54 -7.61
N ALA A 19 -6.39 -33.27 -8.46
CA ALA A 19 -5.92 -34.03 -9.63
C ALA A 19 -5.75 -33.10 -10.77
N GLU A 20 -6.83 -32.58 -11.37
CA GLU A 20 -6.47 -31.50 -12.29
C GLU A 20 -6.94 -30.12 -11.71
N PRO A 21 -5.97 -29.51 -10.99
CA PRO A 21 -5.97 -28.21 -10.20
C PRO A 21 -6.20 -27.03 -11.18
N VAL A 22 -6.93 -25.94 -10.79
CA VAL A 22 -7.11 -24.93 -11.90
C VAL A 22 -5.76 -24.22 -12.25
N PRO A 23 -5.48 -23.90 -13.49
CA PRO A 23 -4.08 -23.28 -13.50
C PRO A 23 -3.90 -21.85 -12.70
N GLY A 24 -2.78 -21.59 -12.05
CA GLY A 24 -2.72 -20.47 -11.18
C GLY A 24 -3.55 -20.24 -9.93
N ILE A 25 -4.39 -21.18 -9.48
CA ILE A 25 -5.02 -21.27 -8.15
C ILE A 25 -4.51 -22.59 -7.45
N LYS A 26 -4.19 -22.61 -6.14
CA LYS A 26 -3.87 -23.73 -5.30
C LYS A 26 -5.10 -23.79 -4.52
N ALA A 27 -5.64 -24.92 -4.13
CA ALA A 27 -6.85 -25.04 -3.21
C ALA A 27 -6.98 -26.53 -2.63
N GLU A 28 -7.34 -26.77 -1.39
CA GLU A 28 -6.77 -27.89 -0.60
C GLU A 28 -7.58 -28.03 0.63
N PRO A 29 -8.27 -29.20 0.86
CA PRO A 29 -9.25 -29.00 1.98
C PRO A 29 -8.58 -28.94 3.35
N ASP A 30 -9.28 -28.37 4.31
CA ASP A 30 -8.59 -28.27 5.64
C ASP A 30 -8.52 -29.64 6.17
N GLU A 31 -7.30 -30.23 6.24
CA GLU A 31 -7.16 -31.65 6.95
C GLU A 31 -8.04 -31.84 8.24
N SER A 32 -8.16 -30.84 9.06
CA SER A 32 -9.00 -30.91 10.22
C SER A 32 -10.41 -31.01 9.54
N ASN A 33 -11.01 -30.02 8.79
CA ASN A 33 -12.45 -29.95 8.31
C ASN A 33 -12.56 -29.99 6.67
N ALA A 34 -13.36 -30.93 6.23
CA ALA A 34 -13.23 -31.60 4.89
C ALA A 34 -14.09 -30.75 3.92
N ARG A 35 -15.08 -30.06 4.54
CA ARG A 35 -15.74 -28.88 4.01
C ARG A 35 -15.05 -27.40 3.87
N TYR A 36 -13.89 -27.13 4.41
CA TYR A 36 -13.41 -25.92 4.34
C TYR A 36 -12.22 -25.92 3.39
N PHE A 37 -12.10 -24.97 2.45
CA PHE A 37 -10.93 -25.21 1.66
C PHE A 37 -9.90 -24.07 1.74
N HIS A 38 -8.59 -24.22 1.67
CA HIS A 38 -7.71 -23.23 1.78
C HIS A 38 -7.38 -22.82 0.36
N VAL A 39 -7.81 -21.58 -0.06
CA VAL A 39 -7.51 -21.22 -1.40
C VAL A 39 -6.40 -20.26 -1.65
N VAL A 40 -5.63 -20.39 -2.70
CA VAL A 40 -4.71 -19.27 -2.95
C VAL A 40 -4.82 -18.92 -4.45
N ILE A 41 -5.20 -17.64 -4.81
CA ILE A 41 -5.38 -17.28 -6.27
C ILE A 41 -4.27 -16.41 -6.55
N ALA A 42 -3.61 -16.61 -7.63
CA ALA A 42 -2.44 -15.82 -8.04
C ALA A 42 -2.89 -14.62 -8.95
N GLY A 43 -2.16 -13.49 -8.96
CA GLY A 43 -2.87 -12.36 -9.53
C GLY A 43 -2.49 -12.41 -10.90
N PRO A 44 -3.51 -12.47 -11.83
CA PRO A 44 -3.66 -12.70 -13.29
C PRO A 44 -2.81 -11.71 -14.01
N GLN A 45 -2.04 -12.25 -14.97
CA GLN A 45 -1.08 -11.41 -15.79
C GLN A 45 -1.89 -10.50 -16.67
N ASP A 46 -1.26 -9.30 -16.91
CA ASP A 46 -2.00 -8.04 -17.26
C ASP A 46 -3.22 -7.54 -16.33
N SER A 47 -3.79 -8.25 -15.34
CA SER A 47 -4.56 -7.54 -14.40
C SER A 47 -3.58 -6.61 -13.63
N PRO A 48 -4.10 -5.66 -12.81
CA PRO A 48 -3.37 -4.80 -11.82
C PRO A 48 -2.92 -5.49 -10.56
N PHE A 49 -3.60 -6.59 -10.27
CA PHE A 49 -3.10 -7.52 -9.33
C PHE A 49 -2.01 -8.47 -9.70
N GLU A 50 -1.33 -8.29 -10.85
CA GLU A 50 -0.25 -9.17 -11.28
C GLU A 50 0.73 -9.44 -10.29
N GLY A 51 1.67 -8.68 -9.94
CA GLY A 51 2.49 -9.59 -9.15
C GLY A 51 2.01 -10.44 -7.86
N GLY A 52 0.82 -10.51 -7.38
CA GLY A 52 0.92 -11.02 -6.04
C GLY A 52 0.05 -12.29 -6.02
N THR A 53 -0.38 -12.68 -4.81
CA THR A 53 -0.98 -13.89 -4.58
C THR A 53 -1.90 -13.74 -3.41
N PHE A 54 -3.12 -14.30 -3.37
CA PHE A 54 -4.12 -13.90 -2.60
C PHE A 54 -4.86 -15.09 -1.96
N LYS A 55 -5.09 -14.96 -0.66
CA LYS A 55 -5.62 -16.08 0.08
C LYS A 55 -6.99 -16.05 0.08
N LEU A 56 -7.71 -17.11 -0.14
CA LEU A 56 -9.09 -16.86 -0.02
C LEU A 56 -9.55 -17.95 0.79
N GLU A 57 -10.84 -18.11 1.17
CA GLU A 57 -11.11 -19.36 1.75
C GLU A 57 -12.45 -19.73 1.55
N LEU A 58 -12.65 -21.01 1.15
CA LEU A 58 -13.99 -21.44 0.67
C LEU A 58 -14.73 -22.32 1.67
N PHE A 59 -16.03 -22.35 1.80
CA PHE A 59 -16.62 -23.41 2.57
C PHE A 59 -17.97 -24.18 2.13
N LEU A 60 -18.11 -25.49 2.41
CA LEU A 60 -19.33 -25.98 1.99
C LEU A 60 -20.51 -25.96 2.88
N PRO A 61 -21.40 -25.03 2.71
CA PRO A 61 -22.34 -25.26 3.72
C PRO A 61 -23.08 -26.63 3.57
N GLU A 62 -23.70 -27.09 4.59
CA GLU A 62 -24.54 -28.18 4.55
C GLU A 62 -25.34 -28.58 3.29
N GLU A 63 -26.22 -27.72 2.77
CA GLU A 63 -27.00 -28.00 1.57
C GLU A 63 -26.20 -27.90 0.30
N TYR A 64 -24.95 -27.56 0.31
CA TYR A 64 -24.30 -27.63 -1.00
C TYR A 64 -24.64 -29.08 -1.62
N PRO A 65 -25.05 -29.26 -2.95
CA PRO A 65 -24.94 -28.11 -3.70
C PRO A 65 -26.30 -27.38 -3.80
N MET A 66 -27.38 -27.59 -3.03
CA MET A 66 -28.45 -26.67 -3.17
C MET A 66 -28.25 -25.18 -2.67
N ALA A 67 -27.06 -24.75 -2.20
CA ALA A 67 -26.77 -23.54 -1.61
C ALA A 67 -25.33 -23.28 -2.06
N ALA A 68 -24.95 -22.02 -2.32
CA ALA A 68 -23.64 -21.87 -2.88
C ALA A 68 -22.53 -22.04 -1.97
N PRO A 69 -21.46 -22.34 -2.44
CA PRO A 69 -20.57 -22.22 -1.36
C PRO A 69 -20.19 -20.85 -0.90
N LYS A 70 -19.42 -20.76 0.22
CA LYS A 70 -18.97 -19.50 0.81
C LYS A 70 -17.76 -19.14 0.48
N VAL A 71 -17.64 -17.97 -0.16
CA VAL A 71 -16.14 -17.70 -0.27
C VAL A 71 -15.81 -16.33 0.33
N ARG A 72 -14.63 -16.16 0.81
CA ARG A 72 -14.06 -14.86 0.80
C ARG A 72 -12.64 -14.74 0.84
N PHE A 73 -12.21 -13.52 0.69
CA PHE A 73 -10.80 -13.17 0.50
C PHE A 73 -10.22 -12.83 1.82
N MET A 74 -8.96 -13.09 1.90
CA MET A 74 -8.48 -12.99 3.21
C MET A 74 -7.27 -12.16 3.29
N THR A 75 -6.36 -12.12 2.29
CA THR A 75 -5.74 -10.93 1.92
C THR A 75 -6.62 -9.87 1.50
N LYS A 76 -6.11 -8.70 1.52
CA LYS A 76 -6.85 -7.52 1.36
C LYS A 76 -6.61 -7.07 -0.06
N ILE A 77 -7.66 -6.71 -0.70
CA ILE A 77 -7.45 -6.32 -2.10
C ILE A 77 -8.23 -5.12 -2.44
N TYR A 78 -7.84 -4.32 -3.39
CA TYR A 78 -8.67 -3.19 -3.81
C TYR A 78 -9.42 -3.48 -5.08
N HIS A 79 -10.74 -3.57 -5.03
CA HIS A 79 -11.44 -4.00 -6.21
C HIS A 79 -12.94 -3.81 -6.05
N PRO A 80 -13.62 -3.35 -7.05
CA PRO A 80 -14.99 -3.08 -6.91
C PRO A 80 -15.80 -4.26 -6.34
N ASN A 81 -15.36 -5.51 -6.48
CA ASN A 81 -16.35 -6.42 -5.94
C ASN A 81 -15.88 -7.05 -4.72
N VAL A 82 -14.73 -6.71 -4.12
CA VAL A 82 -14.46 -7.25 -2.78
C VAL A 82 -14.51 -6.24 -1.70
N ASP A 83 -15.17 -6.39 -0.57
CA ASP A 83 -15.36 -5.30 0.32
C ASP A 83 -14.18 -5.20 1.31
N LYS A 84 -14.18 -4.50 2.47
CA LYS A 84 -12.91 -4.35 3.28
C LYS A 84 -12.88 -5.51 4.21
N LEU A 85 -14.05 -5.97 4.49
CA LEU A 85 -14.03 -7.37 5.00
C LEU A 85 -13.64 -8.71 4.12
N GLY A 86 -13.18 -8.63 2.85
CA GLY A 86 -13.00 -9.67 1.81
C GLY A 86 -14.36 -10.33 1.28
N ARG A 87 -15.57 -9.89 1.70
CA ARG A 87 -16.72 -10.41 1.09
C ARG A 87 -16.71 -10.35 -0.44
N ILE A 88 -17.18 -11.36 -1.16
CA ILE A 88 -17.10 -11.16 -2.57
C ILE A 88 -18.49 -10.87 -3.15
N CYS A 89 -18.58 -9.90 -4.06
CA CYS A 89 -19.74 -9.72 -4.80
C CYS A 89 -19.86 -10.54 -6.18
N LEU A 90 -20.63 -11.67 -6.26
CA LEU A 90 -20.77 -12.54 -7.59
C LEU A 90 -22.13 -13.04 -7.57
N ASP A 91 -22.82 -12.92 -8.69
CA ASP A 91 -24.24 -13.24 -8.92
C ASP A 91 -24.36 -14.65 -8.52
N ILE A 92 -23.47 -15.52 -9.07
CA ILE A 92 -23.44 -16.89 -8.65
C ILE A 92 -23.22 -17.14 -7.27
N LEU A 93 -22.48 -16.30 -6.49
CA LEU A 93 -22.65 -16.45 -5.10
C LEU A 93 -23.97 -15.96 -4.54
N LYS A 94 -24.74 -15.06 -5.21
CA LYS A 94 -26.11 -14.74 -4.63
C LYS A 94 -27.29 -15.63 -5.17
N ASP A 95 -27.58 -15.68 -6.48
CA ASP A 95 -28.87 -16.27 -6.84
C ASP A 95 -28.91 -16.41 -8.26
N LYS A 96 -27.85 -16.14 -8.92
CA LYS A 96 -27.60 -16.95 -9.96
C LYS A 96 -27.00 -18.16 -9.40
N TRP A 97 -27.37 -18.66 -8.22
CA TRP A 97 -26.57 -19.95 -7.93
C TRP A 97 -27.38 -21.21 -8.43
N SER A 98 -26.67 -22.05 -9.17
CA SER A 98 -27.22 -23.34 -9.53
C SER A 98 -26.42 -24.48 -9.12
N PRO A 99 -27.11 -25.48 -8.67
CA PRO A 99 -26.52 -26.79 -8.27
C PRO A 99 -25.75 -27.44 -9.28
N ALA A 100 -25.94 -27.04 -10.53
CA ALA A 100 -25.07 -27.52 -11.56
C ALA A 100 -23.83 -26.78 -11.56
N LEU A 101 -23.66 -25.73 -10.73
CA LEU A 101 -22.25 -25.18 -10.83
C LEU A 101 -21.42 -25.78 -9.80
N GLN A 102 -20.15 -25.49 -9.76
CA GLN A 102 -19.45 -26.07 -8.61
C GLN A 102 -18.11 -25.34 -8.11
N ILE A 103 -17.48 -25.94 -7.17
CA ILE A 103 -16.35 -25.34 -6.67
C ILE A 103 -15.45 -24.89 -7.77
N ARG A 104 -15.24 -25.67 -8.81
CA ARG A 104 -14.28 -25.23 -9.79
C ARG A 104 -14.74 -24.04 -10.63
N THR A 105 -16.03 -23.99 -10.80
CA THR A 105 -16.56 -23.00 -11.51
C THR A 105 -16.33 -21.73 -10.71
N VAL A 106 -16.90 -21.72 -9.48
CA VAL A 106 -16.68 -20.67 -8.47
C VAL A 106 -15.25 -20.19 -8.42
N LEU A 107 -14.30 -21.10 -8.32
CA LEU A 107 -12.94 -20.53 -8.45
C LEU A 107 -12.65 -19.88 -9.67
N LEU A 108 -13.34 -20.25 -10.77
CA LEU A 108 -12.85 -19.74 -12.06
C LEU A 108 -13.40 -18.33 -12.24
N SER A 109 -14.70 -18.11 -11.85
CA SER A 109 -15.29 -16.83 -11.92
C SER A 109 -14.46 -15.94 -11.13
N ILE A 110 -14.26 -16.30 -9.83
CA ILE A 110 -13.53 -15.39 -8.95
C ILE A 110 -12.26 -15.08 -9.66
N GLN A 111 -11.50 -15.96 -10.33
CA GLN A 111 -10.31 -15.32 -10.89
C GLN A 111 -10.64 -14.49 -12.05
N ALA A 112 -11.83 -14.50 -12.57
CA ALA A 112 -12.08 -13.82 -13.81
C ALA A 112 -12.34 -12.30 -13.48
N LEU A 113 -13.22 -12.10 -12.45
CA LEU A 113 -13.30 -10.88 -11.52
C LEU A 113 -11.95 -10.31 -11.36
N LEU A 114 -10.99 -11.03 -10.79
CA LEU A 114 -9.59 -10.41 -10.94
C LEU A 114 -9.23 -9.98 -12.35
N SER A 115 -9.89 -10.51 -13.37
CA SER A 115 -9.52 -9.91 -14.62
C SER A 115 -10.25 -8.67 -15.28
N ALA A 116 -11.45 -8.41 -14.76
CA ALA A 116 -12.58 -7.89 -15.49
C ALA A 116 -13.29 -7.41 -14.28
N PRO A 117 -12.62 -6.42 -13.70
CA PRO A 117 -13.15 -5.82 -12.48
C PRO A 117 -14.45 -5.05 -12.96
N ASN A 118 -15.54 -5.48 -12.31
CA ASN A 118 -16.89 -5.04 -12.70
C ASN A 118 -17.38 -3.82 -11.89
N PRO A 119 -16.98 -2.61 -12.39
CA PRO A 119 -17.06 -1.37 -11.68
C PRO A 119 -18.55 -1.04 -11.33
N ASP A 120 -19.54 -1.47 -12.11
CA ASP A 120 -20.86 -0.88 -11.82
C ASP A 120 -21.84 -1.93 -11.35
N ASP A 121 -21.80 -2.26 -10.03
CA ASP A 121 -22.79 -3.20 -9.30
C ASP A 121 -24.30 -2.76 -8.99
N PRO A 122 -24.50 -1.58 -8.22
CA PRO A 122 -23.32 -0.52 -8.18
C PRO A 122 -21.97 -0.74 -7.33
N ASN A 125 -20.77 1.04 -3.77
CA ASN A 125 -19.44 1.42 -3.24
C ASN A 125 -18.29 2.37 -3.90
N ASP A 126 -17.50 2.98 -3.01
CA ASP A 126 -16.46 3.97 -3.26
C ASP A 126 -15.30 3.42 -4.11
N VAL A 127 -15.18 2.08 -4.16
CA VAL A 127 -14.04 1.59 -4.90
C VAL A 127 -14.51 1.56 -6.36
N ALA A 128 -15.76 1.17 -6.47
CA ALA A 128 -16.42 1.22 -7.76
C ALA A 128 -16.44 2.66 -8.23
N GLU A 129 -16.88 3.61 -7.36
CA GLU A 129 -16.95 4.91 -7.89
C GLU A 129 -15.67 5.03 -8.67
N GLN A 130 -14.63 4.95 -7.85
CA GLN A 130 -13.38 5.57 -8.16
C GLN A 130 -12.76 4.92 -9.42
N TRP A 131 -12.98 3.62 -9.42
CA TRP A 131 -12.89 2.88 -10.69
C TRP A 131 -13.46 3.46 -12.09
N LYS A 132 -14.80 3.71 -12.18
CA LYS A 132 -15.37 4.46 -13.28
C LYS A 132 -14.81 5.97 -13.42
N THR A 133 -14.50 6.66 -12.32
CA THR A 133 -14.28 8.14 -12.35
C THR A 133 -12.91 8.29 -12.83
N ASN A 134 -12.04 7.44 -12.31
CA ASN A 134 -10.56 7.64 -12.34
C ASN A 134 -9.75 6.27 -12.41
N GLU A 135 -10.21 5.26 -13.18
CA GLU A 135 -9.28 4.33 -13.73
C GLU A 135 -7.83 4.49 -13.51
N ALA A 136 -7.09 5.36 -14.14
CA ALA A 136 -5.64 5.34 -13.81
C ALA A 136 -5.38 5.18 -12.27
N GLN A 137 -5.89 6.03 -11.39
CA GLN A 137 -5.51 5.98 -10.02
C GLN A 137 -5.99 4.68 -9.53
N ALA A 138 -7.17 4.30 -10.00
CA ALA A 138 -7.80 3.13 -9.50
C ALA A 138 -6.84 1.92 -9.74
N ILE A 139 -6.20 1.83 -10.89
CA ILE A 139 -5.26 0.79 -11.12
C ILE A 139 -4.06 0.92 -10.22
N GLU A 140 -3.31 1.96 -10.37
CA GLU A 140 -2.26 2.33 -9.45
C GLU A 140 -2.42 1.97 -7.99
N THR A 141 -3.58 2.23 -7.52
CA THR A 141 -3.80 2.00 -6.21
C THR A 141 -3.86 0.45 -5.92
N ALA A 142 -4.64 -0.35 -6.72
CA ALA A 142 -4.58 -1.78 -6.67
C ALA A 142 -3.15 -2.24 -7.00
N ARG A 143 -2.53 -1.63 -7.99
CA ARG A 143 -1.28 -2.20 -8.18
C ARG A 143 -0.56 -2.00 -6.95
N ALA A 144 -0.78 -0.93 -6.27
CA ALA A 144 0.03 -0.80 -5.09
C ALA A 144 -0.35 -1.64 -3.96
N TRP A 145 -1.57 -1.64 -3.52
CA TRP A 145 -1.95 -2.67 -2.46
C TRP A 145 -1.45 -4.10 -2.67
N THR A 146 -1.22 -4.41 -3.94
CA THR A 146 -0.93 -5.72 -4.32
C THR A 146 0.47 -5.79 -3.79
N ARG A 147 1.42 -4.90 -4.15
CA ARG A 147 2.61 -4.90 -3.34
C ARG A 147 2.50 -4.73 -1.91
N LEU A 148 1.52 -4.10 -1.37
CA LEU A 148 1.60 -3.91 0.09
C LEU A 148 1.25 -5.21 0.72
N TYR A 149 0.02 -5.71 0.55
CA TYR A 149 -0.30 -6.92 1.05
C TYR A 149 -0.36 -8.20 0.33
N ALA A 150 -0.06 -8.34 -0.89
CA ALA A 150 -0.31 -9.63 -1.38
C ALA A 150 0.90 -10.13 -1.96
N MET A 151 2.00 -9.71 -1.38
CA MET A 151 3.36 -10.05 -1.86
C MET A 151 4.15 -10.74 -0.67
N ASN A 152 4.20 -12.10 -0.74
CA ASN A 152 5.02 -12.95 0.19
C ASN A 152 4.39 -12.84 1.56
N ASN A 153 3.11 -13.22 1.57
CA ASN A 153 2.33 -14.09 2.54
C ASN A 153 2.57 -15.73 2.28
N ILE A 154 3.92 -15.95 2.13
CA ILE A 154 4.71 -17.20 1.67
C ILE A 154 4.86 -18.31 2.83
N THR B 1 -28.78 -38.22 10.61
CA THR B 1 -27.35 -37.52 10.42
C THR B 1 -26.98 -35.85 10.49
N THR B 2 -27.58 -35.13 11.48
CA THR B 2 -26.87 -34.04 12.32
C THR B 2 -25.67 -33.24 11.49
N GLY B 3 -24.66 -32.56 12.02
CA GLY B 3 -23.49 -32.44 11.07
C GLY B 3 -22.86 -31.13 10.72
N VAL B 4 -21.68 -31.15 10.18
CA VAL B 4 -21.11 -29.82 9.69
C VAL B 4 -20.79 -28.75 10.81
N LYS B 5 -19.53 -28.37 11.07
CA LYS B 5 -19.26 -27.25 11.94
C LYS B 5 -18.82 -26.15 10.97
N VAL B 6 -19.64 -25.00 10.90
CA VAL B 6 -19.22 -23.52 10.36
C VAL B 6 -17.76 -23.15 10.83
N PRO B 7 -16.89 -22.86 9.84
CA PRO B 7 -15.66 -22.28 10.46
C PRO B 7 -15.86 -20.79 11.05
N ARG B 8 -14.79 -20.29 11.58
CA ARG B 8 -14.70 -19.15 12.53
C ARG B 8 -15.13 -17.89 11.72
N ASN B 9 -14.26 -17.60 10.78
CA ASN B 9 -14.59 -16.55 9.92
C ASN B 9 -16.02 -16.55 9.35
N PHE B 10 -16.65 -17.75 8.95
CA PHE B 10 -17.84 -17.35 8.24
C PHE B 10 -18.80 -17.29 9.42
N ARG B 11 -18.49 -17.94 10.50
CA ARG B 11 -19.47 -17.74 11.63
C ARG B 11 -19.40 -16.21 12.06
N LEU B 12 -18.16 -15.61 12.03
CA LEU B 12 -18.11 -14.25 12.42
C LEU B 12 -18.87 -13.43 11.52
N LEU B 13 -18.80 -13.72 10.20
CA LEU B 13 -19.48 -12.83 9.33
C LEU B 13 -20.88 -12.93 9.70
N GLU B 14 -21.27 -14.06 10.23
CA GLU B 14 -22.66 -13.93 10.34
C GLU B 14 -22.97 -13.00 11.44
N GLU B 15 -22.10 -12.88 12.47
CA GLU B 15 -22.61 -12.26 13.73
C GLU B 15 -22.45 -10.73 13.41
N LEU B 16 -21.61 -10.58 12.43
CA LEU B 16 -21.40 -9.35 11.89
C LEU B 16 -22.73 -8.72 11.52
N GLU B 17 -23.58 -9.51 10.88
CA GLU B 17 -24.72 -8.93 10.10
C GLU B 17 -25.79 -8.90 10.94
N GLU B 18 -25.91 -9.96 11.67
CA GLU B 18 -27.05 -10.09 12.49
C GLU B 18 -26.81 -8.92 13.27
N GLY B 19 -25.52 -8.71 13.52
CA GLY B 19 -25.27 -7.72 14.50
C GLY B 19 -25.60 -6.32 14.08
N GLN B 20 -25.27 -6.00 12.88
CA GLN B 20 -25.76 -4.70 12.49
C GLN B 20 -27.24 -4.68 12.06
N LYS B 21 -27.92 -5.81 11.73
CA LYS B 21 -29.34 -5.81 11.12
C LYS B 21 -30.19 -5.53 12.35
N GLY B 22 -31.25 -6.38 12.58
CA GLY B 22 -32.01 -6.29 13.85
C GLY B 22 -31.13 -6.17 15.16
N VAL B 23 -31.60 -6.95 16.17
CA VAL B 23 -31.42 -6.77 17.63
C VAL B 23 -32.87 -6.84 18.15
N GLY B 24 -33.13 -7.33 19.36
CA GLY B 24 -34.55 -7.27 19.77
C GLY B 24 -35.03 -5.79 19.92
N ASP B 25 -35.37 -5.44 21.20
CA ASP B 25 -35.18 -4.12 21.88
C ASP B 25 -33.72 -3.65 21.56
N GLY B 26 -33.41 -2.35 21.91
CA GLY B 26 -32.07 -1.66 21.70
C GLY B 26 -31.12 -2.19 22.78
N THR B 27 -31.77 -2.96 23.64
CA THR B 27 -31.23 -3.84 24.62
C THR B 27 -29.85 -4.42 24.66
N VAL B 28 -29.25 -5.15 23.74
CA VAL B 28 -27.80 -5.28 23.78
C VAL B 28 -27.30 -5.08 22.37
N SER B 29 -26.04 -4.96 22.06
CA SER B 29 -25.76 -4.75 20.68
C SER B 29 -24.25 -5.01 20.37
N TRP B 30 -23.68 -5.36 19.19
CA TRP B 30 -22.28 -5.57 18.98
C TRP B 30 -21.91 -5.22 17.54
N GLY B 31 -20.69 -4.95 17.23
CA GLY B 31 -20.30 -4.82 15.95
C GLY B 31 -18.77 -4.82 15.95
N LEU B 32 -18.02 -4.62 14.87
CA LEU B 32 -16.62 -4.77 14.96
C LEU B 32 -15.90 -3.58 15.57
N GLU B 33 -14.72 -3.83 16.10
CA GLU B 33 -14.08 -2.56 16.64
C GLU B 33 -13.75 -1.72 15.47
N ASP B 34 -12.83 -2.22 14.63
CA ASP B 34 -12.23 -1.65 13.43
C ASP B 34 -12.99 -2.32 12.16
N ASP B 35 -13.75 -1.62 11.37
CA ASP B 35 -14.43 -2.44 10.34
C ASP B 35 -13.55 -2.55 9.09
N GLU B 36 -12.23 -2.49 9.32
CA GLU B 36 -11.29 -2.81 8.28
C GLU B 36 -10.53 -4.01 8.72
N ASP B 37 -11.07 -4.71 9.70
CA ASP B 37 -10.25 -5.68 10.36
C ASP B 37 -10.60 -7.05 9.66
N MET B 38 -9.83 -7.38 8.58
CA MET B 38 -10.16 -8.73 7.95
C MET B 38 -10.06 -9.96 8.94
N THR B 39 -9.26 -9.86 10.00
CA THR B 39 -9.02 -10.97 10.88
C THR B 39 -10.25 -11.07 11.78
N LEU B 40 -11.13 -10.08 11.72
CA LEU B 40 -12.34 -10.19 12.49
C LEU B 40 -12.29 -10.46 14.00
N THR B 41 -11.20 -10.06 14.68
CA THR B 41 -10.89 -10.46 16.10
C THR B 41 -11.56 -9.62 17.04
N ARG B 42 -11.35 -8.35 16.86
CA ARG B 42 -11.82 -7.63 17.93
C ARG B 42 -13.14 -6.93 17.91
N TRP B 43 -14.06 -7.23 18.78
CA TRP B 43 -15.38 -6.55 18.66
C TRP B 43 -15.78 -5.55 19.79
N THR B 44 -16.93 -4.87 19.74
CA THR B 44 -17.42 -4.05 20.79
C THR B 44 -18.81 -4.34 21.18
N GLY B 45 -19.28 -4.32 22.40
CA GLY B 45 -20.68 -4.57 22.45
C GLY B 45 -21.19 -3.64 23.42
N MET B 46 -22.49 -3.63 23.73
CA MET B 46 -23.01 -2.68 24.62
C MET B 46 -24.34 -3.10 25.25
N ILE B 47 -24.70 -2.76 26.46
CA ILE B 47 -25.82 -3.39 26.92
C ILE B 47 -26.65 -2.45 27.76
N LEU B 48 -27.97 -2.39 27.74
CA LEU B 48 -28.44 -1.51 28.81
C LEU B 48 -28.94 -2.11 30.09
N GLY B 49 -28.55 -1.50 31.20
CA GLY B 49 -29.26 -1.64 32.46
C GLY B 49 -30.59 -2.36 32.40
N PRO B 50 -30.84 -3.46 33.02
CA PRO B 50 -32.34 -3.69 32.98
C PRO B 50 -33.19 -3.01 33.93
N PRO B 51 -34.40 -2.82 33.63
CA PRO B 51 -35.41 -2.36 34.51
C PRO B 51 -35.48 -3.01 35.84
N ARG B 52 -35.71 -2.22 36.85
CA ARG B 52 -36.19 -2.67 38.16
C ARG B 52 -34.82 -2.93 38.80
N THR B 53 -33.69 -2.81 38.15
CA THR B 53 -32.45 -3.09 38.89
C THR B 53 -31.56 -1.84 39.07
N ILE B 54 -30.48 -1.90 39.82
CA ILE B 54 -29.72 -0.72 40.05
C ILE B 54 -29.02 -0.39 38.76
N TYR B 55 -29.19 -1.20 37.77
CA TYR B 55 -28.34 -0.96 36.65
C TYR B 55 -29.27 -0.15 35.66
N GLU B 56 -30.53 -0.13 36.05
CA GLU B 56 -31.61 0.56 35.39
C GLU B 56 -31.09 1.68 34.52
N ASN B 57 -31.25 1.42 33.24
CA ASN B 57 -30.75 2.20 32.11
C ASN B 57 -29.40 2.72 31.99
N ARG B 58 -28.32 2.32 32.63
CA ARG B 58 -27.15 2.98 32.08
C ARG B 58 -26.72 2.18 30.98
N ILE B 59 -25.77 2.59 30.22
CA ILE B 59 -25.52 1.88 29.00
C ILE B 59 -24.16 1.40 29.24
N TYR B 60 -23.80 0.12 29.13
CA TYR B 60 -22.50 -0.37 29.51
C TYR B 60 -21.82 -0.52 28.28
N SER B 61 -20.61 -0.38 28.17
CA SER B 61 -20.18 -0.81 26.86
C SER B 61 -18.87 -1.69 27.01
N LEU B 62 -18.65 -2.72 26.14
CA LEU B 62 -17.77 -3.90 26.49
C LEU B 62 -16.87 -4.06 25.42
N LYS B 63 -15.83 -4.80 25.66
CA LYS B 63 -14.97 -5.13 24.60
C LYS B 63 -14.88 -6.70 24.37
N ILE B 64 -15.09 -7.19 23.13
CA ILE B 64 -14.89 -8.56 22.96
C ILE B 64 -13.69 -9.10 22.22
N GLU B 65 -12.97 -10.11 22.69
CA GLU B 65 -11.91 -10.66 21.80
C GLU B 65 -12.18 -12.14 21.35
N CYS B 66 -12.11 -12.43 20.05
CA CYS B 66 -12.31 -13.75 19.58
C CYS B 66 -11.03 -14.34 19.04
N GLY B 67 -10.58 -15.43 19.65
CA GLY B 67 -9.35 -15.87 19.10
C GLY B 67 -9.60 -16.89 18.08
N PRO B 68 -8.54 -17.47 17.70
CA PRO B 68 -8.46 -18.49 16.66
C PRO B 68 -9.45 -19.69 16.80
N LYS B 69 -9.85 -20.17 17.99
CA LYS B 69 -10.69 -21.39 18.09
C LYS B 69 -12.12 -21.06 18.37
N TYR B 70 -12.39 -19.78 18.12
CA TYR B 70 -13.74 -19.32 18.38
C TYR B 70 -14.51 -19.98 17.28
N PRO B 71 -15.72 -20.38 17.47
CA PRO B 71 -16.43 -20.44 18.61
C PRO B 71 -16.29 -21.73 19.16
N GLU B 72 -15.23 -22.45 18.86
CA GLU B 72 -15.19 -23.63 19.77
C GLU B 72 -14.81 -23.36 21.21
N ALA B 73 -14.14 -22.24 21.45
CA ALA B 73 -13.67 -21.71 22.80
C ALA B 73 -14.39 -20.46 22.91
N PRO B 74 -14.61 -19.95 24.14
CA PRO B 74 -15.36 -18.66 24.25
C PRO B 74 -14.54 -17.51 23.94
N PRO B 75 -15.14 -16.32 23.76
CA PRO B 75 -14.33 -15.11 23.57
C PRO B 75 -13.98 -14.47 24.90
N PHE B 76 -12.91 -13.73 25.05
CA PHE B 76 -12.58 -12.86 26.16
C PHE B 76 -13.52 -11.62 26.20
N VAL B 77 -14.12 -11.30 27.33
CA VAL B 77 -14.84 -10.16 27.43
C VAL B 77 -14.38 -9.21 28.64
N ARG B 78 -14.16 -7.92 28.40
CA ARG B 78 -14.15 -6.95 29.45
C ARG B 78 -15.10 -5.74 29.35
N PHE B 79 -15.57 -5.19 30.50
CA PHE B 79 -16.28 -3.95 30.60
C PHE B 79 -15.38 -2.67 30.39
N VAL B 80 -15.73 -1.76 29.54
CA VAL B 80 -15.10 -0.50 29.52
C VAL B 80 -15.76 0.40 30.51
N THR B 81 -17.04 0.57 30.42
CA THR B 81 -17.68 1.18 31.50
C THR B 81 -17.54 0.42 32.76
N LYS B 82 -17.00 1.05 33.76
CA LYS B 82 -16.95 0.57 35.12
C LYS B 82 -18.23 -0.13 35.54
N ILE B 83 -18.28 -1.34 36.15
CA ILE B 83 -19.58 -1.86 36.68
C ILE B 83 -19.20 -2.45 37.93
N ASN B 84 -20.07 -2.49 38.96
CA ASN B 84 -19.98 -3.34 40.13
C ASN B 84 -20.81 -4.61 39.94
N MET B 85 -20.11 -5.64 39.62
CA MET B 85 -20.93 -6.84 39.38
C MET B 85 -20.17 -8.10 39.57
N ASN B 86 -20.71 -9.02 40.34
CA ASN B 86 -20.11 -10.40 40.63
C ASN B 86 -19.65 -11.14 39.36
N GLY B 87 -18.36 -11.38 39.11
CA GLY B 87 -17.90 -11.83 37.81
C GLY B 87 -17.03 -10.91 37.10
N VAL B 88 -17.03 -9.67 37.49
CA VAL B 88 -16.31 -8.70 36.79
C VAL B 88 -15.21 -8.08 37.65
N ASN B 89 -14.04 -7.76 37.17
CA ASN B 89 -13.06 -7.49 38.08
C ASN B 89 -13.26 -6.05 38.37
N SER B 90 -13.32 -5.57 39.59
CA SER B 90 -13.37 -4.08 39.82
C SER B 90 -12.10 -3.29 39.48
N SER B 91 -10.94 -3.93 39.33
CA SER B 91 -9.96 -3.08 38.88
C SER B 91 -10.22 -2.90 37.40
N ASN B 92 -9.98 -3.89 36.50
CA ASN B 92 -9.95 -3.58 35.05
C ASN B 92 -11.20 -3.95 34.30
N GLY B 93 -12.29 -4.26 34.95
CA GLY B 93 -13.45 -4.81 34.22
C GLY B 93 -13.59 -6.17 33.43
N VAL B 94 -12.74 -7.20 33.63
CA VAL B 94 -12.40 -8.21 32.78
C VAL B 94 -13.26 -9.16 33.26
N VAL B 95 -14.06 -9.76 32.40
CA VAL B 95 -14.85 -10.94 32.83
C VAL B 95 -14.20 -12.26 33.05
N ASP B 96 -14.56 -12.80 34.16
CA ASP B 96 -13.91 -13.95 34.48
C ASP B 96 -14.73 -15.12 34.04
N PRO B 97 -14.22 -15.90 33.09
CA PRO B 97 -15.15 -16.79 32.36
C PRO B 97 -15.48 -17.81 33.32
N ARG B 98 -14.55 -18.17 34.24
CA ARG B 98 -14.89 -19.19 35.32
C ARG B 98 -16.23 -18.72 35.84
N ALA B 99 -16.91 -19.38 36.72
CA ALA B 99 -17.79 -18.43 37.52
C ALA B 99 -18.40 -17.03 36.81
N ILE B 100 -19.58 -17.24 36.15
CA ILE B 100 -20.23 -16.79 34.94
C ILE B 100 -20.61 -17.86 33.78
N SER B 101 -21.79 -18.36 33.86
CA SER B 101 -21.95 -19.65 33.31
C SER B 101 -21.96 -19.87 31.85
N VAL B 102 -22.47 -18.98 31.08
CA VAL B 102 -22.40 -19.23 29.66
C VAL B 102 -21.06 -19.36 29.04
N LEU B 103 -20.07 -19.01 29.85
CA LEU B 103 -18.73 -18.78 29.43
C LEU B 103 -18.05 -19.98 30.04
N ALA B 104 -18.62 -20.36 31.11
CA ALA B 104 -17.98 -21.31 31.83
C ALA B 104 -18.39 -22.63 31.29
N LYS B 105 -19.64 -22.87 30.94
CA LYS B 105 -19.84 -23.95 30.04
C LYS B 105 -20.20 -23.44 28.63
N TRP B 106 -19.28 -22.94 27.87
CA TRP B 106 -19.57 -22.63 26.49
C TRP B 106 -19.97 -23.78 25.57
N GLN B 107 -20.92 -23.59 24.65
CA GLN B 107 -21.33 -24.35 23.41
C GLN B 107 -20.81 -23.65 22.26
N ASN B 108 -20.70 -24.30 21.15
CA ASN B 108 -19.88 -23.72 20.15
C ASN B 108 -21.10 -23.06 19.43
N SER B 109 -22.27 -23.40 20.00
CA SER B 109 -23.50 -22.83 19.41
C SER B 109 -23.81 -21.46 19.96
N TYR B 110 -23.06 -21.11 20.97
CA TYR B 110 -23.11 -19.77 21.49
C TYR B 110 -22.52 -18.63 20.65
N SER B 111 -22.79 -17.37 21.03
CA SER B 111 -22.29 -16.20 20.21
C SER B 111 -22.32 -14.96 21.13
N ILE B 112 -21.70 -13.92 20.62
CA ILE B 112 -21.60 -12.72 21.26
C ILE B 112 -22.93 -12.27 21.59
N LYS B 113 -23.88 -12.23 20.64
CA LYS B 113 -25.18 -11.86 21.04
C LYS B 113 -25.42 -12.63 22.26
N VAL B 114 -25.21 -13.95 22.31
CA VAL B 114 -25.63 -14.68 23.58
C VAL B 114 -24.90 -14.16 24.79
N VAL B 115 -23.61 -13.85 24.70
CA VAL B 115 -23.06 -13.44 25.91
C VAL B 115 -23.50 -12.21 26.49
N LEU B 116 -23.68 -11.24 25.60
CA LEU B 116 -24.30 -10.08 25.98
C LEU B 116 -25.58 -10.22 26.63
N GLN B 117 -26.44 -11.12 26.17
CA GLN B 117 -27.66 -11.15 26.89
C GLN B 117 -27.49 -11.88 28.15
N GLU B 118 -26.46 -12.70 28.19
CA GLU B 118 -26.44 -13.44 29.41
C GLU B 118 -26.02 -12.58 30.55
N LEU B 119 -25.05 -11.65 30.21
CA LEU B 119 -24.51 -10.67 31.20
C LEU B 119 -25.70 -9.90 31.64
N ARG B 120 -26.55 -9.52 30.74
CA ARG B 120 -27.62 -8.83 31.23
C ARG B 120 -28.59 -9.65 32.00
N ARG B 121 -28.89 -10.93 31.74
CA ARG B 121 -29.94 -11.67 32.57
C ARG B 121 -29.30 -11.50 33.98
N LEU B 122 -28.00 -11.64 34.09
CA LEU B 122 -27.42 -11.70 35.33
C LEU B 122 -27.51 -10.48 36.08
N MET B 123 -27.40 -9.31 35.48
CA MET B 123 -27.78 -8.02 36.12
C MET B 123 -29.14 -8.12 36.78
N MET B 124 -29.96 -9.15 36.54
CA MET B 124 -31.02 -9.39 37.48
C MET B 124 -30.79 -10.43 38.52
N SER B 125 -29.64 -11.05 38.67
CA SER B 125 -29.65 -12.06 39.65
C SER B 125 -29.99 -11.26 40.89
N LYS B 126 -30.69 -11.80 41.90
CA LYS B 126 -30.65 -11.15 43.18
C LYS B 126 -29.22 -10.82 43.75
N GLU B 127 -28.15 -11.60 43.53
CA GLU B 127 -26.79 -11.23 44.15
C GLU B 127 -26.34 -9.97 43.60
N ASN B 128 -26.90 -9.51 42.53
CA ASN B 128 -26.23 -8.31 41.87
C ASN B 128 -27.04 -7.00 41.83
N MET B 129 -28.38 -7.17 41.83
CA MET B 129 -29.42 -6.13 41.81
C MET B 129 -29.19 -4.78 42.54
N LYS B 130 -28.78 -4.81 43.81
CA LYS B 130 -28.88 -3.69 44.57
C LYS B 130 -27.43 -3.40 44.83
N LEU B 131 -26.46 -3.79 44.02
CA LEU B 131 -25.19 -3.35 44.59
C LEU B 131 -24.80 -1.96 44.16
N PRO B 132 -24.16 -1.21 45.03
CA PRO B 132 -23.72 0.10 44.70
C PRO B 132 -22.86 0.20 43.55
N GLN B 133 -23.15 0.91 42.47
CA GLN B 133 -22.17 1.19 41.41
C GLN B 133 -21.37 2.29 41.63
N PRO B 134 -20.37 2.38 40.86
CA PRO B 134 -19.51 3.51 40.65
C PRO B 134 -20.33 4.55 39.82
N PRO B 135 -19.86 5.77 39.71
CA PRO B 135 -20.74 6.86 39.13
C PRO B 135 -21.12 6.73 37.71
N GLU B 136 -22.34 6.82 37.33
CA GLU B 136 -22.55 6.69 35.89
C GLU B 136 -21.47 7.17 34.78
N GLY B 137 -20.98 6.30 33.87
CA GLY B 137 -20.19 6.65 32.72
C GLY B 137 -18.75 6.78 33.08
N GLN B 138 -18.31 6.63 34.28
CA GLN B 138 -16.86 6.33 34.29
C GLN B 138 -16.47 4.91 33.58
N CYS B 139 -15.20 4.86 33.14
CA CYS B 139 -14.50 3.75 32.53
C CYS B 139 -13.24 3.48 33.19
N TYR B 140 -12.77 2.22 33.10
CA TYR B 140 -11.73 1.61 33.91
C TYR B 140 -10.63 2.33 33.29
N SER B 141 -9.66 2.67 34.08
CA SER B 141 -8.61 3.30 33.39
C SER B 141 -7.74 2.34 32.67
N ASN B 142 -7.35 2.68 31.44
CA ASN B 142 -5.93 2.24 30.89
C ASN B 142 -5.93 3.08 29.50
N ALA C 4 2.21 28.56 35.80
CA ALA C 4 3.72 28.92 35.63
C ALA C 4 4.72 27.61 35.81
N GLY C 5 6.00 27.87 36.29
CA GLY C 5 6.94 26.79 36.74
C GLY C 5 7.30 25.69 35.67
N LEU C 6 7.86 26.11 34.54
CA LEU C 6 8.23 25.19 33.55
C LEU C 6 9.02 26.01 32.64
N PRO C 7 10.19 25.55 32.34
CA PRO C 7 11.26 26.34 31.74
C PRO C 7 10.85 27.55 30.88
N ARG C 8 11.60 28.60 31.03
CA ARG C 8 11.20 29.84 30.39
C ARG C 8 11.26 29.84 28.81
N ARG C 9 12.29 29.17 28.34
CA ARG C 9 12.37 28.74 26.89
C ARG C 9 11.05 28.04 26.33
N ILE C 10 10.60 27.03 27.01
CA ILE C 10 9.52 26.23 26.40
C ILE C 10 8.34 27.16 26.31
N ILE C 11 8.08 27.85 27.43
CA ILE C 11 7.05 28.92 27.41
C ILE C 11 7.41 29.97 26.30
N LYS C 12 8.66 30.38 26.23
CA LYS C 12 8.80 31.34 25.15
C LYS C 12 8.41 30.84 23.60
N GLU C 13 8.85 29.59 23.26
CA GLU C 13 8.70 29.07 21.86
C GLU C 13 7.21 28.90 21.57
N THR C 14 6.52 28.31 22.56
CA THR C 14 5.14 27.90 22.30
C THR C 14 4.46 29.13 21.87
N GLN C 15 5.04 30.19 22.32
CA GLN C 15 4.41 31.40 22.10
C GLN C 15 4.71 31.97 20.76
N ARG C 16 5.99 32.14 20.39
CA ARG C 16 6.21 32.41 18.98
C ARG C 16 5.39 31.56 17.97
N LEU C 17 4.92 30.34 18.40
CA LEU C 17 4.60 29.26 17.50
C LEU C 17 3.16 29.32 17.12
N LEU C 18 2.30 29.32 18.20
CA LEU C 18 0.95 29.92 18.27
C LEU C 18 0.98 31.33 17.75
N ALA C 19 1.81 32.20 18.31
CA ALA C 19 1.78 33.60 17.83
C ALA C 19 2.05 33.53 16.30
N GLU C 20 2.99 32.65 15.87
CA GLU C 20 3.41 32.65 14.42
C GLU C 20 3.89 31.29 13.71
N PRO C 21 2.86 30.61 13.15
CA PRO C 21 2.87 29.16 12.99
C PRO C 21 3.60 28.89 11.66
N VAL C 22 3.91 27.59 11.35
CA VAL C 22 4.83 27.47 10.12
C VAL C 22 3.89 27.29 8.96
N PRO C 23 4.06 28.01 7.84
CA PRO C 23 3.04 27.89 6.73
C PRO C 23 2.91 26.34 6.40
N GLY C 24 1.68 25.72 6.38
CA GLY C 24 1.55 24.32 6.21
C GLY C 24 1.79 23.43 7.41
N ILE C 25 2.21 23.90 8.56
CA ILE C 25 2.17 22.99 9.71
C ILE C 25 1.31 23.40 10.87
N LYS C 26 0.37 22.64 11.24
CA LYS C 26 -0.22 23.01 12.44
C LYS C 26 0.46 22.47 13.68
N ALA C 27 0.25 22.89 14.90
CA ALA C 27 1.28 22.53 16.02
C ALA C 27 0.88 23.07 17.39
N GLU C 28 0.61 22.28 18.40
CA GLU C 28 -0.08 22.85 19.61
C GLU C 28 0.13 22.17 20.89
N PRO C 29 0.45 22.98 21.88
CA PRO C 29 0.91 22.33 23.07
C PRO C 29 -0.33 21.63 23.64
N ASP C 30 -0.09 20.40 24.12
CA ASP C 30 -1.17 19.67 24.69
C ASP C 30 -1.83 20.29 25.97
N GLU C 31 -3.12 20.65 25.87
CA GLU C 31 -3.85 21.49 26.90
C GLU C 31 -3.62 20.97 28.29
N SER C 32 -3.30 19.68 28.44
CA SER C 32 -2.93 19.27 29.76
C SER C 32 -1.46 18.99 29.91
N ASN C 33 -0.63 19.00 28.85
CA ASN C 33 0.79 18.70 28.99
C ASN C 33 1.64 19.54 28.00
N ALA C 34 2.21 20.57 28.61
CA ALA C 34 2.98 21.59 27.80
C ALA C 34 4.18 21.01 27.12
N ARG C 35 4.66 19.78 27.52
CA ARG C 35 5.88 19.29 26.86
C ARG C 35 5.60 18.47 25.62
N TYR C 36 4.30 18.20 25.31
CA TYR C 36 3.80 17.29 24.24
C TYR C 36 3.05 18.13 23.23
N PHE C 37 3.44 18.15 22.00
CA PHE C 37 2.61 18.92 21.15
C PHE C 37 1.84 18.15 20.10
N HIS C 38 0.51 18.31 19.81
CA HIS C 38 0.00 17.78 18.56
C HIS C 38 0.49 18.44 17.23
N VAL C 39 1.25 17.82 16.33
CA VAL C 39 1.56 18.47 15.01
C VAL C 39 0.75 17.99 13.75
N VAL C 40 0.55 18.69 12.65
CA VAL C 40 0.08 18.02 11.49
C VAL C 40 0.88 18.54 10.42
N ILE C 41 1.43 17.82 9.48
CA ILE C 41 2.01 18.57 8.41
C ILE C 41 1.27 18.37 7.14
N ALA C 42 1.26 19.36 6.35
CA ALA C 42 0.53 19.29 5.19
C ALA C 42 1.46 18.60 4.24
N GLY C 43 0.92 17.64 3.53
CA GLY C 43 1.74 17.12 2.47
C GLY C 43 2.28 18.08 1.47
N PRO C 44 3.48 18.49 1.46
CA PRO C 44 3.95 19.47 0.38
C PRO C 44 3.65 19.33 -1.14
N GLN C 45 3.70 20.43 -1.78
CA GLN C 45 3.15 20.47 -3.07
C GLN C 45 4.19 19.87 -3.92
N ASP C 46 3.76 19.08 -4.87
CA ASP C 46 4.73 18.46 -5.74
C ASP C 46 5.35 17.28 -5.07
N SER C 47 5.35 17.18 -3.74
CA SER C 47 5.89 16.01 -3.11
C SER C 47 4.93 14.99 -3.56
N PRO C 48 5.26 13.71 -3.50
CA PRO C 48 4.32 12.52 -3.66
C PRO C 48 3.32 12.52 -2.59
N PHE C 49 3.62 13.43 -1.62
CA PHE C 49 2.62 13.64 -0.55
C PHE C 49 1.55 14.68 -0.76
N GLU C 50 1.61 15.41 -1.90
CA GLU C 50 0.50 16.32 -2.24
C GLU C 50 -0.84 16.33 -1.40
N GLY C 51 -1.77 15.43 -1.50
CA GLY C 51 -2.97 15.87 -0.97
C GLY C 51 -3.14 15.64 0.44
N GLY C 52 -2.14 15.29 1.15
CA GLY C 52 -2.59 14.78 2.42
C GLY C 52 -2.13 15.44 3.66
N THR C 53 -2.43 14.80 4.78
CA THR C 53 -2.23 15.42 6.05
C THR C 53 -1.90 14.33 7.02
N PHE C 54 -0.75 14.58 7.66
CA PHE C 54 0.07 13.65 8.37
C PHE C 54 0.15 13.98 9.84
N LYS C 55 -0.47 13.31 10.78
CA LYS C 55 -0.22 13.65 12.25
C LYS C 55 1.20 13.33 12.71
N LEU C 56 1.86 14.19 13.52
CA LEU C 56 3.19 13.77 14.19
C LEU C 56 2.97 14.02 15.61
N GLU C 57 3.80 13.63 16.58
CA GLU C 57 3.51 14.13 17.88
C GLU C 57 4.91 14.30 18.23
N LEU C 58 5.17 15.35 19.09
CA LEU C 58 6.60 15.95 19.36
C LEU C 58 6.64 16.10 20.83
N PHE C 59 7.71 15.70 21.50
CA PHE C 59 7.79 15.90 22.92
C PHE C 59 9.17 16.41 23.21
N LEU C 60 9.26 17.08 24.38
CA LEU C 60 10.54 17.69 24.91
C LEU C 60 10.95 17.11 26.26
N PRO C 61 11.98 16.34 26.22
CA PRO C 61 12.45 15.63 27.34
C PRO C 61 12.72 16.65 28.43
N GLU C 62 12.76 16.31 29.72
CA GLU C 62 13.72 16.98 30.69
C GLU C 62 14.71 17.91 30.12
N GLU C 63 15.64 17.35 29.31
CA GLU C 63 16.96 17.93 29.31
C GLU C 63 16.93 18.90 28.13
N TYR C 64 15.71 19.01 27.61
CA TYR C 64 15.52 19.98 26.48
C TYR C 64 15.97 21.22 27.16
N PRO C 65 16.75 21.98 26.44
CA PRO C 65 17.43 21.71 25.15
C PRO C 65 18.76 21.08 25.07
N MET C 66 19.21 20.39 26.09
CA MET C 66 20.46 19.63 25.80
C MET C 66 20.20 18.27 24.94
N ALA C 67 19.17 17.54 25.39
CA ALA C 67 18.43 16.66 24.51
C ALA C 67 17.97 17.39 23.35
N ALA C 68 17.97 16.80 22.13
CA ALA C 68 16.84 17.11 21.05
C ALA C 68 15.44 16.78 21.53
N PRO C 69 14.46 17.33 20.88
CA PRO C 69 13.11 16.90 21.03
C PRO C 69 12.96 15.46 20.45
N LYS C 70 11.99 14.81 21.06
CA LYS C 70 11.47 13.50 20.53
C LYS C 70 10.48 13.59 19.46
N VAL C 71 10.90 13.09 18.29
CA VAL C 71 9.93 13.20 17.25
C VAL C 71 9.32 11.99 16.46
N ARG C 72 8.03 12.02 16.25
CA ARG C 72 7.57 10.76 15.55
C ARG C 72 6.45 10.78 14.61
N PHE C 73 6.47 10.32 13.38
CA PHE C 73 5.13 10.37 12.66
C PHE C 73 4.12 9.45 13.23
N MET C 74 2.90 9.85 13.07
CA MET C 74 1.83 8.97 13.66
C MET C 74 0.79 8.38 12.59
N THR C 75 0.86 8.86 11.39
CA THR C 75 0.28 8.37 10.28
C THR C 75 1.31 7.50 9.42
N LYS C 76 0.79 6.45 8.67
CA LYS C 76 1.77 5.56 8.00
C LYS C 76 2.17 6.48 6.84
N ILE C 77 3.43 6.74 6.68
CA ILE C 77 3.86 7.51 5.56
C ILE C 77 4.86 6.65 4.90
N TYR C 78 5.15 6.90 3.61
CA TYR C 78 6.05 6.06 2.93
C TYR C 78 7.14 6.79 2.24
N HIS C 79 8.31 6.67 2.81
CA HIS C 79 9.38 7.64 2.73
C HIS C 79 10.68 6.91 3.27
N PRO C 80 11.76 7.13 2.59
CA PRO C 80 12.90 6.48 3.04
C PRO C 80 13.46 6.89 4.31
N ASN C 81 12.98 7.88 5.04
CA ASN C 81 13.64 8.31 6.29
C ASN C 81 12.67 8.16 7.48
N VAL C 82 11.54 7.45 7.16
CA VAL C 82 10.51 7.05 8.16
C VAL C 82 10.38 5.53 8.03
N ASP C 83 9.81 4.91 9.05
CA ASP C 83 9.93 3.59 9.25
C ASP C 83 8.52 3.12 9.78
N LYS C 84 8.37 1.76 10.00
CA LYS C 84 7.10 1.17 10.12
C LYS C 84 6.62 1.71 11.49
N LEU C 85 7.48 2.13 12.35
CA LEU C 85 6.82 2.81 13.45
C LEU C 85 6.67 4.24 13.59
N GLY C 86 7.02 5.00 12.58
CA GLY C 86 6.81 6.42 12.44
C GLY C 86 8.07 7.20 12.91
N ARG C 87 9.32 6.80 12.53
CA ARG C 87 10.50 7.28 13.25
C ARG C 87 11.24 7.88 12.25
N ILE C 88 11.82 9.02 12.66
CA ILE C 88 12.25 9.85 11.59
C ILE C 88 13.69 9.60 11.69
N CYS C 89 14.42 9.38 10.65
CA CYS C 89 15.65 9.73 11.00
C CYS C 89 16.23 11.04 10.28
N LEU C 90 17.05 11.82 11.01
CA LEU C 90 17.49 13.22 10.60
C LEU C 90 18.62 13.55 11.40
N ASP C 91 19.69 13.91 10.72
CA ASP C 91 20.74 14.59 11.45
C ASP C 91 20.45 15.20 12.91
N ILE C 92 19.71 16.28 12.84
CA ILE C 92 19.49 17.07 13.98
C ILE C 92 18.61 16.33 15.04
N LEU C 93 17.99 15.19 14.64
CA LEU C 93 17.31 14.44 15.68
C LEU C 93 18.19 13.56 16.41
N LYS C 94 19.46 13.36 16.02
CA LYS C 94 20.36 12.94 17.08
C LYS C 94 21.83 13.24 16.79
N ASP C 95 22.41 12.49 15.86
CA ASP C 95 23.74 12.85 15.47
C ASP C 95 24.07 14.52 15.55
N LYS C 96 23.35 15.33 14.80
CA LYS C 96 23.62 16.75 14.87
C LYS C 96 22.65 17.69 15.75
N TRP C 97 22.06 17.25 16.88
CA TRP C 97 21.40 18.26 17.63
C TRP C 97 22.50 19.24 18.07
N SER C 98 21.92 20.46 18.28
CA SER C 98 22.43 21.57 19.12
C SER C 98 21.38 22.32 19.98
N PRO C 99 21.74 22.86 21.18
CA PRO C 99 20.63 23.51 22.00
C PRO C 99 20.37 25.02 21.49
N ALA C 100 21.22 25.41 20.57
CA ALA C 100 20.84 26.48 19.72
C ALA C 100 19.74 26.08 18.88
N LEU C 101 19.49 24.80 18.46
CA LEU C 101 18.35 24.79 17.42
C LEU C 101 17.01 24.75 18.17
N GLN C 102 15.83 24.84 17.55
CA GLN C 102 14.61 24.63 18.39
C GLN C 102 13.37 23.98 17.56
N ILE C 103 12.22 23.90 18.24
CA ILE C 103 11.15 23.27 17.78
C ILE C 103 10.91 23.59 16.41
N ARG C 104 10.84 24.87 16.18
CA ARG C 104 10.62 25.36 14.79
C ARG C 104 11.61 24.83 13.83
N THR C 105 12.83 24.68 14.29
CA THR C 105 13.86 24.30 13.33
C THR C 105 13.54 22.89 12.89
N VAL C 106 13.26 22.11 13.95
CA VAL C 106 12.81 20.77 13.86
C VAL C 106 11.66 20.73 12.92
N LEU C 107 10.57 21.30 13.30
CA LEU C 107 9.43 21.29 12.31
C LEU C 107 9.85 21.54 10.87
N LEU C 108 10.58 22.59 10.61
CA LEU C 108 10.83 22.80 9.15
C LEU C 108 11.51 21.64 8.49
N SER C 109 12.47 21.06 9.21
CA SER C 109 13.34 20.01 8.75
C SER C 109 12.60 18.81 8.27
N ILE C 110 11.65 18.35 9.11
CA ILE C 110 10.77 17.32 8.71
C ILE C 110 9.99 17.60 7.45
N GLN C 111 9.54 18.82 7.28
CA GLN C 111 8.87 19.25 6.12
C GLN C 111 9.74 19.27 4.99
N ALA C 112 10.98 19.32 5.23
CA ALA C 112 11.88 19.57 4.12
C ALA C 112 12.10 18.31 3.45
N LEU C 113 12.45 17.30 4.30
CA LEU C 113 12.39 15.82 4.05
C LEU C 113 11.21 15.30 3.24
N LEU C 114 10.00 15.61 3.73
CA LEU C 114 8.89 15.39 2.93
C LEU C 114 9.23 15.82 1.50
N SER C 115 9.89 16.90 1.14
CA SER C 115 9.81 17.18 -0.30
C SER C 115 11.10 16.86 -1.09
N ALA C 116 12.10 16.38 -0.35
CA ALA C 116 13.45 15.91 -0.88
C ALA C 116 13.78 14.58 -0.09
N PRO C 117 12.94 13.52 -0.33
CA PRO C 117 13.11 12.27 0.47
C PRO C 117 14.61 12.00 0.31
N ASN C 118 15.26 11.47 1.37
CA ASN C 118 16.71 11.02 1.20
C ASN C 118 17.16 9.50 1.32
N PRO C 119 17.17 8.74 0.11
CA PRO C 119 17.52 7.23 0.06
C PRO C 119 19.04 7.01 0.62
N ASP C 120 19.64 5.78 0.59
CA ASP C 120 20.97 5.50 1.31
C ASP C 120 21.20 6.49 2.52
N ASP C 121 20.59 6.24 3.69
CA ASP C 121 20.79 7.27 4.73
C ASP C 121 20.82 6.65 6.14
N PRO C 122 20.01 5.54 6.45
CA PRO C 122 19.29 4.41 5.73
C PRO C 122 17.84 4.67 5.18
N ASN C 125 17.74 0.87 4.92
CA ASN C 125 16.47 -0.08 4.69
C ASN C 125 15.70 -0.22 3.27
N ASP C 126 14.70 -1.15 3.23
CA ASP C 126 13.65 -1.27 2.15
C ASP C 126 13.45 -0.07 1.16
N VAL C 127 13.02 1.01 1.82
CA VAL C 127 12.13 1.83 1.24
C VAL C 127 13.02 2.76 0.62
N ALA C 128 14.18 3.05 1.24
CA ALA C 128 15.28 3.71 0.44
C ALA C 128 15.64 2.83 -0.68
N GLU C 129 15.52 1.55 -0.47
CA GLU C 129 16.22 0.77 -1.41
C GLU C 129 15.53 1.07 -2.70
N GLN C 130 14.20 0.87 -2.78
CA GLN C 130 13.44 0.95 -4.07
C GLN C 130 13.37 2.34 -4.66
N TRP C 131 13.29 3.24 -3.70
CA TRP C 131 13.34 4.59 -4.06
C TRP C 131 14.48 4.81 -5.07
N LYS C 132 15.56 4.08 -4.88
CA LYS C 132 16.77 4.33 -5.61
C LYS C 132 16.78 3.26 -6.71
N THR C 133 15.92 2.23 -6.67
CA THR C 133 15.82 1.48 -7.98
C THR C 133 14.56 1.62 -8.92
N ASN C 134 13.55 2.21 -8.30
CA ASN C 134 12.37 2.45 -9.01
C ASN C 134 11.83 3.73 -8.47
N GLU C 135 12.62 4.82 -8.73
CA GLU C 135 12.13 6.19 -8.89
C GLU C 135 10.61 6.08 -9.05
N ALA C 136 10.18 5.73 -10.26
CA ALA C 136 8.82 5.77 -10.65
C ALA C 136 7.86 5.00 -9.67
N GLN C 137 8.13 3.72 -9.44
CA GLN C 137 7.23 2.93 -8.75
C GLN C 137 7.23 3.30 -7.33
N ALA C 138 8.30 3.85 -6.89
CA ALA C 138 8.25 4.27 -5.55
C ALA C 138 7.41 5.54 -5.29
N ILE C 139 7.34 6.40 -6.26
CA ILE C 139 6.64 7.55 -5.92
C ILE C 139 5.19 7.28 -5.88
N GLU C 140 4.72 6.61 -6.92
CA GLU C 140 3.37 6.01 -7.02
C GLU C 140 2.99 5.17 -5.79
N THR C 141 3.94 4.49 -5.20
CA THR C 141 3.59 3.96 -3.99
C THR C 141 3.25 4.98 -3.06
N ALA C 142 4.18 5.95 -2.89
CA ALA C 142 3.97 7.06 -1.94
C ALA C 142 2.63 7.81 -2.21
N ARG C 143 2.20 8.00 -3.45
CA ARG C 143 0.85 8.49 -3.52
C ARG C 143 -0.26 7.60 -3.12
N ALA C 144 -0.15 6.33 -3.48
CA ALA C 144 -1.07 5.36 -2.91
C ALA C 144 -1.11 5.39 -1.39
N TRP C 145 0.00 5.52 -0.64
CA TRP C 145 -0.27 5.49 0.83
C TRP C 145 -0.81 6.76 1.38
N THR C 146 -0.40 7.88 0.71
CA THR C 146 -1.02 9.11 1.03
C THR C 146 -2.48 8.94 0.96
N ARG C 147 -3.11 8.65 -0.20
CA ARG C 147 -4.55 8.47 -0.15
C ARG C 147 -4.98 7.40 0.85
N LEU C 148 -4.26 6.28 1.01
CA LEU C 148 -4.79 5.37 1.87
C LEU C 148 -4.82 5.89 3.31
N TYR C 149 -3.78 6.55 3.78
CA TYR C 149 -3.73 6.74 5.22
C TYR C 149 -3.65 8.23 5.81
N ALA C 150 -3.74 9.30 4.98
CA ALA C 150 -3.59 10.72 5.38
C ALA C 150 -4.64 11.73 4.76
N MET C 151 -5.70 11.17 4.24
CA MET C 151 -6.69 11.90 3.60
C MET C 151 -7.83 11.64 4.55
N ASN C 152 -8.77 12.54 4.74
CA ASN C 152 -9.92 12.13 5.61
C ASN C 152 -9.43 11.47 6.85
N ASN C 153 -8.32 11.89 7.47
CA ASN C 153 -8.16 11.87 8.97
C ASN C 153 -8.43 13.33 9.68
N ILE C 154 -9.49 13.19 10.50
CA ILE C 154 -9.76 13.77 11.86
C ILE C 154 -8.55 13.19 12.90
N VAL D 4 8.09 15.45 35.16
CA VAL D 4 7.57 15.42 33.76
C VAL D 4 6.87 14.10 33.23
N LYS D 5 5.56 14.08 32.88
CA LYS D 5 4.97 12.82 32.23
C LYS D 5 5.66 12.49 30.83
N VAL D 6 6.56 11.42 30.65
CA VAL D 6 7.01 10.91 29.22
C VAL D 6 5.76 10.36 28.53
N PRO D 7 5.52 10.88 27.33
CA PRO D 7 4.09 10.45 27.02
C PRO D 7 4.02 8.93 26.45
N ARG D 8 2.85 8.21 26.46
CA ARG D 8 2.68 6.73 25.97
C ARG D 8 3.57 6.24 24.78
N ASN D 9 3.35 6.86 23.63
CA ASN D 9 4.08 6.31 22.55
C ASN D 9 5.56 6.40 22.70
N PHE D 10 6.15 7.33 23.50
CA PHE D 10 7.66 7.44 23.41
C PHE D 10 8.14 6.47 24.49
N ARG D 11 7.43 6.34 25.60
CA ARG D 11 7.72 5.12 26.38
C ARG D 11 7.76 3.76 25.68
N LEU D 12 6.80 3.51 24.73
CA LEU D 12 6.80 2.13 24.22
C LEU D 12 7.97 2.04 23.30
N LEU D 13 8.18 3.09 22.56
CA LEU D 13 9.40 2.95 21.73
C LEU D 13 10.63 2.76 22.61
N GLU D 14 10.70 3.24 23.87
CA GLU D 14 11.97 2.88 24.53
C GLU D 14 11.94 1.38 24.98
N GLU D 15 10.74 0.96 25.39
CA GLU D 15 10.43 -0.48 25.81
C GLU D 15 10.84 -1.41 24.63
N LEU D 16 10.57 -0.89 23.46
CA LEU D 16 10.80 -1.65 22.37
C LEU D 16 12.21 -1.70 22.15
N GLU D 17 12.84 -0.54 22.08
CA GLU D 17 14.38 -0.56 21.94
C GLU D 17 15.05 -1.44 23.10
N GLU D 18 14.54 -1.29 24.32
CA GLU D 18 15.21 -2.06 25.33
C GLU D 18 14.91 -3.73 24.93
N GLY D 19 13.62 -4.02 24.53
CA GLY D 19 13.29 -5.35 24.26
C GLY D 19 14.32 -5.78 23.24
N GLN D 20 14.63 -5.03 22.20
CA GLN D 20 15.57 -5.69 21.35
C GLN D 20 16.90 -6.13 21.89
N LYS D 21 17.67 -5.27 22.65
CA LYS D 21 18.86 -5.76 23.50
C LYS D 21 18.47 -6.86 24.64
N GLY D 22 17.58 -6.64 25.67
CA GLY D 22 17.02 -7.49 26.79
C GLY D 22 17.87 -7.31 28.04
N VAL D 23 17.44 -7.12 29.36
CA VAL D 23 18.58 -6.99 30.53
C VAL D 23 19.33 -8.34 30.68
N GLY D 24 20.68 -8.38 31.02
CA GLY D 24 21.74 -9.51 30.82
C GLY D 24 21.46 -10.94 30.17
N ASP D 25 22.02 -12.09 30.70
CA ASP D 25 21.27 -13.49 30.65
C ASP D 25 19.84 -13.42 29.93
N GLY D 26 19.06 -14.52 29.86
CA GLY D 26 17.96 -14.29 28.93
C GLY D 26 16.59 -14.45 29.40
N THR D 27 16.29 -14.05 30.63
CA THR D 27 15.38 -14.75 31.52
C THR D 27 13.98 -14.25 31.32
N VAL D 28 13.81 -12.96 31.07
CA VAL D 28 12.43 -12.56 30.67
C VAL D 28 12.71 -11.85 29.35
N SER D 29 11.73 -11.51 28.50
CA SER D 29 11.85 -11.07 27.03
C SER D 29 10.52 -10.26 26.58
N TRP D 30 10.49 -9.41 25.54
CA TRP D 30 9.24 -8.80 25.20
C TRP D 30 9.25 -8.05 23.80
N GLY D 31 8.12 -7.72 23.21
CA GLY D 31 8.37 -7.17 22.01
C GLY D 31 7.07 -7.13 21.43
N LEU D 32 7.22 -6.82 20.18
CA LEU D 32 6.04 -6.32 19.63
C LEU D 32 5.32 -7.51 19.02
N GLU D 33 4.04 -7.75 19.30
CA GLU D 33 3.25 -8.83 18.57
C GLU D 33 3.34 -8.47 17.26
N ASP D 34 3.03 -7.22 17.03
CA ASP D 34 3.17 -6.90 15.60
C ASP D 34 4.11 -5.79 15.12
N ASP D 35 5.15 -6.16 14.43
CA ASP D 35 6.21 -5.16 14.17
C ASP D 35 5.89 -3.88 13.23
N GLU D 36 4.64 -3.52 13.05
CA GLU D 36 4.41 -2.47 12.09
C GLU D 36 3.15 -1.95 12.52
N ASP D 37 2.59 -2.56 13.60
CA ASP D 37 1.68 -1.85 14.58
C ASP D 37 2.20 -0.42 15.00
N MET D 38 1.74 0.60 14.23
CA MET D 38 1.94 2.04 14.62
C MET D 38 1.33 2.38 16.01
N THR D 39 0.26 1.72 16.45
CA THR D 39 -0.24 2.08 17.77
C THR D 39 0.59 1.59 18.98
N LEU D 40 1.57 0.77 18.65
CA LEU D 40 2.16 -0.07 19.63
C LEU D 40 1.21 -0.51 20.79
N THR D 41 0.19 -1.29 20.48
CA THR D 41 -0.57 -1.69 21.57
C THR D 41 -0.30 -3.07 22.19
N ARG D 42 0.23 -3.92 21.33
CA ARG D 42 0.13 -5.31 21.73
C ARG D 42 1.34 -5.96 21.76
N TRP D 43 1.57 -6.61 22.91
CA TRP D 43 2.91 -7.06 23.07
C TRP D 43 2.93 -8.52 23.50
N THR D 44 4.05 -9.19 23.15
CA THR D 44 4.32 -10.56 23.61
C THR D 44 5.39 -10.52 24.61
N GLY D 45 5.21 -11.29 25.70
CA GLY D 45 6.34 -11.54 26.56
C GLY D 45 6.69 -12.98 26.61
N MET D 46 7.83 -13.25 27.28
CA MET D 46 8.37 -14.60 27.33
C MET D 46 8.94 -14.70 28.74
N ILE D 47 8.90 -15.86 29.44
CA ILE D 47 9.39 -15.92 30.81
C ILE D 47 10.00 -17.27 31.09
N LEU D 48 11.31 -17.38 31.36
CA LEU D 48 11.87 -18.73 31.69
C LEU D 48 11.47 -19.43 33.00
N GLY D 49 10.95 -20.63 33.01
CA GLY D 49 10.90 -21.26 34.34
C GLY D 49 12.12 -20.93 35.25
N PRO D 50 11.88 -20.36 36.48
CA PRO D 50 13.07 -20.18 37.35
C PRO D 50 13.57 -21.54 37.98
N PRO D 51 14.88 -21.65 38.22
CA PRO D 51 15.38 -22.86 38.74
C PRO D 51 15.01 -23.03 40.22
N ARG D 52 14.81 -24.27 40.72
CA ARG D 52 14.41 -24.68 42.10
C ARG D 52 12.91 -24.78 42.03
N THR D 53 12.19 -24.08 41.17
CA THR D 53 10.72 -24.21 41.13
C THR D 53 10.11 -25.37 40.39
N ILE D 54 8.85 -25.59 40.60
CA ILE D 54 8.16 -26.55 39.82
C ILE D 54 8.22 -26.14 38.35
N TYR D 55 8.44 -24.87 38.08
CA TYR D 55 8.34 -24.22 36.75
C TYR D 55 9.65 -24.23 36.06
N GLU D 56 10.56 -25.09 36.54
CA GLU D 56 11.96 -24.72 36.27
C GLU D 56 12.23 -24.95 34.86
N ASN D 57 12.81 -23.99 34.20
CA ASN D 57 13.12 -24.06 32.75
C ASN D 57 11.89 -24.34 31.86
N ARG D 58 10.91 -23.44 31.79
CA ARG D 58 9.71 -23.94 31.07
C ARG D 58 9.43 -22.74 30.25
N ILE D 59 9.15 -22.83 28.92
CA ILE D 59 9.12 -21.49 28.31
C ILE D 59 7.81 -21.02 28.49
N TYR D 60 7.65 -19.86 29.13
CA TYR D 60 6.20 -19.45 29.12
C TYR D 60 6.06 -18.27 28.23
N SER D 61 4.89 -18.12 27.57
CA SER D 61 4.55 -16.93 26.72
C SER D 61 3.44 -16.14 27.09
N LEU D 62 3.53 -14.82 26.82
CA LEU D 62 2.43 -13.97 27.44
C LEU D 62 1.82 -13.08 26.45
N LYS D 63 0.61 -12.74 26.64
CA LYS D 63 0.25 -11.66 25.73
C LYS D 63 0.04 -10.35 26.50
N ILE D 64 0.61 -9.30 26.12
CA ILE D 64 0.32 -8.15 26.94
C ILE D 64 -0.25 -7.01 26.17
N GLU D 65 -1.16 -6.33 26.81
CA GLU D 65 -1.61 -5.10 26.15
C GLU D 65 -1.62 -3.76 26.87
N CYS D 66 -1.10 -2.77 26.14
CA CYS D 66 -1.13 -1.41 26.65
C CYS D 66 -2.22 -0.43 26.23
N GLY D 67 -3.05 -0.01 27.18
CA GLY D 67 -4.04 0.96 26.90
C GLY D 67 -3.65 2.42 26.44
N PRO D 68 -4.69 3.20 26.19
CA PRO D 68 -4.28 4.49 25.86
C PRO D 68 -3.61 5.35 27.02
N LYS D 69 -3.95 5.24 28.29
CA LYS D 69 -3.07 5.68 29.30
C LYS D 69 -1.82 4.87 29.72
N TYR D 70 -1.13 4.06 28.97
CA TYR D 70 0.06 3.47 29.76
C TYR D 70 1.07 4.56 29.54
N PRO D 71 2.02 4.80 30.48
CA PRO D 71 2.20 4.09 31.74
C PRO D 71 1.49 4.56 32.89
N GLU D 72 0.64 5.56 32.69
CA GLU D 72 -0.14 5.94 33.80
C GLU D 72 -0.87 4.85 34.33
N ALA D 73 -1.59 4.07 33.50
CA ALA D 73 -2.22 2.75 33.96
C ALA D 73 -1.38 1.56 33.61
N PRO D 74 -1.59 0.51 34.29
CA PRO D 74 -1.12 -0.96 34.07
C PRO D 74 -1.47 -1.70 32.71
N PRO D 75 -0.62 -2.59 32.21
CA PRO D 75 -1.14 -3.22 31.07
C PRO D 75 -1.91 -4.48 31.46
N PHE D 76 -2.56 -5.02 30.44
CA PHE D 76 -3.36 -6.19 30.56
C PHE D 76 -2.41 -7.21 30.17
N VAL D 77 -2.45 -8.20 31.02
CA VAL D 77 -1.52 -9.44 30.87
C VAL D 77 -2.11 -10.78 30.90
N ARG D 78 -1.89 -11.50 29.82
CA ARG D 78 -2.21 -12.92 29.88
C ARG D 78 -1.18 -13.86 29.44
N PHE D 79 -1.31 -15.04 30.11
CA PHE D 79 -0.48 -16.33 29.84
C PHE D 79 -1.13 -17.08 28.86
N VAL D 80 -0.45 -17.36 27.81
CA VAL D 80 -0.90 -18.04 26.69
C VAL D 80 -0.60 -19.51 27.00
N THR D 81 0.70 -19.79 27.28
CA THR D 81 1.15 -20.98 27.82
C THR D 81 0.52 -21.32 29.13
N LYS D 82 0.29 -22.58 29.43
CA LYS D 82 -0.70 -22.91 30.56
C LYS D 82 -0.01 -22.84 31.86
N ILE D 83 -0.60 -22.54 33.00
CA ILE D 83 0.27 -22.42 34.22
C ILE D 83 -0.55 -22.36 35.38
N ASN D 84 -0.16 -22.98 36.50
CA ASN D 84 -1.00 -22.96 37.68
C ASN D 84 -0.23 -22.02 38.57
N MET D 85 -0.66 -20.73 38.64
CA MET D 85 -0.04 -19.68 39.54
C MET D 85 -1.08 -19.06 40.37
N ASN D 86 -0.81 -18.50 41.53
CA ASN D 86 -1.93 -17.65 42.02
C ASN D 86 -2.19 -16.43 41.09
N GLY D 87 -3.44 -16.05 40.70
CA GLY D 87 -3.76 -14.75 40.09
C GLY D 87 -3.65 -14.97 38.64
N VAL D 88 -3.57 -16.25 38.32
CA VAL D 88 -3.75 -16.68 37.01
C VAL D 88 -5.04 -17.40 36.66
N ASN D 89 -5.88 -16.72 35.89
CA ASN D 89 -7.17 -17.32 35.55
C ASN D 89 -6.88 -18.69 35.04
N SER D 90 -7.36 -19.62 35.84
CA SER D 90 -7.09 -21.01 35.62
C SER D 90 -7.82 -21.58 34.42
N SER D 91 -8.89 -20.97 33.92
CA SER D 91 -9.09 -21.21 32.47
C SER D 91 -8.67 -20.35 31.30
N ASN D 92 -8.33 -19.03 31.29
CA ASN D 92 -7.79 -18.32 30.00
C ASN D 92 -6.43 -17.85 30.11
N GLY D 93 -5.97 -17.96 31.32
CA GLY D 93 -4.59 -17.59 31.57
C GLY D 93 -4.47 -16.08 31.80
N VAL D 94 -5.62 -15.44 32.21
CA VAL D 94 -5.56 -13.99 32.49
C VAL D 94 -4.95 -13.76 33.84
N VAL D 95 -4.06 -12.79 33.92
CA VAL D 95 -3.50 -12.37 35.25
C VAL D 95 -4.40 -11.38 35.97
N ASP D 96 -4.84 -11.70 37.14
CA ASP D 96 -5.67 -10.74 37.72
C ASP D 96 -4.90 -9.66 38.40
N PRO D 97 -5.09 -8.37 38.06
CA PRO D 97 -4.16 -7.56 38.87
C PRO D 97 -4.60 -7.29 40.38
N ARG D 98 -5.67 -7.80 40.93
CA ARG D 98 -5.93 -7.38 42.29
C ARG D 98 -4.80 -8.04 43.02
N ALA D 99 -4.26 -9.07 42.41
CA ALA D 99 -3.59 -10.01 43.29
C ALA D 99 -2.20 -9.93 43.14
N ILE D 100 -1.68 -9.04 42.32
CA ILE D 100 -0.32 -9.04 42.21
C ILE D 100 0.45 -7.76 42.43
N SER D 101 0.95 -7.58 43.62
CA SER D 101 1.43 -6.34 43.97
C SER D 101 1.78 -5.37 42.76
N VAL D 102 2.75 -5.70 41.94
CA VAL D 102 3.21 -4.62 41.08
C VAL D 102 2.12 -4.00 40.14
N LEU D 103 1.04 -4.75 39.89
CA LEU D 103 -0.07 -4.16 39.20
C LEU D 103 -1.21 -3.76 40.16
N ALA D 104 -1.45 -4.50 41.23
CA ALA D 104 -2.27 -3.85 42.21
C ALA D 104 -1.78 -2.40 42.67
N LYS D 105 -0.51 -1.98 42.50
CA LYS D 105 -0.08 -0.66 43.04
C LYS D 105 0.68 -0.22 41.91
N TRP D 106 0.06 -0.34 40.77
CA TRP D 106 0.81 0.05 39.61
C TRP D 106 1.35 1.43 39.92
N GLN D 107 2.17 1.88 39.05
CA GLN D 107 2.89 2.92 39.33
C GLN D 107 3.70 3.37 38.08
N ASN D 108 3.51 4.61 37.79
CA ASN D 108 3.87 5.16 36.56
C ASN D 108 5.21 4.83 35.98
N SER D 109 6.04 4.17 36.72
CA SER D 109 7.42 4.05 36.02
C SER D 109 8.01 2.60 35.96
N TYR D 110 7.26 1.66 36.63
CA TYR D 110 7.04 0.26 36.10
C TYR D 110 6.80 0.22 34.55
N SER D 111 6.96 -0.96 33.94
CA SER D 111 7.06 -1.13 32.48
C SER D 111 6.72 -2.60 32.21
N ILE D 112 6.66 -3.00 30.94
CA ILE D 112 6.40 -4.47 30.69
C ILE D 112 7.54 -5.37 31.30
N LYS D 113 8.77 -4.90 31.19
CA LYS D 113 9.88 -5.70 31.75
C LYS D 113 9.67 -5.89 33.23
N VAL D 114 9.36 -4.80 33.89
CA VAL D 114 9.21 -5.06 35.35
C VAL D 114 8.17 -6.17 35.52
N VAL D 115 7.05 -6.05 34.79
CA VAL D 115 5.97 -6.94 35.27
C VAL D 115 6.40 -8.42 35.02
N LEU D 116 7.03 -8.69 33.89
CA LEU D 116 7.65 -9.94 33.72
C LEU D 116 8.59 -10.31 34.84
N GLN D 117 9.64 -9.51 35.20
CA GLN D 117 10.46 -10.01 36.28
C GLN D 117 9.66 -10.37 37.52
N GLU D 118 8.71 -9.49 37.83
CA GLU D 118 7.89 -9.76 39.00
C GLU D 118 7.04 -11.08 38.97
N LEU D 119 6.42 -11.31 37.82
CA LEU D 119 5.89 -12.51 37.53
C LEU D 119 6.92 -13.67 37.65
N ARG D 120 8.14 -13.49 37.13
CA ARG D 120 9.09 -14.45 37.50
C ARG D 120 9.43 -14.52 38.94
N ARG D 121 9.70 -13.45 39.72
CA ARG D 121 10.03 -13.60 41.25
C ARG D 121 8.96 -14.24 41.99
N LEU D 122 7.76 -13.87 41.60
CA LEU D 122 6.63 -14.56 42.11
C LEU D 122 6.61 -16.12 41.87
N MET D 123 7.17 -16.69 40.78
CA MET D 123 7.08 -18.13 40.59
C MET D 123 8.00 -18.65 41.64
N MET D 124 9.01 -17.86 42.07
CA MET D 124 9.80 -18.29 43.23
C MET D 124 9.17 -18.21 44.65
N SER D 125 7.95 -17.71 44.73
CA SER D 125 7.55 -17.35 46.05
C SER D 125 6.93 -18.61 46.73
N LYS D 126 6.31 -18.56 47.91
CA LYS D 126 6.27 -19.81 48.44
C LYS D 126 5.11 -20.51 48.18
N GLU D 127 3.99 -19.87 47.79
CA GLU D 127 2.60 -20.50 47.69
C GLU D 127 2.49 -20.97 46.23
N ASN D 128 3.37 -20.55 45.33
CA ASN D 128 3.31 -21.30 44.06
C ASN D 128 4.46 -22.06 43.53
N MET D 129 5.67 -21.84 43.97
CA MET D 129 6.66 -22.75 43.52
C MET D 129 6.38 -24.29 43.74
N LYS D 130 5.26 -24.77 44.35
CA LYS D 130 5.04 -26.17 44.15
C LYS D 130 3.73 -26.30 43.58
N LEU D 131 3.16 -25.24 43.13
CA LEU D 131 1.93 -25.76 42.52
C LEU D 131 2.13 -26.81 41.33
N PRO D 132 1.39 -27.95 41.37
CA PRO D 132 1.25 -29.00 40.30
C PRO D 132 0.92 -28.35 38.95
N GLN D 133 1.65 -28.53 37.81
CA GLN D 133 1.37 -27.86 36.58
C GLN D 133 0.75 -28.66 35.60
N PRO D 134 0.42 -28.08 34.50
CA PRO D 134 -0.15 -29.05 33.51
C PRO D 134 0.93 -29.68 32.58
N PRO D 135 0.43 -30.66 31.72
CA PRO D 135 1.31 -31.11 30.64
C PRO D 135 2.08 -29.82 30.24
N GLU D 136 3.26 -29.97 29.68
CA GLU D 136 4.20 -28.94 29.42
C GLU D 136 3.90 -28.23 28.14
N GLY D 137 4.54 -27.05 27.95
CA GLY D 137 4.04 -26.03 27.07
C GLY D 137 2.67 -26.45 26.43
N GLN D 138 1.54 -26.66 27.09
CA GLN D 138 0.26 -26.63 26.46
C GLN D 138 -0.32 -25.15 26.58
N CYS D 139 -1.48 -24.83 25.96
CA CYS D 139 -2.03 -23.52 25.78
C CYS D 139 -3.51 -23.32 25.91
N TYR D 140 -4.04 -22.09 26.11
CA TYR D 140 -5.33 -22.10 26.67
C TYR D 140 -6.08 -22.09 25.31
N SER D 141 -7.21 -22.70 25.08
CA SER D 141 -8.02 -22.43 23.85
C SER D 141 -8.67 -21.06 23.74
N ASN D 142 -8.25 -20.24 22.82
CA ASN D 142 -8.83 -18.94 22.76
C ASN D 142 -9.53 -18.69 21.34
N ALA E 4 -27.72 -57.42 -49.16
CA ALA E 4 -27.91 -57.53 -50.67
C ALA E 4 -28.05 -56.10 -51.50
N GLY E 5 -27.32 -54.95 -51.11
CA GLY E 5 -27.50 -53.50 -51.69
C GLY E 5 -28.76 -52.59 -51.20
N LEU E 6 -29.10 -52.78 -49.93
CA LEU E 6 -30.41 -52.98 -49.56
C LEU E 6 -30.32 -52.61 -48.06
N PRO E 7 -31.34 -51.96 -47.57
CA PRO E 7 -31.21 -51.41 -46.28
C PRO E 7 -30.84 -52.35 -45.13
N ARG E 8 -30.04 -51.82 -44.26
CA ARG E 8 -29.47 -52.48 -43.23
C ARG E 8 -30.57 -52.92 -42.36
N ARG E 9 -31.56 -52.08 -42.14
CA ARG E 9 -32.47 -52.54 -41.06
C ARG E 9 -32.94 -53.93 -41.53
N ILE E 10 -32.99 -54.13 -42.88
CA ILE E 10 -33.70 -55.37 -43.26
C ILE E 10 -32.73 -56.57 -42.81
N ILE E 11 -31.40 -56.48 -43.28
CA ILE E 11 -30.38 -57.49 -43.17
C ILE E 11 -30.48 -57.89 -41.73
N LYS E 12 -30.53 -56.84 -40.92
CA LYS E 12 -30.52 -57.10 -39.46
C LYS E 12 -31.74 -57.86 -38.89
N GLU E 13 -32.92 -57.49 -39.39
CA GLU E 13 -34.19 -58.16 -39.00
C GLU E 13 -34.15 -59.76 -39.39
N THR E 14 -33.42 -59.99 -40.56
CA THR E 14 -33.22 -61.35 -41.24
C THR E 14 -32.40 -62.40 -40.36
N GLN E 15 -31.06 -62.04 -40.17
CA GLN E 15 -30.21 -62.72 -39.16
C GLN E 15 -30.92 -62.94 -37.90
N ARG E 16 -31.57 -61.95 -37.31
CA ARG E 16 -32.14 -62.23 -35.94
C ARG E 16 -33.24 -63.20 -36.13
N LEU E 17 -34.03 -63.03 -37.19
CA LEU E 17 -35.13 -64.06 -37.39
C LEU E 17 -34.67 -65.59 -37.65
N LEU E 18 -33.68 -65.69 -38.57
CA LEU E 18 -33.06 -67.00 -38.82
C LEU E 18 -32.30 -67.36 -37.48
N ALA E 19 -31.18 -66.67 -37.21
CA ALA E 19 -30.43 -67.07 -36.00
C ALA E 19 -31.26 -67.40 -34.74
N GLU E 20 -32.57 -67.07 -34.73
CA GLU E 20 -33.51 -67.50 -33.73
C GLU E 20 -34.94 -67.11 -33.98
N PRO E 21 -35.69 -67.96 -34.66
CA PRO E 21 -37.08 -67.75 -35.21
C PRO E 21 -38.14 -68.02 -34.20
N VAL E 22 -39.34 -68.43 -34.56
CA VAL E 22 -40.34 -68.33 -33.46
C VAL E 22 -41.10 -69.63 -33.13
N PRO E 23 -41.27 -69.91 -31.76
CA PRO E 23 -42.08 -71.08 -31.39
C PRO E 23 -43.16 -71.13 -32.47
N GLY E 24 -43.02 -72.03 -33.44
CA GLY E 24 -44.15 -72.54 -34.33
C GLY E 24 -43.85 -72.19 -35.76
N ILE E 25 -43.14 -71.10 -35.97
CA ILE E 25 -43.09 -70.48 -37.29
C ILE E 25 -41.74 -70.50 -38.09
N LYS E 26 -41.82 -70.96 -39.33
CA LYS E 26 -40.65 -70.96 -40.23
C LYS E 26 -40.60 -69.80 -41.25
N ALA E 27 -39.56 -69.02 -41.13
CA ALA E 27 -39.42 -67.91 -42.09
C ALA E 27 -38.12 -67.83 -42.96
N GLU E 28 -38.15 -67.56 -44.25
CA GLU E 28 -36.81 -67.46 -44.83
C GLU E 28 -36.77 -66.67 -46.00
N PRO E 29 -35.74 -65.95 -46.26
CA PRO E 29 -35.85 -65.21 -47.53
C PRO E 29 -35.76 -66.07 -48.77
N ASP E 30 -35.72 -65.45 -49.90
CA ASP E 30 -35.77 -66.33 -50.94
C ASP E 30 -34.52 -65.91 -51.67
N GLU E 31 -33.78 -66.85 -52.24
CA GLU E 31 -32.66 -66.48 -53.04
C GLU E 31 -32.96 -65.46 -54.19
N SER E 32 -32.08 -64.46 -54.28
CA SER E 32 -32.26 -63.26 -55.21
C SER E 32 -33.77 -62.72 -55.45
N ASN E 33 -34.54 -62.80 -54.35
CA ASN E 33 -35.47 -61.70 -53.82
C ASN E 33 -35.42 -61.50 -52.28
N ALA E 34 -34.41 -60.67 -51.90
CA ALA E 34 -33.96 -60.65 -50.56
C ALA E 34 -35.07 -60.05 -49.60
N ARG E 35 -35.92 -59.16 -50.21
CA ARG E 35 -37.25 -58.63 -49.68
C ARG E 35 -38.41 -59.59 -49.58
N TYR E 36 -38.18 -60.82 -49.88
CA TYR E 36 -39.27 -61.82 -50.04
C TYR E 36 -39.11 -63.08 -49.12
N PHE E 37 -40.14 -63.37 -48.39
CA PHE E 37 -40.04 -64.39 -47.43
C PHE E 37 -41.17 -65.42 -47.48
N HIS E 38 -40.74 -66.70 -47.56
CA HIS E 38 -41.57 -67.89 -47.53
C HIS E 38 -41.56 -68.38 -46.11
N VAL E 39 -42.72 -68.76 -45.57
CA VAL E 39 -43.01 -68.83 -44.12
C VAL E 39 -44.11 -69.81 -43.81
N VAL E 40 -44.14 -70.42 -42.60
CA VAL E 40 -45.04 -71.58 -42.41
C VAL E 40 -45.67 -71.61 -41.06
N ILE E 41 -46.94 -71.31 -40.92
CA ILE E 41 -47.23 -71.26 -39.52
C ILE E 41 -47.57 -72.61 -39.05
N ALA E 42 -47.06 -72.92 -37.85
CA ALA E 42 -47.76 -74.11 -37.20
C ALA E 42 -49.28 -73.80 -36.92
N GLY E 43 -50.20 -74.69 -37.36
CA GLY E 43 -51.53 -74.91 -36.62
C GLY E 43 -51.21 -74.61 -35.13
N PRO E 44 -51.70 -73.45 -34.53
CA PRO E 44 -51.63 -73.34 -33.03
C PRO E 44 -52.10 -74.59 -32.28
N GLN E 45 -51.27 -75.03 -31.33
CA GLN E 45 -51.84 -76.11 -30.51
C GLN E 45 -53.26 -75.74 -29.87
N ASP E 46 -54.14 -76.73 -29.86
CA ASP E 46 -55.53 -76.50 -29.40
C ASP E 46 -56.27 -75.45 -30.27
N SER E 47 -56.19 -75.54 -31.58
CA SER E 47 -56.73 -74.49 -32.37
C SER E 47 -57.46 -75.20 -33.47
N PRO E 48 -58.59 -74.67 -33.87
CA PRO E 48 -59.09 -75.33 -35.12
C PRO E 48 -58.09 -75.81 -36.27
N PHE E 49 -56.89 -75.29 -36.36
CA PHE E 49 -56.08 -75.58 -37.53
C PHE E 49 -54.99 -76.51 -37.13
N GLU E 50 -55.27 -77.22 -36.03
CA GLU E 50 -54.15 -77.76 -35.19
C GLU E 50 -53.10 -78.49 -35.99
N GLY E 51 -53.67 -79.59 -36.58
CA GLY E 51 -53.07 -80.42 -37.58
C GLY E 51 -52.19 -79.70 -38.61
N GLY E 52 -52.77 -78.72 -39.30
CA GLY E 52 -52.29 -78.35 -40.63
C GLY E 52 -51.00 -77.57 -40.41
N THR E 53 -50.45 -77.14 -41.53
CA THR E 53 -49.29 -76.25 -41.54
C THR E 53 -49.40 -75.32 -42.81
N PHE E 54 -49.15 -73.97 -42.59
CA PHE E 54 -49.71 -72.95 -43.49
C PHE E 54 -48.75 -72.12 -44.20
N LYS E 55 -48.81 -72.35 -45.46
CA LYS E 55 -47.94 -71.70 -46.28
C LYS E 55 -48.26 -70.11 -46.28
N LEU E 56 -47.41 -69.18 -45.82
CA LEU E 56 -47.62 -67.81 -46.42
C LEU E 56 -46.53 -67.13 -46.89
N GLU E 57 -46.83 -66.13 -47.64
CA GLU E 57 -45.72 -65.34 -48.03
C GLU E 57 -45.68 -63.81 -47.60
N LEU E 58 -44.48 -63.28 -47.32
CA LEU E 58 -44.41 -61.91 -47.01
C LEU E 58 -43.52 -61.11 -47.86
N PHE E 59 -43.83 -59.86 -48.11
CA PHE E 59 -42.75 -59.08 -48.60
C PHE E 59 -42.76 -57.67 -48.14
N LEU E 60 -41.58 -57.11 -47.82
CA LEU E 60 -41.19 -55.74 -47.71
C LEU E 60 -41.10 -54.94 -48.87
N PRO E 61 -42.04 -54.02 -49.03
CA PRO E 61 -42.07 -53.02 -50.16
C PRO E 61 -41.12 -51.86 -49.96
N GLU E 62 -40.86 -51.11 -51.01
CA GLU E 62 -39.69 -50.19 -51.00
C GLU E 62 -39.69 -49.13 -49.84
N GLU E 63 -40.86 -48.46 -49.70
CA GLU E 63 -41.19 -47.60 -48.61
C GLU E 63 -41.13 -48.32 -47.25
N TYR E 64 -40.62 -49.54 -47.03
CA TYR E 64 -40.83 -50.13 -45.69
C TYR E 64 -39.53 -49.60 -44.98
N PRO E 65 -39.59 -49.32 -43.61
CA PRO E 65 -40.69 -49.58 -42.64
C PRO E 65 -41.78 -48.56 -42.44
N MET E 66 -41.85 -47.65 -43.42
CA MET E 66 -42.72 -46.58 -43.40
C MET E 66 -43.99 -47.16 -43.69
N ALA E 67 -44.09 -47.83 -44.85
CA ALA E 67 -45.13 -48.77 -45.18
C ALA E 67 -45.09 -50.13 -44.44
N ALA E 68 -46.22 -50.63 -44.02
CA ALA E 68 -46.38 -52.15 -43.77
C ALA E 68 -45.90 -53.06 -44.78
N PRO E 69 -45.41 -54.17 -44.35
CA PRO E 69 -45.09 -55.43 -45.12
C PRO E 69 -46.37 -56.15 -45.64
N LYS E 70 -46.32 -56.45 -46.89
CA LYS E 70 -47.44 -57.10 -47.56
C LYS E 70 -47.60 -58.58 -47.15
N VAL E 71 -48.78 -58.98 -46.71
CA VAL E 71 -48.79 -60.34 -46.31
C VAL E 71 -49.91 -61.13 -46.77
N ARG E 72 -49.53 -62.29 -47.15
CA ARG E 72 -50.61 -63.24 -47.74
C ARG E 72 -50.62 -64.78 -47.58
N PHE E 73 -51.62 -65.40 -47.00
CA PHE E 73 -51.61 -66.88 -46.95
C PHE E 73 -51.67 -67.48 -48.37
N MET E 74 -50.82 -68.47 -48.58
CA MET E 74 -50.89 -69.38 -49.75
C MET E 74 -51.92 -70.62 -49.69
N THR E 75 -52.32 -71.05 -48.49
CA THR E 75 -53.10 -72.22 -48.25
C THR E 75 -54.55 -71.88 -47.92
N LYS E 76 -55.52 -72.76 -48.11
CA LYS E 76 -56.91 -72.36 -47.92
C LYS E 76 -57.26 -72.56 -46.51
N ILE E 77 -58.15 -71.74 -45.99
CA ILE E 77 -58.42 -71.83 -44.58
C ILE E 77 -59.62 -71.06 -44.20
N TYR E 78 -60.58 -71.76 -43.66
CA TYR E 78 -61.79 -71.12 -43.07
C TYR E 78 -61.22 -70.39 -41.86
N HIS E 79 -61.75 -69.19 -41.48
CA HIS E 79 -61.06 -67.95 -40.76
C HIS E 79 -61.62 -66.68 -41.29
N PRO E 80 -62.19 -65.90 -40.34
CA PRO E 80 -63.10 -64.81 -40.59
C PRO E 80 -62.32 -63.61 -41.05
N ASN E 81 -61.01 -63.78 -41.09
CA ASN E 81 -60.07 -62.72 -41.52
C ASN E 81 -59.07 -63.18 -42.49
N VAL E 82 -59.31 -64.43 -43.01
CA VAL E 82 -58.65 -64.79 -44.25
C VAL E 82 -59.67 -64.89 -45.24
N ASP E 83 -59.43 -64.38 -46.49
CA ASP E 83 -60.55 -64.43 -47.50
C ASP E 83 -60.26 -65.36 -48.70
N LYS E 84 -61.11 -65.43 -49.73
CA LYS E 84 -60.83 -66.35 -50.77
C LYS E 84 -59.39 -66.29 -51.27
N LEU E 85 -58.70 -65.20 -51.25
CA LEU E 85 -57.35 -65.26 -51.77
C LEU E 85 -56.29 -65.17 -50.69
N GLY E 86 -56.66 -65.22 -49.43
CA GLY E 86 -55.72 -65.15 -48.36
C GLY E 86 -55.08 -63.79 -47.83
N ARG E 87 -55.54 -62.70 -48.41
CA ARG E 87 -55.73 -61.47 -47.79
C ARG E 87 -56.29 -61.60 -46.36
N ILE E 88 -55.31 -61.35 -45.52
CA ILE E 88 -55.40 -61.58 -44.11
C ILE E 88 -55.79 -60.23 -43.74
N CYS E 89 -56.65 -60.07 -42.79
CA CYS E 89 -56.75 -58.62 -42.48
C CYS E 89 -56.68 -58.16 -40.98
N LEU E 90 -56.04 -57.08 -40.79
CA LEU E 90 -55.39 -57.08 -39.55
C LEU E 90 -54.76 -55.69 -39.56
N ASP E 91 -55.37 -54.91 -38.66
CA ASP E 91 -55.11 -53.51 -38.51
C ASP E 91 -53.62 -53.08 -38.75
N ILE E 92 -52.65 -53.81 -38.21
CA ILE E 92 -51.26 -53.47 -38.40
C ILE E 92 -50.80 -53.50 -39.83
N LEU E 93 -51.74 -53.74 -40.68
CA LEU E 93 -51.36 -54.34 -41.94
C LEU E 93 -51.88 -53.54 -42.93
N LYS E 94 -53.08 -53.01 -42.65
CA LYS E 94 -53.61 -51.90 -43.42
C LYS E 94 -53.33 -50.52 -43.01
N ASP E 95 -53.93 -49.98 -41.94
CA ASP E 95 -53.97 -48.51 -41.53
C ASP E 95 -53.21 -48.75 -40.25
N LYS E 96 -53.63 -48.59 -39.01
CA LYS E 96 -52.79 -49.09 -37.90
C LYS E 96 -51.26 -49.61 -37.93
N TRP E 97 -50.46 -49.61 -38.92
CA TRP E 97 -49.13 -49.99 -38.76
C TRP E 97 -48.16 -48.92 -38.24
N SER E 98 -47.27 -49.16 -37.29
CA SER E 98 -46.15 -48.26 -37.10
C SER E 98 -44.79 -48.80 -37.50
N PRO E 99 -43.78 -48.00 -37.75
CA PRO E 99 -42.49 -48.57 -38.10
C PRO E 99 -41.68 -49.04 -36.97
N ALA E 100 -42.30 -49.20 -35.86
CA ALA E 100 -41.52 -49.52 -34.77
C ALA E 100 -41.66 -51.03 -34.53
N LEU E 101 -42.87 -51.52 -34.79
CA LEU E 101 -43.21 -52.84 -35.08
C LEU E 101 -42.41 -53.41 -36.27
N GLN E 102 -42.33 -54.80 -36.25
CA GLN E 102 -41.45 -55.47 -37.32
C GLN E 102 -41.90 -56.87 -37.76
N ILE E 103 -41.06 -57.54 -38.57
CA ILE E 103 -41.58 -58.75 -39.08
C ILE E 103 -41.86 -59.70 -37.96
N ARG E 104 -41.01 -59.73 -36.92
CA ARG E 104 -41.36 -60.72 -35.94
C ARG E 104 -42.74 -60.43 -35.34
N THR E 105 -43.09 -59.16 -35.46
CA THR E 105 -44.24 -58.70 -34.76
C THR E 105 -45.48 -59.16 -35.52
N VAL E 106 -45.32 -59.16 -36.83
CA VAL E 106 -46.42 -59.55 -37.63
C VAL E 106 -46.64 -61.07 -37.73
N LEU E 107 -45.54 -61.78 -37.87
CA LEU E 107 -45.57 -63.22 -37.67
C LEU E 107 -46.24 -63.62 -36.39
N LEU E 108 -46.04 -62.74 -35.34
CA LEU E 108 -46.66 -63.16 -34.08
C LEU E 108 -48.11 -63.04 -34.18
N SER E 109 -48.58 -61.93 -34.80
CA SER E 109 -50.00 -61.51 -34.73
C SER E 109 -50.84 -62.28 -35.64
N ILE E 110 -50.27 -62.74 -36.76
CA ILE E 110 -51.01 -63.72 -37.50
C ILE E 110 -51.12 -64.96 -36.65
N GLN E 111 -50.03 -65.25 -35.94
CA GLN E 111 -50.16 -66.46 -35.23
C GLN E 111 -51.12 -66.28 -34.09
N ALA E 112 -51.08 -65.21 -33.26
CA ALA E 112 -52.20 -65.15 -32.18
C ALA E 112 -53.51 -65.28 -32.93
N LEU E 113 -53.39 -64.74 -34.13
CA LEU E 113 -54.54 -64.42 -34.85
C LEU E 113 -55.23 -65.69 -35.01
N LEU E 114 -54.52 -66.79 -35.40
CA LEU E 114 -55.22 -68.15 -35.61
C LEU E 114 -55.92 -68.32 -34.33
N SER E 115 -55.26 -68.75 -33.25
CA SER E 115 -56.02 -69.13 -32.03
C SER E 115 -57.03 -68.03 -31.44
N ALA E 116 -56.78 -66.74 -31.61
CA ALA E 116 -57.83 -65.77 -31.24
C ALA E 116 -58.70 -65.50 -32.53
N PRO E 117 -59.50 -66.47 -33.00
CA PRO E 117 -60.06 -65.83 -34.29
C PRO E 117 -61.00 -64.64 -34.06
N ASN E 118 -60.80 -63.51 -34.76
CA ASN E 118 -61.86 -62.48 -34.52
C ASN E 118 -63.01 -62.18 -35.54
N PRO E 119 -64.11 -62.91 -35.37
CA PRO E 119 -65.47 -62.71 -35.98
C PRO E 119 -66.18 -61.39 -35.64
N ASP E 120 -65.86 -60.79 -34.47
CA ASP E 120 -66.64 -59.63 -33.98
C ASP E 120 -66.05 -58.58 -34.98
N ASP E 121 -66.04 -58.98 -36.24
CA ASP E 121 -65.52 -58.03 -37.13
C ASP E 121 -66.48 -57.35 -38.13
N PRO E 122 -67.50 -58.11 -38.66
CA PRO E 122 -67.25 -59.28 -39.60
C PRO E 122 -66.40 -59.03 -40.97
N ASN E 125 -68.38 -60.00 -45.13
CA ASN E 125 -67.82 -61.34 -45.32
C ASN E 125 -68.76 -62.48 -44.75
N ASP E 126 -68.86 -63.64 -45.41
CA ASP E 126 -69.78 -64.70 -44.91
C ASP E 126 -69.21 -65.47 -43.68
N VAL E 127 -67.96 -65.93 -43.85
CA VAL E 127 -67.25 -66.67 -42.84
C VAL E 127 -67.42 -65.81 -41.55
N ALA E 128 -67.63 -64.50 -41.76
CA ALA E 128 -67.91 -63.49 -40.72
C ALA E 128 -69.18 -63.82 -40.06
N GLU E 129 -70.26 -63.77 -40.84
CA GLU E 129 -71.54 -64.36 -40.35
C GLU E 129 -71.27 -65.77 -39.73
N GLN E 130 -71.43 -66.78 -40.59
CA GLN E 130 -71.30 -68.14 -40.17
C GLN E 130 -70.50 -68.17 -38.92
N TRP E 131 -69.20 -67.90 -39.08
CA TRP E 131 -68.31 -68.31 -38.05
C TRP E 131 -68.90 -67.86 -36.70
N LYS E 132 -69.16 -66.55 -36.45
CA LYS E 132 -69.96 -66.27 -35.19
C LYS E 132 -71.24 -67.17 -34.94
N THR E 133 -72.30 -66.96 -35.75
CA THR E 133 -73.65 -67.59 -35.54
C THR E 133 -73.64 -69.14 -35.22
N ASN E 134 -72.52 -69.85 -35.50
CA ASN E 134 -72.41 -71.32 -35.33
C ASN E 134 -71.01 -71.76 -34.92
N GLU E 135 -70.50 -71.04 -33.90
CA GLU E 135 -69.14 -71.09 -33.18
C GLU E 135 -68.29 -72.47 -33.22
N ALA E 136 -68.93 -73.68 -33.17
CA ALA E 136 -68.24 -75.09 -33.19
C ALA E 136 -68.61 -75.91 -34.46
N GLN E 137 -69.79 -75.51 -34.95
CA GLN E 137 -70.25 -75.63 -36.34
C GLN E 137 -69.18 -75.05 -37.42
N ALA E 138 -68.76 -73.79 -37.33
CA ALA E 138 -67.60 -73.47 -38.13
C ALA E 138 -66.32 -74.22 -37.72
N ILE E 139 -66.14 -74.68 -36.48
CA ILE E 139 -64.82 -75.34 -36.20
C ILE E 139 -64.74 -76.71 -37.00
N GLU E 140 -65.87 -77.43 -37.11
CA GLU E 140 -65.76 -78.61 -38.01
C GLU E 140 -65.14 -78.04 -39.30
N THR E 141 -65.94 -77.25 -40.02
CA THR E 141 -65.50 -76.60 -41.32
C THR E 141 -63.91 -76.40 -41.28
N ALA E 142 -63.48 -75.27 -40.57
CA ALA E 142 -62.09 -75.06 -39.99
C ALA E 142 -61.23 -76.32 -40.08
N ARG E 143 -61.71 -77.45 -39.49
CA ARG E 143 -60.84 -78.60 -39.08
C ARG E 143 -60.72 -79.47 -40.26
N ALA E 144 -61.93 -79.92 -40.64
CA ALA E 144 -61.99 -80.36 -42.07
C ALA E 144 -60.99 -79.58 -43.03
N TRP E 145 -61.16 -78.25 -43.19
CA TRP E 145 -60.33 -77.50 -44.10
C TRP E 145 -58.92 -77.76 -43.78
N THR E 146 -58.62 -77.74 -42.46
CA THR E 146 -57.23 -77.77 -42.11
C THR E 146 -56.78 -79.08 -42.64
N ARG E 147 -57.63 -80.07 -42.37
CA ARG E 147 -57.45 -81.42 -42.85
C ARG E 147 -57.29 -81.58 -44.35
N LEU E 148 -58.21 -81.10 -45.18
CA LEU E 148 -57.96 -81.18 -46.59
C LEU E 148 -56.61 -80.58 -46.98
N TYR E 149 -56.43 -79.20 -46.77
CA TYR E 149 -55.36 -78.18 -47.26
C TYR E 149 -54.07 -77.96 -46.48
N ALA E 150 -54.20 -78.10 -45.17
CA ALA E 150 -53.04 -77.95 -44.31
C ALA E 150 -51.96 -79.03 -44.34
N MET E 151 -52.38 -80.31 -44.42
CA MET E 151 -51.52 -81.47 -44.05
C MET E 151 -51.13 -82.02 -45.44
N ASN E 152 -49.85 -82.37 -45.65
CA ASN E 152 -49.42 -82.96 -46.99
C ASN E 152 -49.63 -81.94 -48.07
N ASN E 153 -48.83 -80.88 -47.91
CA ASN E 153 -48.53 -79.79 -48.90
C ASN E 153 -47.06 -79.51 -48.49
N ILE E 154 -46.20 -79.13 -49.51
CA ILE E 154 -44.65 -79.15 -49.45
C ILE E 154 -44.24 -78.04 -48.44
N VAL F 4 -36.74 -51.53 -56.91
CA VAL F 4 -37.13 -52.72 -56.05
C VAL F 4 -37.99 -53.80 -56.73
N LYS F 5 -37.65 -55.13 -56.49
CA LYS F 5 -38.24 -56.35 -57.30
C LYS F 5 -39.59 -56.75 -56.64
N VAL F 6 -40.75 -56.24 -57.11
CA VAL F 6 -42.17 -56.71 -56.58
C VAL F 6 -42.56 -58.11 -57.15
N PRO F 7 -42.55 -59.25 -56.36
CA PRO F 7 -42.70 -60.67 -57.00
C PRO F 7 -44.12 -61.05 -57.50
N ARG F 8 -44.34 -62.26 -58.09
CA ARG F 8 -45.48 -62.27 -59.03
C ARG F 8 -46.73 -61.95 -58.23
N ASN F 9 -46.69 -62.38 -57.00
CA ASN F 9 -47.96 -62.45 -56.35
C ASN F 9 -48.68 -61.24 -55.84
N PHE F 10 -47.78 -60.29 -55.42
CA PHE F 10 -48.38 -59.10 -54.74
C PHE F 10 -48.61 -58.15 -55.94
N ARG F 11 -47.65 -58.20 -56.84
CA ARG F 11 -47.77 -57.48 -58.02
C ARG F 11 -49.09 -57.78 -58.69
N LEU F 12 -49.44 -59.09 -58.70
CA LEU F 12 -50.78 -59.37 -59.13
C LEU F 12 -51.86 -58.86 -58.26
N LEU F 13 -51.88 -59.29 -56.97
CA LEU F 13 -52.65 -58.52 -55.83
C LEU F 13 -52.85 -56.95 -55.88
N GLU F 14 -51.72 -56.27 -56.22
CA GLU F 14 -51.82 -54.85 -56.74
C GLU F 14 -52.93 -54.89 -57.75
N GLU F 15 -52.66 -55.41 -59.00
CA GLU F 15 -53.68 -55.18 -60.11
C GLU F 15 -55.08 -55.51 -59.64
N LEU F 16 -55.09 -56.31 -58.62
CA LEU F 16 -56.34 -56.78 -58.40
C LEU F 16 -57.29 -55.63 -57.99
N GLU F 17 -57.03 -55.23 -56.72
CA GLU F 17 -57.63 -54.07 -55.89
C GLU F 17 -57.72 -52.78 -56.79
N GLU F 18 -56.52 -52.42 -57.37
CA GLU F 18 -56.41 -51.53 -58.50
C GLU F 18 -57.63 -51.61 -59.36
N GLY F 19 -57.74 -52.70 -60.12
CA GLY F 19 -58.90 -53.05 -60.92
C GLY F 19 -60.24 -52.86 -60.24
N GLN F 20 -60.38 -52.95 -58.91
CA GLN F 20 -61.69 -52.35 -58.34
C GLN F 20 -61.90 -50.78 -58.23
N LYS F 21 -60.84 -50.03 -58.04
CA LYS F 21 -61.09 -48.65 -58.30
C LYS F 21 -61.40 -48.37 -59.79
N GLY F 22 -60.44 -48.39 -60.74
CA GLY F 22 -60.75 -48.19 -62.21
C GLY F 22 -59.73 -47.29 -62.96
N VAL F 23 -60.13 -46.73 -64.10
CA VAL F 23 -59.55 -45.41 -64.47
C VAL F 23 -60.74 -44.35 -64.54
N GLY F 24 -61.72 -44.56 -63.58
CA GLY F 24 -63.11 -44.26 -63.80
C GLY F 24 -62.92 -44.33 -65.35
N ASP F 25 -62.60 -43.13 -65.89
CA ASP F 25 -62.97 -42.67 -67.24
C ASP F 25 -63.57 -43.66 -68.17
N GLY F 26 -64.47 -44.46 -67.60
CA GLY F 26 -64.99 -45.71 -68.23
C GLY F 26 -64.05 -46.89 -68.70
N THR F 27 -63.14 -46.62 -69.69
CA THR F 27 -63.02 -47.53 -70.90
C THR F 27 -62.48 -49.10 -70.70
N VAL F 28 -61.15 -49.28 -70.84
CA VAL F 28 -60.44 -50.34 -70.19
C VAL F 28 -60.94 -50.53 -68.78
N SER F 29 -60.78 -51.77 -68.26
CA SER F 29 -61.40 -52.27 -66.99
C SER F 29 -60.86 -53.68 -66.77
N TRP F 30 -60.85 -54.21 -65.55
CA TRP F 30 -60.47 -55.64 -65.41
C TRP F 30 -60.72 -56.30 -64.08
N GLY F 31 -60.22 -57.55 -63.91
CA GLY F 31 -61.04 -58.61 -63.08
C GLY F 31 -60.34 -60.01 -62.93
N LEU F 32 -60.29 -60.60 -61.71
CA LEU F 32 -60.07 -62.06 -61.53
C LEU F 32 -61.28 -62.70 -62.11
N GLU F 33 -61.03 -63.83 -62.84
CA GLU F 33 -62.08 -64.56 -63.52
C GLU F 33 -62.86 -65.40 -62.55
N ASP F 34 -62.16 -66.00 -61.55
CA ASP F 34 -62.69 -66.68 -60.38
C ASP F 34 -61.75 -66.51 -59.08
N ASP F 35 -62.24 -65.71 -58.15
CA ASP F 35 -61.76 -65.52 -56.75
C ASP F 35 -62.02 -66.73 -56.03
N GLU F 36 -61.28 -67.78 -56.32
CA GLU F 36 -60.89 -68.71 -55.28
C GLU F 36 -59.45 -69.02 -55.74
N ASP F 37 -59.14 -68.46 -56.93
CA ASP F 37 -57.95 -68.89 -57.70
C ASP F 37 -56.76 -68.20 -56.98
N MET F 38 -56.33 -68.77 -55.91
CA MET F 38 -55.26 -68.15 -55.31
C MET F 38 -54.19 -67.97 -56.25
N THR F 39 -54.04 -68.71 -57.33
CA THR F 39 -52.77 -68.44 -58.14
C THR F 39 -52.85 -67.12 -58.88
N LEU F 40 -54.09 -66.68 -58.89
CA LEU F 40 -54.54 -65.57 -59.59
C LEU F 40 -53.96 -65.62 -60.99
N THR F 41 -54.33 -66.79 -61.61
CA THR F 41 -53.86 -67.02 -62.94
C THR F 41 -54.68 -66.29 -63.99
N ARG F 42 -56.00 -66.46 -63.90
CA ARG F 42 -56.79 -65.99 -64.99
C ARG F 42 -57.79 -64.89 -64.77
N TRP F 43 -57.66 -64.01 -65.73
CA TRP F 43 -58.29 -62.77 -65.68
C TRP F 43 -59.15 -62.31 -66.76
N THR F 44 -60.26 -61.62 -66.50
CA THR F 44 -60.96 -60.91 -67.57
C THR F 44 -60.67 -59.39 -67.73
N GLY F 45 -60.77 -59.00 -69.00
CA GLY F 45 -60.59 -57.70 -69.52
C GLY F 45 -61.85 -57.39 -70.30
N MET F 46 -61.76 -56.27 -70.97
CA MET F 46 -62.93 -55.39 -71.11
C MET F 46 -62.36 -54.04 -71.53
N ILE F 47 -62.81 -53.64 -72.71
CA ILE F 47 -62.28 -52.52 -73.44
C ILE F 47 -63.55 -51.98 -74.17
N LEU F 48 -63.89 -50.67 -73.95
CA LEU F 48 -64.97 -49.93 -74.76
C LEU F 48 -64.47 -49.31 -76.05
N GLY F 49 -65.31 -49.14 -77.05
CA GLY F 49 -64.86 -48.43 -78.26
C GLY F 49 -64.17 -47.04 -78.17
N PRO F 50 -62.94 -46.97 -78.74
CA PRO F 50 -62.79 -45.74 -79.48
C PRO F 50 -64.05 -45.20 -80.08
N PRO F 51 -64.10 -43.83 -79.95
CA PRO F 51 -64.93 -43.04 -80.83
C PRO F 51 -64.03 -42.51 -82.00
N ARG F 52 -64.70 -42.56 -83.14
CA ARG F 52 -64.21 -41.98 -84.44
C ARG F 52 -63.40 -43.15 -84.96
N THR F 53 -64.15 -44.23 -85.27
CA THR F 53 -63.66 -45.63 -85.33
C THR F 53 -64.90 -46.41 -85.67
N ILE F 54 -64.70 -47.56 -86.33
CA ILE F 54 -65.76 -48.63 -86.40
C ILE F 54 -66.07 -49.35 -85.02
N TYR F 55 -65.19 -49.11 -84.05
CA TYR F 55 -65.32 -49.86 -82.76
C TYR F 55 -66.39 -49.34 -81.68
N GLU F 56 -67.40 -48.62 -82.23
CA GLU F 56 -67.89 -47.41 -81.49
C GLU F 56 -68.74 -47.87 -80.36
N ASN F 57 -68.40 -47.27 -79.20
CA ASN F 57 -68.61 -47.98 -77.88
C ASN F 57 -69.13 -49.40 -78.14
N ARG F 58 -68.19 -50.35 -78.05
CA ARG F 58 -68.50 -51.75 -78.09
C ARG F 58 -67.93 -52.31 -76.81
N ILE F 59 -68.74 -53.17 -76.19
CA ILE F 59 -68.24 -54.03 -75.09
C ILE F 59 -67.58 -55.34 -75.74
N TYR F 60 -66.23 -55.18 -75.84
CA TYR F 60 -65.21 -56.28 -76.08
C TYR F 60 -64.65 -56.80 -74.74
N SER F 61 -65.03 -58.08 -74.43
CA SER F 61 -64.33 -58.90 -73.31
C SER F 61 -63.10 -59.65 -73.83
N LEU F 62 -62.06 -59.70 -73.00
CA LEU F 62 -60.88 -60.39 -73.31
C LEU F 62 -60.78 -61.40 -72.23
N LYS F 63 -59.87 -62.31 -72.34
CA LYS F 63 -59.34 -63.04 -71.19
C LYS F 63 -57.85 -62.90 -71.32
N ILE F 64 -57.17 -62.80 -70.17
CA ILE F 64 -55.73 -62.65 -70.02
C ILE F 64 -55.29 -63.70 -69.02
N GLU F 65 -54.14 -64.30 -69.25
CA GLU F 65 -53.58 -65.31 -68.34
C GLU F 65 -52.13 -64.98 -67.87
N CYS F 66 -51.78 -65.22 -66.62
CA CYS F 66 -50.45 -64.77 -66.34
C CYS F 66 -49.87 -65.82 -65.75
N GLY F 67 -48.77 -66.19 -66.32
CA GLY F 67 -48.22 -67.37 -65.91
C GLY F 67 -47.24 -67.21 -64.86
N PRO F 68 -46.56 -68.30 -64.61
CA PRO F 68 -45.84 -68.25 -63.34
C PRO F 68 -44.78 -67.20 -63.35
N LYS F 69 -44.49 -66.53 -64.45
CA LYS F 69 -43.36 -65.67 -64.47
C LYS F 69 -43.71 -64.26 -64.73
N TYR F 70 -44.85 -63.81 -64.31
CA TYR F 70 -45.24 -62.52 -64.68
C TYR F 70 -45.20 -61.69 -63.43
N PRO F 71 -44.61 -60.48 -63.54
CA PRO F 71 -44.65 -59.82 -64.76
C PRO F 71 -43.31 -59.75 -65.39
N GLU F 72 -42.43 -60.63 -65.06
CA GLU F 72 -41.36 -60.66 -65.97
C GLU F 72 -41.73 -60.94 -67.45
N ALA F 73 -42.48 -62.02 -67.82
CA ALA F 73 -42.90 -62.41 -69.16
C ALA F 73 -44.20 -61.78 -69.39
N PRO F 74 -44.55 -61.58 -70.65
CA PRO F 74 -45.81 -60.98 -71.01
C PRO F 74 -46.87 -61.82 -70.51
N PRO F 75 -48.10 -61.38 -70.50
CA PRO F 75 -49.15 -62.45 -70.32
C PRO F 75 -49.87 -62.89 -71.60
N PHE F 76 -50.42 -64.07 -71.75
CA PHE F 76 -51.34 -64.38 -72.91
C PHE F 76 -52.60 -63.56 -73.00
N VAL F 77 -52.95 -63.00 -74.17
CA VAL F 77 -54.25 -62.34 -74.18
C VAL F 77 -55.04 -62.78 -75.29
N ARG F 78 -56.32 -62.85 -75.07
CA ARG F 78 -57.07 -63.25 -76.15
C ARG F 78 -58.46 -62.66 -76.09
N PHE F 79 -59.24 -62.81 -77.15
CA PHE F 79 -60.45 -62.05 -77.29
C PHE F 79 -61.81 -62.83 -77.26
N VAL F 80 -62.66 -62.91 -76.22
CA VAL F 80 -64.00 -63.48 -76.30
C VAL F 80 -64.96 -62.89 -77.43
N THR F 81 -65.06 -61.57 -77.51
CA THR F 81 -66.03 -60.90 -78.43
C THR F 81 -65.37 -60.69 -79.74
N LYS F 82 -66.02 -61.10 -80.84
CA LYS F 82 -65.37 -61.17 -82.09
C LYS F 82 -64.74 -59.85 -82.52
N ILE F 83 -63.65 -59.89 -83.29
CA ILE F 83 -63.05 -58.68 -83.79
C ILE F 83 -62.13 -58.90 -84.98
N ASN F 84 -62.23 -58.03 -85.98
CA ASN F 84 -61.33 -58.07 -87.09
C ASN F 84 -60.50 -56.89 -86.66
N MET F 85 -59.20 -57.08 -86.53
CA MET F 85 -58.19 -56.15 -85.95
C MET F 85 -56.75 -56.64 -86.17
N ASN F 86 -55.81 -55.87 -86.67
CA ASN F 86 -54.51 -56.52 -87.03
C ASN F 86 -53.84 -57.36 -85.93
N GLY F 87 -53.36 -58.58 -86.19
CA GLY F 87 -52.95 -59.49 -85.04
C GLY F 87 -53.95 -59.94 -83.98
N VAL F 88 -55.19 -60.01 -84.39
CA VAL F 88 -56.20 -60.70 -83.67
C VAL F 88 -56.67 -61.77 -84.65
N ASN F 89 -56.08 -62.96 -84.34
CA ASN F 89 -56.29 -64.10 -85.04
C ASN F 89 -57.78 -64.06 -85.12
N SER F 90 -58.33 -64.30 -86.25
CA SER F 90 -59.79 -64.15 -86.28
C SER F 90 -60.48 -65.46 -86.51
N SER F 91 -59.75 -66.53 -86.34
CA SER F 91 -60.44 -67.72 -86.08
C SER F 91 -60.86 -67.63 -84.59
N ASN F 92 -59.99 -67.29 -83.61
CA ASN F 92 -60.32 -67.51 -82.20
C ASN F 92 -59.89 -66.37 -81.28
N GLY F 93 -59.91 -65.17 -81.74
CA GLY F 93 -59.49 -64.19 -80.82
C GLY F 93 -58.05 -64.04 -80.29
N VAL F 94 -57.17 -65.03 -80.37
CA VAL F 94 -55.83 -64.93 -79.74
C VAL F 94 -55.06 -63.83 -80.30
N VAL F 95 -54.38 -63.16 -79.40
CA VAL F 95 -53.52 -62.06 -79.78
C VAL F 95 -52.07 -62.40 -80.02
N ASP F 96 -51.52 -61.95 -81.12
CA ASP F 96 -50.14 -62.26 -81.43
C ASP F 96 -49.26 -61.34 -80.67
N PRO F 97 -48.35 -61.80 -79.80
CA PRO F 97 -47.48 -60.71 -79.22
C PRO F 97 -46.44 -60.13 -80.12
N ARG F 98 -45.76 -60.88 -81.02
CA ARG F 98 -44.95 -60.21 -82.12
C ARG F 98 -46.00 -59.31 -82.77
N ALA F 99 -45.73 -58.22 -83.37
CA ALA F 99 -47.03 -57.51 -83.63
C ALA F 99 -47.82 -56.79 -82.49
N ILE F 100 -47.29 -56.52 -81.31
CA ILE F 100 -47.99 -55.66 -80.44
C ILE F 100 -47.02 -55.42 -79.38
N SER F 101 -46.59 -54.15 -79.45
CA SER F 101 -45.17 -53.77 -79.26
C SER F 101 -45.09 -53.71 -77.75
N VAL F 102 -46.18 -53.32 -77.14
CA VAL F 102 -46.36 -53.57 -75.73
C VAL F 102 -46.05 -55.03 -75.31
N LEU F 103 -46.34 -56.02 -76.19
CA LEU F 103 -46.26 -57.42 -75.80
C LEU F 103 -44.98 -57.88 -76.37
N ALA F 104 -44.72 -57.29 -77.51
CA ALA F 104 -43.72 -57.77 -78.33
C ALA F 104 -42.45 -57.22 -77.77
N LYS F 105 -42.43 -55.94 -77.40
CA LYS F 105 -41.34 -55.38 -76.68
C LYS F 105 -41.64 -55.36 -75.26
N TRP F 106 -42.75 -55.81 -74.76
CA TRP F 106 -42.89 -56.00 -73.25
C TRP F 106 -41.74 -55.66 -72.23
N GLN F 107 -42.16 -54.94 -71.15
CA GLN F 107 -41.42 -54.42 -69.91
C GLN F 107 -41.95 -54.85 -68.54
N ASN F 108 -41.09 -55.17 -67.57
CA ASN F 108 -41.78 -55.76 -66.39
C ASN F 108 -42.67 -54.78 -65.60
N SER F 109 -42.64 -53.57 -66.15
CA SER F 109 -43.33 -52.38 -65.60
C SER F 109 -44.73 -52.29 -66.05
N TYR F 110 -44.97 -53.10 -67.10
CA TYR F 110 -46.27 -53.18 -67.79
C TYR F 110 -47.32 -53.86 -67.02
N SER F 111 -48.55 -53.82 -67.48
CA SER F 111 -49.52 -54.80 -66.94
C SER F 111 -50.89 -54.88 -67.69
N ILE F 112 -51.95 -55.21 -66.95
CA ILE F 112 -53.17 -55.53 -67.63
C ILE F 112 -53.89 -54.28 -68.16
N LYS F 113 -53.97 -53.23 -67.27
CA LYS F 113 -54.36 -51.82 -67.71
C LYS F 113 -53.39 -51.45 -68.87
N VAL F 114 -52.12 -51.69 -68.74
CA VAL F 114 -51.30 -51.26 -69.80
C VAL F 114 -51.67 -51.86 -71.16
N VAL F 115 -51.74 -53.20 -71.23
CA VAL F 115 -52.16 -53.87 -72.52
C VAL F 115 -53.56 -53.66 -72.91
N LEU F 116 -54.43 -53.66 -71.97
CA LEU F 116 -55.77 -53.42 -72.31
C LEU F 116 -56.06 -52.12 -72.94
N GLN F 117 -55.21 -51.11 -72.59
CA GLN F 117 -55.22 -49.66 -73.06
C GLN F 117 -54.63 -49.57 -74.39
N GLU F 118 -53.33 -49.87 -74.49
CA GLU F 118 -52.70 -50.06 -75.83
C GLU F 118 -53.61 -50.71 -77.05
N LEU F 119 -54.51 -51.62 -76.73
CA LEU F 119 -55.49 -51.93 -77.75
C LEU F 119 -56.79 -51.17 -77.43
N ARG F 120 -57.24 -50.23 -78.27
CA ARG F 120 -57.90 -48.98 -77.79
C ARG F 120 -56.75 -48.13 -78.38
N ARG F 121 -55.50 -47.80 -77.88
CA ARG F 121 -54.65 -47.04 -78.98
C ARG F 121 -54.82 -47.69 -80.46
N LEU F 122 -54.66 -49.03 -80.49
CA LEU F 122 -54.44 -49.62 -81.75
C LEU F 122 -55.73 -49.71 -82.50
N MET F 123 -56.85 -49.87 -81.81
CA MET F 123 -58.19 -49.73 -82.48
C MET F 123 -58.40 -48.41 -83.34
N MET F 124 -57.77 -47.31 -82.82
CA MET F 124 -57.64 -45.89 -83.33
C MET F 124 -56.80 -46.00 -84.56
N SER F 125 -55.58 -46.52 -84.40
CA SER F 125 -54.72 -46.78 -85.57
C SER F 125 -55.39 -46.69 -87.04
N LYS F 126 -54.78 -46.06 -88.10
CA LYS F 126 -55.63 -45.86 -89.33
C LYS F 126 -56.01 -47.27 -89.82
N GLU F 127 -54.92 -48.10 -89.82
CA GLU F 127 -54.89 -49.64 -89.65
C GLU F 127 -56.08 -50.43 -89.52
N ASN F 128 -56.80 -49.99 -88.48
CA ASN F 128 -58.07 -50.60 -88.14
C ASN F 128 -59.35 -49.70 -87.87
N MET F 129 -59.27 -48.34 -87.65
CA MET F 129 -60.59 -47.64 -87.43
C MET F 129 -61.61 -47.90 -88.66
N LYS F 130 -60.99 -48.18 -89.86
CA LYS F 130 -61.68 -48.68 -91.07
C LYS F 130 -62.30 -50.05 -90.75
N LEU F 131 -61.89 -51.08 -91.55
CA LEU F 131 -61.97 -52.54 -91.24
C LEU F 131 -63.35 -52.76 -90.78
N PRO F 132 -64.07 -53.42 -91.60
CA PRO F 132 -65.43 -53.82 -91.29
C PRO F 132 -65.36 -54.88 -90.20
N GLN F 133 -66.42 -54.87 -89.37
CA GLN F 133 -66.55 -55.64 -88.13
C GLN F 133 -67.56 -56.71 -88.29
N PRO F 134 -67.36 -57.87 -87.64
CA PRO F 134 -68.47 -58.79 -87.23
C PRO F 134 -69.66 -58.10 -86.59
N PRO F 135 -70.85 -58.76 -86.62
CA PRO F 135 -72.11 -58.09 -86.29
C PRO F 135 -71.98 -57.97 -84.80
N GLU F 136 -72.53 -56.92 -84.09
CA GLU F 136 -72.18 -56.63 -82.58
C GLU F 136 -72.46 -57.85 -81.66
N GLY F 137 -71.36 -58.15 -80.91
CA GLY F 137 -71.33 -58.92 -79.65
C GLY F 137 -71.62 -60.43 -79.90
N GLN F 138 -71.77 -60.87 -81.17
CA GLN F 138 -71.61 -62.23 -81.51
C GLN F 138 -70.10 -62.51 -81.44
N CYS F 139 -69.73 -63.79 -81.35
CA CYS F 139 -68.32 -64.02 -81.05
C CYS F 139 -67.77 -65.39 -80.69
N TYR F 140 -66.52 -65.66 -81.05
CA TYR F 140 -65.72 -66.86 -80.75
C TYR F 140 -66.31 -68.07 -80.11
N SER F 141 -66.34 -69.14 -80.89
CA SER F 141 -66.64 -70.38 -80.26
C SER F 141 -65.49 -71.28 -79.77
N ASN F 142 -65.64 -71.82 -78.52
CA ASN F 142 -64.68 -72.71 -77.84
C ASN F 142 -65.06 -73.59 -76.62
N ALA G 1 45.04 80.47 11.09
CA ALA G 1 44.60 79.28 10.29
C ALA G 1 44.22 78.04 11.18
N GLY G 2 43.03 77.89 11.82
CA GLY G 2 42.69 76.47 12.40
C GLY G 2 41.44 75.87 13.18
N SER G 3 41.43 74.53 13.41
CA SER G 3 40.80 73.74 14.57
C SER G 3 40.84 72.13 14.43
N ALA G 4 39.70 71.45 13.92
CA ALA G 4 39.63 70.00 13.30
C ALA G 4 40.51 69.63 11.90
N GLY G 5 41.58 68.81 11.95
CA GLY G 5 42.53 68.38 10.76
C GLY G 5 43.46 67.24 11.37
N LEU G 6 42.77 66.60 12.35
CA LEU G 6 42.96 66.63 13.89
C LEU G 6 41.75 65.87 14.55
N PRO G 7 42.16 64.72 15.12
CA PRO G 7 41.50 63.62 15.71
C PRO G 7 40.24 63.86 16.56
N ARG G 8 39.15 63.15 16.23
CA ARG G 8 37.80 63.40 16.82
C ARG G 8 38.02 63.07 18.34
N ARG G 9 39.09 62.23 18.54
CA ARG G 9 39.39 61.71 19.87
C ARG G 9 39.80 62.91 20.80
N ILE G 10 40.94 63.50 20.29
CA ILE G 10 41.51 64.70 20.81
C ILE G 10 40.30 65.75 21.00
N ILE G 11 39.39 65.94 20.03
CA ILE G 11 38.35 66.97 20.31
C ILE G 11 37.61 66.47 21.59
N LYS G 12 37.39 65.17 21.62
CA LYS G 12 36.41 64.64 22.64
C LYS G 12 37.02 64.72 24.08
N GLU G 13 38.38 64.56 24.15
CA GLU G 13 38.91 64.67 25.51
C GLU G 13 38.90 66.07 26.04
N THR G 14 39.24 67.03 25.17
CA THR G 14 39.35 68.46 25.64
C THR G 14 38.01 68.80 26.06
N GLN G 15 37.14 68.62 25.07
CA GLN G 15 35.75 68.77 25.33
C GLN G 15 35.35 68.22 26.70
N ARG G 16 35.80 66.99 27.03
CA ARG G 16 35.28 66.37 28.31
C ARG G 16 36.01 67.04 29.55
N LEU G 17 37.33 67.12 29.34
CA LEU G 17 38.15 68.02 30.18
C LEU G 17 37.52 69.31 30.69
N LEU G 18 37.27 70.26 29.74
CA LEU G 18 36.52 71.55 30.12
C LEU G 18 35.18 71.30 30.83
N ALA G 19 34.36 70.36 30.30
CA ALA G 19 32.98 70.17 30.81
C ALA G 19 33.06 70.26 32.30
N GLU G 20 33.66 69.16 32.83
CA GLU G 20 33.90 68.92 34.25
C GLU G 20 35.41 68.64 34.17
N PRO G 21 36.18 69.49 34.88
CA PRO G 21 37.54 68.99 35.07
C PRO G 21 37.65 68.20 36.38
N VAL G 22 38.68 67.27 36.39
CA VAL G 22 39.56 66.84 37.57
C VAL G 22 39.79 67.92 38.66
N PRO G 23 39.61 67.51 39.97
CA PRO G 23 39.58 68.44 41.15
C PRO G 23 41.00 69.16 41.47
N GLY G 24 40.94 70.39 42.05
CA GLY G 24 41.96 71.52 41.91
C GLY G 24 42.97 71.62 40.75
N ILE G 25 42.69 70.97 39.63
CA ILE G 25 43.58 71.07 38.45
C ILE G 25 42.92 71.80 37.22
N LYS G 26 43.52 72.88 36.78
CA LYS G 26 42.93 73.45 35.60
C LYS G 26 43.89 73.02 34.64
N ALA G 27 43.53 73.34 33.40
CA ALA G 27 44.25 72.77 32.23
C ALA G 27 43.51 73.10 30.93
N GLU G 28 44.16 73.82 29.98
CA GLU G 28 43.39 74.25 28.84
C GLU G 28 44.19 74.24 27.55
N PRO G 29 43.48 74.05 26.41
CA PRO G 29 44.25 74.02 25.13
C PRO G 29 44.73 75.34 25.01
N ASP G 30 45.77 75.36 24.20
CA ASP G 30 46.21 76.59 23.67
C ASP G 30 45.29 77.03 22.60
N GLU G 31 44.87 78.25 22.83
CA GLU G 31 43.67 78.73 22.17
C GLU G 31 44.05 78.98 20.67
N SER G 32 45.31 78.86 20.25
CA SER G 32 45.51 78.68 18.80
C SER G 32 46.65 77.66 18.41
N ASN G 33 47.04 76.84 19.39
CA ASN G 33 47.63 75.51 19.03
C ASN G 33 47.07 74.42 19.92
N ALA G 34 46.11 73.75 19.29
CA ALA G 34 45.05 72.85 19.91
C ALA G 34 45.61 71.48 20.48
N ARG G 35 46.80 70.96 20.03
CA ARG G 35 47.55 69.83 20.66
C ARG G 35 48.26 70.23 22.04
N TYR G 36 48.41 71.56 22.24
CA TYR G 36 49.19 72.12 23.38
C TYR G 36 48.34 72.47 24.62
N PHE G 37 48.85 72.10 25.80
CA PHE G 37 48.06 72.36 27.01
C PHE G 37 48.61 73.16 28.21
N HIS G 38 47.93 74.26 28.52
CA HIS G 38 48.33 75.15 29.61
C HIS G 38 47.65 74.47 30.81
N VAL G 39 48.46 73.75 31.62
CA VAL G 39 47.90 73.16 32.90
C VAL G 39 48.55 73.72 34.13
N VAL G 40 47.72 74.21 35.07
CA VAL G 40 48.14 74.61 36.44
C VAL G 40 47.62 73.55 37.39
N ILE G 41 48.57 72.97 38.13
CA ILE G 41 48.00 72.03 39.12
C ILE G 41 47.91 72.80 40.45
N ALA G 42 46.74 73.16 40.94
CA ALA G 42 46.78 73.63 42.34
C ALA G 42 47.61 72.59 43.36
N GLY G 43 48.71 72.98 44.06
CA GLY G 43 49.66 71.99 44.79
C GLY G 43 49.02 71.08 45.85
N PRO G 44 49.33 69.77 45.97
CA PRO G 44 48.28 69.00 46.85
C PRO G 44 48.02 69.40 48.33
N GLN G 45 46.85 68.91 48.80
CA GLN G 45 46.38 69.02 50.24
C GLN G 45 47.38 68.29 51.29
N ASP G 46 47.54 68.76 52.58
CA ASP G 46 48.79 68.44 53.45
C ASP G 46 49.99 67.56 52.77
N SER G 47 50.58 68.12 51.70
CA SER G 47 51.78 67.61 51.03
C SER G 47 52.71 68.89 51.01
N PRO G 48 54.06 68.68 51.02
CA PRO G 48 54.93 69.84 51.13
C PRO G 48 54.36 71.16 50.46
N PHE G 49 53.51 71.01 49.40
CA PHE G 49 53.05 72.15 48.51
C PHE G 49 51.60 72.69 48.65
N GLU G 50 50.93 72.52 49.88
CA GLU G 50 49.66 73.30 50.41
C GLU G 50 49.75 74.58 49.63
N GLY G 51 50.84 75.30 49.92
CA GLY G 51 51.63 76.04 48.92
C GLY G 51 51.08 76.51 47.60
N GLY G 52 51.69 76.05 46.52
CA GLY G 52 51.65 76.85 45.26
C GLY G 52 50.69 76.52 44.10
N THR G 53 51.07 77.04 42.94
CA THR G 53 50.40 76.65 41.75
C THR G 53 51.50 76.34 40.75
N PHE G 54 51.29 75.22 40.05
CA PHE G 54 52.41 74.68 39.27
C PHE G 54 52.04 74.73 37.76
N LYS G 55 52.58 75.76 37.12
CA LYS G 55 52.62 75.73 35.65
C LYS G 55 53.28 74.32 35.27
N LEU G 56 52.42 73.47 34.64
CA LEU G 56 53.00 72.56 33.60
C LEU G 56 52.47 72.67 32.18
N GLU G 57 53.16 71.94 31.32
CA GLU G 57 52.99 72.11 29.92
C GLU G 57 52.91 70.69 29.31
N LEU G 58 51.71 70.44 28.76
CA LEU G 58 51.43 69.16 28.06
C LEU G 58 51.17 69.31 26.54
N PHE G 59 51.91 68.48 25.76
CA PHE G 59 51.76 68.28 24.26
C PHE G 59 51.11 66.96 23.83
N LEU G 60 50.17 66.93 22.85
CA LEU G 60 49.77 65.67 22.04
C LEU G 60 50.72 65.35 20.86
N PRO G 61 51.63 64.39 21.03
CA PRO G 61 52.53 64.18 19.82
C PRO G 61 51.72 63.47 18.70
N GLU G 62 52.33 63.41 17.49
CA GLU G 62 51.53 63.45 16.19
C GLU G 62 50.63 62.26 16.14
N GLU G 63 51.28 61.13 16.57
CA GLU G 63 50.76 59.78 16.62
C GLU G 63 49.88 59.51 17.84
N TYR G 64 49.12 60.45 18.34
CA TYR G 64 48.87 59.97 19.73
C TYR G 64 47.46 59.49 19.53
N PRO G 65 46.94 58.47 20.29
CA PRO G 65 47.62 57.81 21.36
C PRO G 65 48.54 56.76 21.11
N MET G 66 49.00 56.65 19.86
CA MET G 66 49.98 55.57 19.67
C MET G 66 51.29 55.75 20.58
N ALA G 67 51.32 56.82 21.36
CA ALA G 67 52.55 57.66 21.48
C ALA G 67 51.93 58.46 22.70
N ALA G 68 52.64 58.29 23.86
CA ALA G 68 52.46 59.10 25.11
C ALA G 68 52.49 60.65 24.97
N PRO G 69 51.57 61.36 25.71
CA PRO G 69 51.77 62.82 25.76
C PRO G 69 53.22 63.13 26.22
N LYS G 70 53.75 64.26 25.70
CA LYS G 70 54.84 64.98 26.38
C LYS G 70 54.37 65.89 27.62
N VAL G 71 54.94 65.59 28.79
CA VAL G 71 54.68 66.60 29.83
C VAL G 71 55.80 67.30 30.50
N ARG G 72 55.57 68.58 30.66
CA ARG G 72 56.49 69.06 31.63
C ARG G 72 56.18 70.06 32.59
N PHE G 73 57.01 69.85 33.59
CA PHE G 73 57.19 70.79 34.66
C PHE G 73 57.81 72.09 34.25
N MET G 74 56.95 73.06 34.69
CA MET G 74 57.22 74.44 34.23
C MET G 74 57.65 75.49 35.29
N THR G 75 56.80 75.75 36.23
CA THR G 75 57.30 75.87 37.58
C THR G 75 58.23 74.76 38.17
N LYS G 76 59.50 75.07 38.18
CA LYS G 76 60.48 74.50 39.10
C LYS G 76 59.95 73.91 40.40
N ILE G 77 60.35 72.66 40.63
CA ILE G 77 59.88 72.01 41.88
C ILE G 77 60.86 71.10 42.58
N TYR G 78 60.61 71.08 43.88
CA TYR G 78 61.45 70.30 44.73
C TYR G 78 60.83 68.91 44.93
N HIS G 79 61.29 67.85 44.18
CA HIS G 79 60.61 66.42 44.09
C HIS G 79 61.56 65.15 43.61
N PRO G 80 61.27 63.88 44.02
CA PRO G 80 62.54 63.08 43.87
C PRO G 80 62.37 62.42 42.48
N ASN G 81 61.15 62.76 42.08
CA ASN G 81 60.44 62.57 40.80
C ASN G 81 60.49 63.71 39.65
N VAL G 82 61.41 64.62 39.61
CA VAL G 82 61.25 65.67 38.60
C VAL G 82 62.72 66.04 38.57
N ASP G 83 63.22 66.48 37.39
CA ASP G 83 64.59 67.01 37.33
C ASP G 83 64.54 68.48 37.45
N LYS G 84 65.72 69.01 37.78
CA LYS G 84 66.28 70.29 37.20
C LYS G 84 65.51 70.97 36.06
N LEU G 85 64.94 70.18 35.14
CA LEU G 85 64.21 70.78 34.01
C LEU G 85 62.74 70.71 34.02
N GLY G 86 62.16 70.05 35.00
CA GLY G 86 60.72 69.59 34.96
C GLY G 86 60.37 68.35 34.05
N ARG G 87 61.43 67.64 33.50
CA ARG G 87 61.26 66.35 32.84
C ARG G 87 60.61 65.54 34.04
N ILE G 88 59.53 64.88 33.68
CA ILE G 88 58.81 64.18 34.78
C ILE G 88 59.20 62.65 34.65
N CYS G 89 59.32 61.92 35.74
CA CYS G 89 59.78 60.56 35.50
C CYS G 89 58.62 59.54 35.88
N LEU G 90 58.26 58.56 35.03
CA LEU G 90 56.85 57.97 35.14
C LEU G 90 56.79 57.04 33.97
N ASP G 91 56.91 55.70 34.26
CA ASP G 91 56.55 54.47 33.41
C ASP G 91 55.44 54.85 32.42
N ILE G 92 54.25 55.12 32.96
CA ILE G 92 53.32 55.74 32.03
C ILE G 92 53.84 56.82 30.98
N LEU G 93 54.69 57.79 31.27
CA LEU G 93 55.16 58.61 30.10
C LEU G 93 56.26 57.85 29.51
N LYS G 94 56.90 56.97 30.24
CA LYS G 94 58.11 56.32 29.76
C LYS G 94 57.78 55.34 28.63
N ASP G 95 56.82 54.38 28.81
CA ASP G 95 56.80 53.07 28.03
C ASP G 95 56.08 51.87 28.84
N LYS G 96 55.67 52.07 30.07
CA LYS G 96 54.49 51.44 30.35
C LYS G 96 53.58 52.54 29.70
N TRP G 97 53.71 52.86 28.42
CA TRP G 97 52.60 53.68 27.87
C TRP G 97 51.75 52.73 27.03
N SER G 98 50.42 52.86 27.34
CA SER G 98 49.23 52.37 26.53
C SER G 98 48.17 53.38 25.90
N PRO G 99 47.65 53.00 24.65
CA PRO G 99 46.77 53.98 23.89
C PRO G 99 45.45 54.05 24.51
N ALA G 100 45.32 53.44 25.66
CA ALA G 100 44.00 53.35 26.18
C ALA G 100 43.95 54.03 27.53
N LEU G 101 45.15 54.37 28.02
CA LEU G 101 45.39 55.56 28.89
C LEU G 101 45.07 56.87 28.06
N GLN G 102 44.64 57.90 28.80
CA GLN G 102 44.52 59.30 28.28
C GLN G 102 45.11 60.33 29.30
N ILE G 103 45.20 61.56 28.79
CA ILE G 103 45.45 62.76 29.53
C ILE G 103 44.90 62.66 30.87
N ARG G 104 43.56 62.55 30.95
CA ARG G 104 42.95 62.65 32.30
C ARG G 104 43.73 61.71 33.18
N THR G 105 44.11 60.58 32.67
CA THR G 105 44.83 59.75 33.58
C THR G 105 46.13 60.45 34.01
N VAL G 106 46.78 61.07 33.03
CA VAL G 106 48.14 61.49 33.13
C VAL G 106 48.27 62.64 34.18
N LEU G 107 47.67 63.81 33.86
CA LEU G 107 47.16 64.72 35.00
C LEU G 107 46.97 64.02 36.34
N LEU G 108 46.11 62.99 36.35
CA LEU G 108 45.79 62.43 37.70
C LEU G 108 47.19 61.88 38.14
N SER G 109 47.82 60.99 37.32
CA SER G 109 48.93 60.27 38.02
C SER G 109 50.04 61.37 38.37
N ILE G 110 50.22 62.43 37.56
CA ILE G 110 50.77 63.71 38.18
C ILE G 110 50.19 64.30 39.55
N GLN G 111 48.91 64.72 39.60
CA GLN G 111 48.60 65.52 40.80
C GLN G 111 48.68 64.57 42.02
N ALA G 112 48.62 63.24 41.82
CA ALA G 112 49.00 62.15 42.76
C ALA G 112 50.45 62.17 42.91
N LEU G 113 51.10 61.85 41.82
CA LEU G 113 52.52 61.65 41.87
C LEU G 113 53.14 62.53 42.96
N LEU G 114 52.81 63.85 42.90
CA LEU G 114 53.04 64.88 43.92
C LEU G 114 53.04 64.27 45.32
N SER G 115 51.88 64.29 46.02
CA SER G 115 51.79 64.03 47.51
C SER G 115 52.19 62.56 47.92
N ALA G 116 52.73 61.85 46.91
CA ALA G 116 53.13 60.45 46.99
C ALA G 116 54.59 60.52 46.55
N PRO G 117 55.41 61.09 47.39
CA PRO G 117 56.60 61.23 46.51
C PRO G 117 57.63 60.02 46.43
N ASN G 118 57.34 58.86 45.72
CA ASN G 118 58.25 57.59 45.55
C ASN G 118 59.78 57.79 45.21
N PRO G 119 60.63 57.97 46.33
CA PRO G 119 62.04 58.40 46.19
C PRO G 119 62.89 57.20 45.62
N ASP G 120 62.25 56.01 45.49
CA ASP G 120 62.86 54.72 44.99
C ASP G 120 63.75 54.87 43.65
N ASP G 121 63.14 55.56 42.60
CA ASP G 121 63.40 55.64 41.03
C ASP G 121 64.18 54.57 40.09
N PRO G 122 65.59 54.58 40.05
CA PRO G 122 66.51 55.58 40.72
C PRO G 122 66.87 56.85 39.89
N ASN G 125 70.26 60.93 40.78
CA ASN G 125 69.41 61.97 41.29
C ASN G 125 69.03 61.85 42.79
N ASP G 126 69.63 62.81 43.45
CA ASP G 126 69.63 62.91 44.89
C ASP G 126 68.32 63.53 45.41
N VAL G 127 67.59 64.26 44.53
CA VAL G 127 66.44 65.06 45.02
C VAL G 127 65.72 64.06 45.79
N ALA G 128 65.92 62.82 45.29
CA ALA G 128 65.43 61.48 45.81
C ALA G 128 66.36 60.79 46.86
N GLU G 129 67.66 61.16 46.86
CA GLU G 129 68.66 60.77 47.88
C GLU G 129 68.00 60.97 49.25
N GLN G 130 68.60 61.80 50.10
CA GLN G 130 67.94 62.99 50.73
C GLN G 130 66.42 62.91 50.90
N TRP G 131 65.72 62.59 49.80
CA TRP G 131 64.35 62.26 49.97
C TRP G 131 64.36 61.05 51.05
N LYS G 132 64.62 59.81 50.56
CA LYS G 132 65.33 58.77 51.39
C LYS G 132 66.28 59.25 52.69
N THR G 133 67.60 59.50 52.54
CA THR G 133 68.47 59.83 53.68
C THR G 133 68.05 60.90 54.71
N ASN G 134 67.32 61.96 54.33
CA ASN G 134 66.94 63.07 55.31
C ASN G 134 65.57 63.77 55.11
N GLU G 135 64.56 63.06 55.54
CA GLU G 135 63.13 63.43 55.30
C GLU G 135 62.70 64.83 55.88
N ALA G 136 63.24 65.27 57.01
CA ALA G 136 63.02 66.69 57.46
C ALA G 136 63.37 67.85 56.42
N GLN G 137 64.63 67.84 55.90
CA GLN G 137 65.14 68.94 55.04
C GLN G 137 64.29 68.87 53.78
N ALA G 138 64.61 67.99 52.84
CA ALA G 138 63.52 67.51 51.93
C ALA G 138 62.20 68.42 51.92
N ILE G 139 61.35 68.24 53.03
CA ILE G 139 59.96 68.90 53.18
C ILE G 139 59.80 70.48 53.23
N GLU G 140 60.52 71.14 54.17
CA GLU G 140 60.79 72.66 54.15
C GLU G 140 61.40 72.88 52.71
N THR G 141 62.78 73.11 52.62
CA THR G 141 63.41 73.03 51.29
C THR G 141 62.38 73.09 50.16
N ALA G 142 61.50 72.06 50.11
CA ALA G 142 60.41 71.93 49.07
C ALA G 142 59.41 73.06 49.16
N ARG G 143 58.90 73.14 50.40
CA ARG G 143 57.85 74.02 50.85
C ARG G 143 58.28 75.51 50.89
N ALA G 144 59.55 75.83 51.21
CA ALA G 144 60.15 77.13 50.85
C ALA G 144 59.81 77.17 49.32
N TRP G 145 60.74 76.73 48.46
CA TRP G 145 60.49 76.44 47.01
C TRP G 145 59.16 76.75 46.26
N THR G 146 58.14 75.93 46.65
CA THR G 146 56.76 76.30 46.76
C THR G 146 56.48 77.82 47.02
N ARG G 147 57.04 78.47 48.10
CA ARG G 147 57.13 79.99 48.23
C ARG G 147 58.01 80.67 47.09
N LEU G 148 59.36 80.52 47.07
CA LEU G 148 60.13 81.04 45.92
C LEU G 148 59.23 81.11 44.59
N TYR G 149 58.60 79.97 44.17
CA TYR G 149 58.52 79.66 42.75
C TYR G 149 57.12 79.21 42.25
N ALA G 150 56.33 78.69 43.20
CA ALA G 150 55.01 78.20 42.94
C ALA G 150 54.06 79.30 43.45
N MET G 151 54.63 80.40 43.98
CA MET G 151 53.73 81.29 44.72
C MET G 151 53.50 82.67 44.13
N ASN G 152 52.19 83.00 43.97
CA ASN G 152 51.65 83.83 42.79
C ASN G 152 52.66 84.24 41.54
N ASN G 153 52.87 83.15 40.73
CA ASN G 153 52.95 83.07 39.23
C ASN G 153 51.29 82.94 39.00
N ILE G 154 50.69 84.18 39.30
CA ILE G 154 49.28 84.79 38.97
C ILE G 154 49.08 84.51 37.44
N VAL H 4 51.73 69.48 12.09
CA VAL H 4 51.75 69.50 13.59
C VAL H 4 52.78 70.48 14.18
N LYS H 5 52.53 71.35 15.21
CA LYS H 5 53.82 72.02 15.76
C LYS H 5 54.50 71.30 17.02
N VAL H 6 55.68 70.55 16.93
CA VAL H 6 56.35 69.98 18.19
C VAL H 6 56.78 71.36 18.70
N PRO H 7 56.28 71.82 19.90
CA PRO H 7 56.63 73.28 20.37
C PRO H 7 57.93 73.40 21.31
N ARG H 8 58.34 74.65 21.58
CA ARG H 8 59.71 74.96 21.58
C ARG H 8 60.28 74.12 22.71
N ASN H 9 59.54 73.94 23.80
CA ASN H 9 60.43 73.42 24.84
C ASN H 9 60.90 71.93 24.66
N PHE H 10 59.83 71.12 24.44
CA PHE H 10 59.79 69.72 23.96
C PHE H 10 60.76 69.37 22.84
N ARG H 11 60.83 70.23 21.83
CA ARG H 11 61.81 70.10 20.88
C ARG H 11 63.19 70.23 21.45
N LEU H 12 63.40 71.34 22.20
CA LEU H 12 64.78 71.62 22.57
C LEU H 12 65.15 70.40 23.40
N LEU H 13 64.19 69.99 24.24
CA LEU H 13 64.41 68.73 25.03
C LEU H 13 64.92 67.45 24.33
N GLU H 14 64.25 67.16 23.19
CA GLU H 14 64.86 66.21 22.32
C GLU H 14 66.26 66.59 21.93
N GLU H 15 66.45 67.88 21.60
CA GLU H 15 67.84 68.31 21.23
C GLU H 15 68.87 68.17 22.36
N LEU H 16 68.42 68.40 23.57
CA LEU H 16 69.23 67.99 24.71
C LEU H 16 69.78 66.59 24.67
N GLU H 17 68.74 65.77 24.85
CA GLU H 17 68.75 64.35 24.61
C GLU H 17 69.76 63.89 23.49
N GLU H 18 69.40 64.18 22.27
CA GLU H 18 70.27 63.80 21.27
C GLU H 18 71.67 64.24 21.51
N GLY H 19 71.83 65.45 22.16
CA GLY H 19 73.13 66.20 22.25
C GLY H 19 73.90 65.29 23.18
N GLN H 20 73.27 64.82 24.30
CA GLN H 20 73.85 63.72 25.22
C GLN H 20 74.27 62.36 24.59
N LYS H 21 73.40 61.72 23.76
CA LYS H 21 73.75 60.48 23.08
C LYS H 21 74.99 60.62 22.22
N GLY H 22 75.43 61.89 22.06
CA GLY H 22 76.51 62.26 21.11
C GLY H 22 75.75 62.14 19.76
N VAL H 23 76.39 62.67 18.68
CA VAL H 23 75.90 62.15 17.39
C VAL H 23 76.87 61.94 16.37
N GLY H 24 76.70 60.79 15.66
CA GLY H 24 77.48 60.43 14.45
C GLY H 24 78.88 60.15 14.96
N ASP H 25 79.86 60.51 14.11
CA ASP H 25 81.27 60.25 14.36
C ASP H 25 81.57 61.46 15.24
N GLY H 26 82.77 61.59 15.84
CA GLY H 26 82.87 62.67 16.88
C GLY H 26 82.96 64.16 16.32
N THR H 27 81.93 65.00 16.26
CA THR H 27 82.32 66.11 15.34
C THR H 27 81.45 67.33 15.46
N VAL H 28 80.55 67.29 16.42
CA VAL H 28 79.68 68.34 16.49
C VAL H 28 79.01 68.01 17.75
N SER H 29 79.65 68.40 18.81
CA SER H 29 78.92 68.36 20.07
C SER H 29 77.93 69.48 20.31
N TRP H 30 77.10 69.40 21.31
CA TRP H 30 76.39 70.59 21.74
C TRP H 30 75.67 70.23 23.00
N GLY H 31 75.22 71.19 23.84
CA GLY H 31 74.95 70.96 25.23
C GLY H 31 74.18 72.13 25.76
N LEU H 32 73.24 71.91 26.67
CA LEU H 32 72.88 72.94 27.49
C LEU H 32 74.13 73.68 28.01
N GLU H 33 73.84 74.88 28.46
CA GLU H 33 75.04 75.66 28.73
C GLU H 33 74.90 75.93 30.16
N ASP H 34 73.65 76.08 30.60
CA ASP H 34 73.42 76.14 31.96
C ASP H 34 72.25 75.22 32.24
N ASP H 35 72.58 74.04 32.82
CA ASP H 35 71.57 72.96 33.03
C ASP H 35 71.04 73.22 34.35
N GLU H 36 69.88 73.87 34.31
CA GLU H 36 69.06 74.31 35.45
C GLU H 36 68.29 75.48 34.82
N ASP H 37 68.77 75.93 33.65
CA ASP H 37 68.07 76.94 32.90
C ASP H 37 66.79 76.22 32.41
N MET H 38 65.65 76.38 33.07
CA MET H 38 64.44 75.93 32.46
C MET H 38 64.15 76.69 31.18
N THR H 39 64.63 77.90 30.90
CA THR H 39 64.12 78.47 29.59
C THR H 39 64.60 77.65 28.36
N LEU H 40 65.61 76.81 28.70
CA LEU H 40 66.51 76.16 27.80
C LEU H 40 67.07 77.13 26.76
N THR H 41 67.46 78.35 27.23
CA THR H 41 67.80 79.38 26.27
C THR H 41 69.20 79.34 25.79
N ARG H 42 70.18 79.11 26.60
CA ARG H 42 71.31 79.03 25.78
C ARG H 42 72.06 77.77 25.79
N TRP H 43 72.89 77.57 24.77
CA TRP H 43 73.48 76.34 24.57
C TRP H 43 74.82 76.52 24.13
N THR H 44 75.57 75.43 24.19
CA THR H 44 76.93 75.43 23.80
C THR H 44 77.29 74.57 22.68
N GLY H 45 77.91 75.06 21.61
CA GLY H 45 78.50 74.18 20.69
C GLY H 45 79.93 73.80 20.65
N MET H 46 80.20 72.65 20.02
CA MET H 46 81.57 72.55 19.51
C MET H 46 81.78 71.98 18.13
N ILE H 47 82.89 72.19 17.46
CA ILE H 47 82.98 71.65 16.15
C ILE H 47 84.40 71.24 15.95
N LEU H 48 84.86 70.02 15.60
CA LEU H 48 86.35 69.93 15.27
C LEU H 48 86.65 70.38 13.89
N GLY H 49 87.86 70.43 13.51
CA GLY H 49 88.01 70.93 12.17
C GLY H 49 88.07 69.84 11.15
N PRO H 50 87.18 69.89 10.16
CA PRO H 50 87.12 68.96 8.98
C PRO H 50 88.54 68.82 8.41
N PRO H 51 89.06 67.55 8.08
CA PRO H 51 90.46 67.53 7.53
C PRO H 51 90.65 68.03 6.05
N ARG H 52 91.92 68.06 5.61
CA ARG H 52 92.25 68.43 4.26
C ARG H 52 91.88 69.98 3.99
N THR H 53 91.22 70.68 4.96
CA THR H 53 91.16 72.26 5.12
C THR H 53 92.38 72.91 5.89
N ILE H 54 92.66 74.22 5.82
CA ILE H 54 93.50 74.83 6.89
C ILE H 54 92.80 74.77 8.28
N TYR H 55 91.57 74.40 8.46
CA TYR H 55 91.11 74.34 9.82
C TYR H 55 91.33 72.96 10.54
N GLU H 56 92.26 72.08 10.07
CA GLU H 56 92.00 70.63 10.52
C GLU H 56 92.20 70.33 12.07
N ASN H 57 91.38 69.50 12.68
CA ASN H 57 91.56 69.28 14.13
C ASN H 57 91.48 70.38 15.16
N ARG H 58 91.44 71.68 14.72
CA ARG H 58 91.07 72.78 15.61
C ARG H 58 89.63 72.59 16.26
N ILE H 59 89.46 72.67 17.59
CA ILE H 59 88.14 72.65 18.30
C ILE H 59 87.52 73.96 18.31
N TYR H 60 86.27 74.20 18.12
CA TYR H 60 85.83 75.50 18.22
C TYR H 60 84.77 75.59 19.17
N SER H 61 84.67 76.71 19.84
CA SER H 61 83.55 76.68 20.79
C SER H 61 82.48 77.58 20.38
N LEU H 62 81.31 77.47 20.89
CA LEU H 62 80.47 78.35 20.20
C LEU H 62 79.26 78.63 21.03
N LYS H 63 78.42 79.56 20.67
CA LYS H 63 77.35 79.70 21.67
C LYS H 63 76.24 80.04 20.86
N ILE H 64 75.10 79.44 21.21
CA ILE H 64 73.83 79.46 20.53
C ILE H 64 72.81 79.75 21.54
N GLU H 65 71.94 80.58 21.07
CA GLU H 65 70.79 80.97 21.80
C GLU H 65 69.52 81.01 21.04
N CYS H 66 68.47 80.61 21.71
CA CYS H 66 67.29 80.17 21.13
C CYS H 66 66.13 80.90 21.55
N GLY H 67 65.80 81.92 20.76
CA GLY H 67 64.68 82.77 20.93
C GLY H 67 63.48 82.16 21.54
N PRO H 68 62.55 83.01 22.02
CA PRO H 68 61.38 82.31 22.53
C PRO H 68 60.54 81.96 21.34
N LYS H 69 61.10 81.42 20.27
CA LYS H 69 60.31 81.14 19.00
C LYS H 69 61.03 80.08 18.21
N TYR H 70 61.93 79.36 18.85
CA TYR H 70 62.61 78.46 18.09
C TYR H 70 61.61 77.25 18.10
N PRO H 71 61.67 76.35 17.10
CA PRO H 71 62.48 76.35 15.91
C PRO H 71 61.89 77.05 14.68
N GLU H 72 60.70 77.67 14.91
CA GLU H 72 60.09 78.68 14.00
C GLU H 72 61.08 79.70 13.49
N ALA H 73 62.04 80.20 14.28
CA ALA H 73 62.96 81.25 13.81
C ALA H 73 64.43 80.83 13.98
N PRO H 74 65.46 81.41 13.30
CA PRO H 74 66.80 80.80 13.59
C PRO H 74 67.32 80.97 14.84
N PRO H 75 68.32 80.23 15.16
CA PRO H 75 68.76 80.64 16.47
C PRO H 75 70.09 81.49 16.36
N PHE H 76 70.39 82.41 17.29
CA PHE H 76 71.67 83.20 17.27
C PHE H 76 72.85 82.39 17.51
N VAL H 77 73.82 82.40 16.65
CA VAL H 77 75.02 81.60 16.86
C VAL H 77 76.25 82.48 16.90
N ARG H 78 77.22 82.15 17.74
CA ARG H 78 78.43 82.85 17.63
C ARG H 78 79.66 82.03 17.89
N PHE H 79 80.74 82.46 17.40
CA PHE H 79 81.91 81.79 17.81
C PHE H 79 82.56 82.40 19.03
N VAL H 80 83.12 81.52 19.83
CA VAL H 80 83.80 81.84 20.99
C VAL H 80 85.28 81.67 20.68
N THR H 81 85.68 80.48 20.20
CA THR H 81 87.06 80.35 19.67
C THR H 81 87.21 81.21 18.48
N LYS H 82 88.37 81.75 18.23
CA LYS H 82 88.56 82.66 17.07
C LYS H 82 88.77 81.65 16.00
N ILE H 83 88.12 81.94 14.85
CA ILE H 83 88.55 81.49 13.46
C ILE H 83 88.41 82.75 12.56
N ASN H 84 89.26 82.91 11.51
CA ASN H 84 88.93 83.62 10.27
C ASN H 84 87.92 82.81 9.36
N MET H 85 86.89 83.40 8.68
CA MET H 85 85.88 82.60 7.82
C MET H 85 84.57 83.40 7.38
N ASN H 86 84.07 83.20 6.14
CA ASN H 86 83.02 84.05 5.59
C ASN H 86 81.77 83.80 6.42
N GLY H 87 81.17 84.86 6.99
CA GLY H 87 79.90 84.91 7.67
C GLY H 87 80.12 84.99 9.11
N VAL H 88 81.31 84.69 9.53
CA VAL H 88 81.72 84.93 10.93
C VAL H 88 82.58 86.25 11.03
N ASN H 89 81.97 87.22 11.71
CA ASN H 89 82.59 88.48 12.04
C ASN H 89 84.01 88.52 12.62
N SER H 90 84.83 89.44 12.15
CA SER H 90 86.23 89.16 12.43
C SER H 90 86.62 89.41 13.88
N SER H 91 85.73 90.26 14.47
CA SER H 91 85.92 91.02 15.73
C SER H 91 85.17 90.40 16.80
N ASN H 92 84.00 89.86 16.53
CA ASN H 92 83.37 89.16 17.63
C ASN H 92 83.03 87.65 17.47
N GLY H 93 83.48 86.97 16.42
CA GLY H 93 82.70 85.80 16.02
C GLY H 93 81.16 85.71 15.84
N VAL H 94 80.37 86.74 15.99
CA VAL H 94 79.00 86.55 15.63
C VAL H 94 78.82 86.02 14.20
N VAL H 95 77.70 85.50 13.83
CA VAL H 95 77.66 84.79 12.56
C VAL H 95 76.50 85.28 11.80
N ASP H 96 76.63 85.51 10.55
CA ASP H 96 75.58 86.28 9.93
C ASP H 96 74.53 85.43 9.42
N PRO H 97 73.30 85.51 9.89
CA PRO H 97 72.59 84.33 9.32
C PRO H 97 72.51 84.51 7.79
N ARG H 98 72.73 85.66 7.17
CA ARG H 98 72.58 85.61 5.76
C ARG H 98 73.80 85.25 5.00
N ALA H 99 74.93 84.85 5.60
CA ALA H 99 76.13 84.24 4.90
C ALA H 99 75.90 82.71 4.75
N ILE H 100 74.79 82.28 5.29
CA ILE H 100 74.80 80.93 5.38
C ILE H 100 73.36 80.20 5.31
N SER H 101 73.21 79.38 4.24
CA SER H 101 72.02 78.80 3.74
C SER H 101 71.09 78.45 4.78
N VAL H 102 71.58 77.57 5.57
CA VAL H 102 70.75 77.05 6.54
C VAL H 102 70.01 78.09 7.46
N LEU H 103 70.55 79.29 7.69
CA LEU H 103 69.82 80.27 8.58
C LEU H 103 69.07 81.27 7.82
N ALA H 104 69.72 81.59 6.71
CA ALA H 104 69.20 82.37 5.67
C ALA H 104 67.79 81.82 5.26
N LYS H 105 67.72 80.55 4.96
CA LYS H 105 66.51 80.11 4.49
C LYS H 105 66.27 78.96 5.41
N TRP H 106 66.48 79.24 6.69
CA TRP H 106 66.09 78.38 7.79
C TRP H 106 64.73 77.86 7.65
N GLN H 107 64.34 76.88 8.41
CA GLN H 107 63.12 76.01 8.22
C GLN H 107 62.90 75.27 9.53
N ASN H 108 61.72 75.02 10.06
CA ASN H 108 61.74 74.57 11.37
C ASN H 108 62.00 73.15 11.69
N SER H 109 62.05 72.36 10.66
CA SER H 109 62.54 71.03 10.75
C SER H 109 64.07 71.21 11.18
N TYR H 110 64.65 72.39 11.51
CA TYR H 110 66.06 72.20 11.93
C TYR H 110 66.54 72.32 13.33
N SER H 111 67.83 72.38 13.52
CA SER H 111 68.27 72.04 14.76
C SER H 111 69.58 72.73 15.17
N ILE H 112 69.88 72.85 16.47
CA ILE H 112 71.28 73.24 16.67
C ILE H 112 72.30 72.42 15.79
N LYS H 113 71.94 71.10 15.70
CA LYS H 113 72.98 70.10 15.24
C LYS H 113 73.29 70.37 13.76
N VAL H 114 72.21 70.83 13.15
CA VAL H 114 72.26 70.91 11.75
C VAL H 114 73.08 72.10 11.42
N VAL H 115 72.68 73.22 12.05
CA VAL H 115 73.58 74.39 12.11
C VAL H 115 75.06 74.00 12.35
N LEU H 116 75.38 73.31 13.41
CA LEU H 116 76.78 73.00 13.46
C LEU H 116 77.44 72.39 12.24
N GLN H 117 76.74 71.38 11.61
CA GLN H 117 77.44 70.49 10.65
C GLN H 117 77.53 71.34 9.41
N GLU H 118 76.45 72.07 9.34
CA GLU H 118 76.51 73.04 8.37
C GLU H 118 77.65 74.09 8.37
N LEU H 119 78.15 74.51 9.57
CA LEU H 119 79.31 75.42 9.48
C LEU H 119 80.49 74.60 9.28
N ARG H 120 80.41 73.34 9.79
CA ARG H 120 81.53 72.36 9.69
C ARG H 120 81.89 72.01 8.25
N ARG H 121 80.86 71.65 7.47
CA ARG H 121 80.93 71.58 5.98
C ARG H 121 81.59 72.84 5.34
N LEU H 122 80.87 73.99 5.51
CA LEU H 122 81.24 75.30 5.00
C LEU H 122 82.68 75.67 4.99
N MET H 123 83.46 74.98 5.83
CA MET H 123 84.91 75.22 5.90
C MET H 123 85.62 74.40 4.91
N MET H 124 84.86 73.58 4.16
CA MET H 124 85.51 72.82 3.13
C MET H 124 85.63 73.57 1.85
N SER H 125 84.70 74.49 1.71
CA SER H 125 84.50 75.35 0.56
C SER H 125 85.56 76.19 -0.01
N LYS H 126 85.68 76.08 -1.33
CA LYS H 126 86.72 76.74 -2.09
C LYS H 126 87.14 77.84 -1.16
N GLU H 127 86.20 78.72 -0.78
CA GLU H 127 86.50 80.08 -0.29
C GLU H 127 86.88 80.34 1.23
N ASN H 128 86.59 79.38 2.11
CA ASN H 128 87.11 79.34 3.48
C ASN H 128 88.40 78.57 3.74
N MET H 129 88.36 77.35 3.19
CA MET H 129 89.38 76.35 3.00
C MET H 129 90.82 76.77 2.97
N LYS H 130 91.20 77.75 2.20
CA LYS H 130 92.58 78.21 2.31
C LYS H 130 92.82 79.53 3.17
N LEU H 131 91.80 80.03 3.92
CA LEU H 131 91.92 81.37 4.72
C LEU H 131 92.99 81.44 5.93
N PRO H 132 93.92 82.47 5.94
CA PRO H 132 95.12 82.38 6.82
C PRO H 132 94.55 82.39 8.24
N GLN H 133 95.13 81.70 9.26
CA GLN H 133 94.31 81.58 10.56
C GLN H 133 94.86 82.24 11.81
N PRO H 134 93.99 82.62 12.75
CA PRO H 134 94.42 82.85 14.16
C PRO H 134 95.28 81.81 14.71
N PRO H 135 96.32 82.23 15.40
CA PRO H 135 96.95 81.33 16.39
C PRO H 135 95.98 80.64 17.37
N GLU H 136 96.50 79.63 18.06
CA GLU H 136 95.42 78.69 18.42
C GLU H 136 94.75 78.90 19.73
N GLY H 137 93.53 78.34 19.89
CA GLY H 137 92.44 78.75 20.92
C GLY H 137 92.90 80.25 21.26
N GLN H 138 92.45 81.28 20.49
CA GLN H 138 92.23 82.44 21.33
C GLN H 138 90.71 82.32 21.41
N CYS H 139 90.10 83.47 21.59
CA CYS H 139 88.90 83.80 22.32
C CYS H 139 88.66 85.25 22.02
N TYR H 140 87.41 85.62 21.69
CA TYR H 140 86.99 86.98 21.18
C TYR H 140 86.74 87.64 22.48
N SER H 141 86.96 88.96 22.63
CA SER H 141 86.80 89.50 24.01
C SER H 141 85.40 90.15 24.39
N ASN H 142 84.79 89.70 25.50
CA ASN H 142 83.33 90.05 25.62
C ASN H 142 82.99 90.44 27.08
N ASP I 1 -13.07 -44.75 -14.21
CA ASP I 1 -14.07 -45.29 -15.25
C ASP I 1 -15.46 -45.24 -14.47
N ILE I 2 -16.23 -44.17 -14.66
CA ILE I 2 -17.75 -44.08 -14.35
C ILE I 2 -17.72 -42.89 -15.22
N PRO I 3 -18.04 -43.11 -16.46
CA PRO I 3 -17.53 -42.04 -17.26
C PRO I 3 -18.54 -40.92 -16.93
N ASP I 4 -18.12 -39.68 -17.29
CA ASP I 4 -18.72 -38.47 -16.69
C ASP I 4 -20.06 -38.34 -17.10
N TYR I 5 -20.20 -38.44 -18.43
CA TYR I 5 -21.58 -38.79 -19.02
C TYR I 5 -22.58 -39.62 -18.33
N LEU I 6 -22.31 -40.40 -17.28
CA LEU I 6 -23.39 -41.20 -16.76
C LEU I 6 -23.84 -40.67 -15.44
N CYS I 7 -23.58 -39.35 -15.26
CA CYS I 7 -23.61 -38.69 -13.95
C CYS I 7 -24.69 -37.71 -13.68
N GLY I 8 -25.36 -37.64 -12.53
CA GLY I 8 -26.30 -36.40 -12.17
C GLY I 8 -25.50 -35.15 -12.46
N LYS I 9 -26.23 -34.26 -12.98
CA LYS I 9 -25.50 -32.97 -13.14
C LYS I 9 -25.47 -32.11 -11.88
N ILE I 10 -26.52 -31.91 -11.14
CA ILE I 10 -26.41 -31.94 -9.80
C ILE I 10 -25.74 -33.25 -9.15
N SER I 11 -26.36 -34.38 -9.09
CA SER I 11 -25.61 -35.31 -8.15
C SER I 11 -24.19 -35.86 -8.53
N PHE I 12 -23.71 -35.96 -9.75
CA PHE I 12 -22.24 -36.16 -9.80
C PHE I 12 -21.70 -37.57 -9.65
N GLU I 13 -22.55 -38.42 -9.25
CA GLU I 13 -22.56 -39.82 -9.37
C GLU I 13 -23.40 -40.54 -10.54
N LEU I 14 -23.66 -41.85 -10.37
CA LEU I 14 -24.06 -42.65 -11.48
C LEU I 14 -25.56 -42.43 -11.45
N MET I 15 -26.35 -42.35 -12.58
CA MET I 15 -27.76 -41.88 -12.41
C MET I 15 -28.65 -42.96 -12.02
N ARG I 16 -29.24 -42.99 -10.89
CA ARG I 16 -30.25 -44.01 -10.86
C ARG I 16 -31.59 -43.78 -11.56
N GLU I 17 -32.14 -42.66 -11.89
CA GLU I 17 -33.47 -42.78 -12.53
C GLU I 17 -33.38 -41.60 -13.55
N PRO I 18 -32.60 -41.78 -14.64
CA PRO I 18 -32.33 -40.68 -15.53
C PRO I 18 -33.55 -39.86 -15.98
N CYS I 19 -33.85 -38.54 -15.64
CA CYS I 19 -34.83 -37.77 -16.53
C CYS I 19 -34.31 -36.52 -17.10
N ILE I 20 -34.92 -36.16 -18.26
CA ILE I 20 -34.36 -35.23 -19.29
C ILE I 20 -35.41 -34.18 -19.35
N THR I 21 -35.01 -33.09 -19.91
CA THR I 21 -35.61 -31.79 -19.66
C THR I 21 -35.70 -31.18 -21.02
N PRO I 22 -36.69 -30.38 -21.27
CA PRO I 22 -36.97 -29.65 -22.51
C PRO I 22 -35.78 -29.07 -22.97
N SER I 23 -34.99 -28.42 -22.23
CA SER I 23 -33.82 -28.03 -23.03
C SER I 23 -32.94 -29.17 -23.33
N GLY I 24 -33.27 -30.33 -22.79
CA GLY I 24 -32.48 -31.50 -23.12
C GLY I 24 -31.30 -31.92 -22.36
N ILE I 25 -31.58 -31.85 -21.09
CA ILE I 25 -30.53 -32.01 -20.17
C ILE I 25 -31.03 -33.09 -19.27
N THR I 26 -30.06 -33.95 -18.93
CA THR I 26 -30.47 -35.13 -18.05
C THR I 26 -29.88 -35.09 -16.62
N TYR I 27 -30.71 -35.32 -15.69
CA TYR I 27 -30.49 -35.38 -14.32
C TYR I 27 -30.90 -36.71 -13.67
N ASP I 28 -30.31 -37.14 -12.59
CA ASP I 28 -31.02 -37.98 -11.74
C ASP I 28 -32.30 -37.41 -11.26
N ARG I 29 -33.37 -38.01 -11.73
CA ARG I 29 -34.60 -37.69 -11.11
C ARG I 29 -34.61 -37.10 -9.66
N LYS I 30 -34.18 -37.76 -8.52
CA LYS I 30 -34.22 -37.13 -7.07
C LYS I 30 -33.77 -35.67 -7.03
N ASP I 31 -32.82 -35.36 -7.85
CA ASP I 31 -32.04 -34.17 -7.70
C ASP I 31 -32.63 -33.06 -8.31
N ILE I 32 -32.54 -32.98 -9.59
CA ILE I 32 -33.64 -32.23 -10.22
C ILE I 32 -34.89 -32.14 -9.44
N GLU I 33 -35.21 -33.18 -8.79
CA GLU I 33 -36.43 -32.76 -8.09
C GLU I 33 -36.30 -31.75 -6.90
N GLU I 34 -35.32 -32.05 -5.99
CA GLU I 34 -34.90 -31.20 -4.84
C GLU I 34 -34.75 -29.96 -5.42
N HIS I 35 -33.89 -29.88 -6.40
CA HIS I 35 -33.59 -28.60 -6.95
C HIS I 35 -34.82 -27.73 -7.28
N LEU I 36 -35.81 -28.36 -7.84
CA LEU I 36 -36.92 -27.61 -8.12
C LEU I 36 -37.73 -27.13 -6.90
N GLN I 37 -38.10 -27.94 -5.87
CA GLN I 37 -38.78 -27.36 -4.75
C GLN I 37 -37.65 -26.70 -3.96
N ARG I 38 -36.41 -26.64 -4.30
CA ARG I 38 -35.86 -25.86 -3.23
C ARG I 38 -35.09 -24.75 -3.66
N VAL I 39 -34.71 -24.68 -4.87
CA VAL I 39 -33.97 -23.55 -5.23
C VAL I 39 -34.86 -22.90 -6.19
N GLY I 40 -36.09 -23.37 -6.44
CA GLY I 40 -36.93 -22.92 -7.69
C GLY I 40 -37.07 -23.49 -9.17
N HIS I 41 -38.24 -23.30 -9.78
CA HIS I 41 -38.51 -23.64 -11.14
C HIS I 41 -37.71 -23.21 -12.20
N PHE I 42 -36.53 -23.72 -12.31
CA PHE I 42 -35.85 -23.56 -13.51
C PHE I 42 -34.65 -24.58 -13.80
N ASN I 43 -34.33 -24.74 -15.05
CA ASN I 43 -33.40 -25.78 -15.40
C ASN I 43 -32.05 -25.36 -14.93
N PRO I 44 -31.41 -26.08 -14.06
CA PRO I 44 -30.09 -25.84 -13.49
C PRO I 44 -29.13 -25.60 -14.46
N VAL I 45 -29.31 -25.87 -15.66
CA VAL I 45 -28.06 -25.68 -16.37
C VAL I 45 -28.43 -24.61 -17.41
N THR I 46 -29.68 -24.41 -17.74
CA THR I 46 -29.82 -23.58 -18.93
C THR I 46 -30.56 -22.40 -18.36
N ARG I 47 -30.95 -22.51 -17.11
CA ARG I 47 -31.75 -21.41 -16.49
C ARG I 47 -32.97 -21.26 -17.23
N SER I 48 -33.10 -21.97 -18.30
CA SER I 48 -34.47 -21.94 -18.82
C SER I 48 -35.65 -22.35 -17.88
N PRO I 49 -36.85 -21.78 -17.94
CA PRO I 49 -38.04 -22.16 -16.97
C PRO I 49 -38.44 -23.65 -16.74
N LEU I 50 -39.14 -24.12 -15.75
CA LEU I 50 -39.06 -25.56 -15.65
C LEU I 50 -39.77 -26.10 -14.60
N THR I 51 -40.58 -27.09 -14.83
CA THR I 51 -41.13 -27.65 -13.66
C THR I 51 -41.20 -29.18 -13.66
N GLN I 52 -41.71 -29.68 -12.59
CA GLN I 52 -41.57 -30.96 -12.20
C GLN I 52 -42.52 -31.65 -13.23
N GLU I 53 -43.79 -31.19 -13.45
CA GLU I 53 -44.46 -31.81 -14.74
C GLU I 53 -43.62 -31.88 -16.01
N GLN I 54 -42.50 -31.31 -16.19
CA GLN I 54 -42.16 -31.27 -17.55
C GLN I 54 -41.01 -32.15 -17.71
N LEU I 55 -40.82 -33.08 -16.75
CA LEU I 55 -39.55 -33.95 -16.73
C LEU I 55 -39.80 -35.21 -17.41
N ILE I 56 -38.93 -35.60 -18.31
CA ILE I 56 -39.20 -36.96 -18.99
C ILE I 56 -38.17 -38.05 -18.73
N PRO I 57 -38.62 -39.32 -18.34
CA PRO I 57 -37.86 -40.51 -18.03
C PRO I 57 -36.98 -40.72 -19.21
N ASN I 58 -35.68 -40.54 -19.19
CA ASN I 58 -34.86 -40.73 -20.29
C ASN I 58 -34.53 -42.22 -20.30
N LEU I 59 -35.50 -43.18 -20.25
CA LEU I 59 -35.40 -44.69 -20.61
C LEU I 59 -34.23 -45.09 -21.56
N ALA I 60 -33.84 -44.32 -22.58
CA ALA I 60 -32.68 -44.85 -23.15
C ALA I 60 -31.36 -44.70 -22.35
N MET I 61 -31.22 -43.75 -21.37
CA MET I 61 -29.99 -43.67 -20.63
C MET I 61 -30.11 -44.70 -19.48
N LYS I 62 -31.34 -44.96 -18.99
CA LYS I 62 -31.53 -46.09 -18.03
C LYS I 62 -30.88 -47.43 -18.54
N GLU I 63 -31.16 -47.75 -19.84
CA GLU I 63 -30.51 -48.85 -20.50
C GLU I 63 -29.05 -48.65 -20.59
N VAL I 64 -28.54 -47.55 -21.09
CA VAL I 64 -27.06 -47.40 -21.05
C VAL I 64 -26.52 -47.69 -19.73
N ILE I 65 -27.31 -47.53 -18.69
CA ILE I 65 -26.77 -47.68 -17.37
C ILE I 65 -26.85 -49.18 -16.92
N ASP I 66 -28.07 -49.74 -16.49
CA ASP I 66 -28.49 -51.09 -16.83
C ASP I 66 -27.36 -51.72 -17.59
N ALA I 67 -27.20 -51.66 -18.92
CA ALA I 67 -25.96 -52.20 -19.50
C ALA I 67 -24.79 -52.00 -18.70
N PHE I 68 -23.98 -51.01 -19.01
CA PHE I 68 -22.86 -50.69 -18.13
C PHE I 68 -22.86 -51.32 -16.64
N ILE I 69 -23.93 -51.23 -15.82
CA ILE I 69 -23.94 -51.94 -14.47
C ILE I 69 -23.51 -53.42 -14.37
N SER I 70 -24.20 -54.31 -15.04
CA SER I 70 -23.59 -55.64 -14.82
C SER I 70 -22.96 -55.64 -16.16
N GLU I 71 -21.69 -55.98 -16.15
CA GLU I 71 -20.79 -55.75 -17.23
C GLU I 71 -19.71 -55.10 -16.30
N ASN I 72 -20.04 -54.24 -15.29
CA ASN I 72 -18.94 -53.66 -14.35
C ASN I 72 -19.17 -53.56 -12.80
N GLY I 73 -20.34 -54.08 -12.31
CA GLY I 73 -21.24 -53.42 -11.27
C GLY I 73 -20.40 -52.64 -10.28
N TRP I 74 -20.61 -51.29 -9.98
CA TRP I 74 -19.55 -50.54 -8.98
C TRP I 74 -19.82 -50.63 -7.41
N VAL I 75 -20.74 -51.49 -6.95
N ASP J 1 -21.20 -55.42 -33.76
CA ASP J 1 -21.00 -54.93 -32.29
C ASP J 1 -22.17 -54.06 -31.64
N ILE J 2 -22.67 -53.04 -32.38
CA ILE J 2 -23.70 -52.05 -31.92
C ILE J 2 -24.63 -52.63 -30.91
N PRO J 3 -24.52 -52.22 -29.64
CA PRO J 3 -25.57 -52.66 -28.69
C PRO J 3 -26.94 -52.22 -29.11
N ASP J 4 -28.01 -52.83 -28.62
CA ASP J 4 -29.23 -52.35 -29.16
C ASP J 4 -29.61 -51.04 -28.78
N TYR J 5 -29.71 -50.91 -27.43
CA TYR J 5 -29.83 -49.58 -26.74
C TYR J 5 -29.03 -48.41 -27.40
N LEU J 6 -28.13 -48.55 -28.39
CA LEU J 6 -27.72 -47.40 -29.10
C LEU J 6 -28.34 -47.25 -30.48
N CYS J 7 -29.56 -47.79 -30.67
CA CYS J 7 -30.24 -47.64 -32.03
C CYS J 7 -31.59 -47.20 -32.19
N GLY J 8 -31.91 -46.72 -33.38
CA GLY J 8 -33.31 -46.31 -33.86
C GLY J 8 -34.37 -47.19 -33.28
N LYS J 9 -35.50 -46.72 -32.85
CA LYS J 9 -36.40 -47.75 -32.56
C LYS J 9 -37.02 -48.05 -33.99
N ILE J 10 -36.47 -47.51 -35.09
CA ILE J 10 -36.95 -47.44 -36.41
C ILE J 10 -35.77 -47.51 -37.30
N SER J 11 -34.63 -47.00 -37.00
CA SER J 11 -33.73 -47.26 -38.10
C SER J 11 -33.11 -48.61 -37.86
N PHE J 12 -33.05 -48.97 -36.58
CA PHE J 12 -32.19 -50.08 -36.25
C PHE J 12 -30.69 -49.87 -36.50
N GLU J 13 -30.17 -48.89 -37.23
CA GLU J 13 -28.83 -48.53 -36.81
C GLU J 13 -28.67 -47.58 -35.58
N LEU J 14 -27.40 -47.60 -35.14
CA LEU J 14 -26.82 -46.65 -34.21
C LEU J 14 -27.20 -45.22 -34.55
N MET J 15 -27.75 -44.51 -33.60
CA MET J 15 -28.29 -43.16 -33.83
C MET J 15 -27.35 -42.02 -34.16
N ARG J 16 -27.49 -41.30 -35.25
CA ARG J 16 -26.73 -40.03 -35.42
C ARG J 16 -27.29 -38.83 -34.62
N GLU J 17 -28.56 -38.81 -34.20
CA GLU J 17 -29.12 -37.59 -33.82
C GLU J 17 -30.34 -37.80 -32.91
N PRO J 18 -30.02 -38.40 -31.81
CA PRO J 18 -31.08 -38.97 -30.96
C PRO J 18 -32.32 -37.97 -30.53
N CYS J 19 -33.61 -38.28 -30.40
CA CYS J 19 -34.55 -37.25 -29.91
C CYS J 19 -35.30 -37.92 -28.91
N ILE J 20 -36.01 -37.34 -27.94
CA ILE J 20 -36.69 -38.25 -27.10
C ILE J 20 -38.08 -37.80 -27.09
N THR J 21 -39.07 -38.52 -26.65
CA THR J 21 -40.30 -38.02 -26.99
C THR J 21 -41.05 -37.81 -25.77
N PRO J 22 -42.05 -36.98 -25.75
CA PRO J 22 -42.90 -37.00 -24.62
C PRO J 22 -42.94 -38.24 -23.93
N SER J 23 -43.59 -39.33 -24.22
CA SER J 23 -43.51 -40.63 -23.38
C SER J 23 -42.11 -41.21 -23.48
N GLY J 24 -41.35 -40.83 -24.38
CA GLY J 24 -39.98 -40.73 -23.87
C GLY J 24 -39.15 -41.80 -24.38
N ILE J 25 -38.86 -41.82 -25.69
CA ILE J 25 -38.45 -42.96 -26.37
C ILE J 25 -37.52 -42.19 -27.21
N THR J 26 -36.39 -42.72 -27.54
CA THR J 26 -35.59 -42.12 -28.43
C THR J 26 -35.51 -42.79 -29.84
N TYR J 27 -35.36 -42.03 -30.87
CA TYR J 27 -35.18 -42.49 -32.11
C TYR J 27 -34.37 -41.57 -32.78
N ASP J 28 -33.58 -41.88 -33.81
CA ASP J 28 -32.87 -40.93 -34.63
C ASP J 28 -33.74 -39.96 -35.25
N ARG J 29 -33.19 -38.76 -35.31
CA ARG J 29 -33.97 -37.62 -35.65
C ARG J 29 -34.57 -37.77 -37.04
N LYS J 30 -33.74 -38.14 -38.04
CA LYS J 30 -34.23 -38.25 -39.50
C LYS J 30 -35.38 -39.20 -39.62
N ASP J 31 -35.21 -40.39 -38.94
CA ASP J 31 -36.31 -41.36 -38.89
C ASP J 31 -37.53 -40.85 -38.27
N ILE J 32 -37.54 -40.29 -37.08
CA ILE J 32 -38.92 -40.02 -36.56
C ILE J 32 -39.58 -38.77 -37.21
N GLU J 33 -38.71 -37.89 -37.69
CA GLU J 33 -39.26 -36.79 -38.50
C GLU J 33 -40.04 -37.41 -39.66
N GLU J 34 -39.47 -38.52 -40.25
CA GLU J 34 -40.20 -39.19 -41.33
C GLU J 34 -41.45 -39.85 -40.92
N HIS J 35 -41.42 -40.68 -39.93
CA HIS J 35 -42.61 -41.27 -39.49
C HIS J 35 -43.70 -40.31 -39.30
N LEU J 36 -43.32 -39.12 -38.91
CA LEU J 36 -44.27 -38.07 -38.49
C LEU J 36 -44.88 -37.38 -39.75
N GLN J 37 -44.19 -37.25 -40.87
CA GLN J 37 -44.94 -36.87 -42.03
C GLN J 37 -45.46 -38.06 -42.94
N ARG J 38 -44.78 -39.23 -43.03
CA ARG J 38 -45.33 -40.36 -43.71
C ARG J 38 -46.41 -41.17 -42.95
N VAL J 39 -46.52 -41.19 -41.66
CA VAL J 39 -47.34 -42.28 -41.16
C VAL J 39 -48.31 -41.69 -40.14
N GLY J 40 -47.93 -40.56 -39.57
CA GLY J 40 -48.79 -40.16 -38.48
C GLY J 40 -48.05 -39.46 -37.44
N HIS J 41 -48.80 -38.46 -36.82
CA HIS J 41 -48.41 -37.61 -35.68
C HIS J 41 -48.77 -38.33 -34.46
N PHE J 42 -48.08 -39.44 -34.27
CA PHE J 42 -48.14 -40.16 -33.00
C PHE J 42 -46.80 -40.93 -32.77
N ASN J 43 -46.59 -41.32 -31.55
CA ASN J 43 -45.42 -42.16 -31.15
C ASN J 43 -45.43 -43.69 -31.65
N PRO J 44 -44.45 -44.03 -32.51
CA PRO J 44 -44.08 -45.30 -32.90
C PRO J 44 -44.35 -46.21 -31.92
N VAL J 45 -44.16 -45.99 -30.68
CA VAL J 45 -44.23 -47.05 -29.76
C VAL J 45 -45.37 -46.78 -28.91
N THR J 46 -45.61 -45.62 -28.40
CA THR J 46 -46.78 -45.61 -27.39
C THR J 46 -47.99 -45.18 -28.20
N ARG J 47 -47.77 -44.36 -29.27
CA ARG J 47 -48.89 -43.82 -30.12
C ARG J 47 -49.79 -42.80 -29.42
N SER J 48 -49.26 -42.03 -28.44
CA SER J 48 -49.85 -40.80 -27.95
C SER J 48 -49.50 -39.84 -29.07
N PRO J 49 -50.46 -38.96 -29.35
CA PRO J 49 -50.51 -37.88 -30.25
C PRO J 49 -49.13 -37.44 -30.01
N LEU J 50 -48.39 -36.80 -30.99
CA LEU J 50 -47.00 -36.54 -30.89
C LEU J 50 -46.60 -35.71 -32.03
N THR J 51 -45.96 -34.51 -31.89
CA THR J 51 -45.74 -33.70 -33.03
C THR J 51 -44.29 -33.56 -33.16
N GLN J 52 -43.72 -32.96 -34.14
CA GLN J 52 -42.30 -32.96 -34.19
C GLN J 52 -41.59 -31.94 -33.27
N GLU J 53 -42.42 -31.09 -32.74
CA GLU J 53 -41.90 -29.95 -32.06
C GLU J 53 -41.82 -30.44 -30.72
N GLN J 54 -42.63 -31.47 -30.35
CA GLN J 54 -42.44 -32.06 -29.07
C GLN J 54 -41.13 -32.80 -29.03
N LEU J 55 -40.38 -32.88 -30.08
CA LEU J 55 -39.11 -33.69 -29.92
C LEU J 55 -38.04 -33.02 -29.08
N ILE J 56 -37.29 -33.59 -28.15
CA ILE J 56 -36.21 -32.86 -27.48
C ILE J 56 -34.84 -33.44 -27.91
N PRO J 57 -33.66 -32.72 -28.11
CA PRO J 57 -32.51 -33.62 -28.45
C PRO J 57 -32.14 -34.33 -27.18
N ASN J 58 -31.38 -35.43 -27.20
CA ASN J 58 -31.22 -36.34 -26.05
C ASN J 58 -29.70 -36.39 -26.00
N LEU J 59 -29.07 -35.23 -25.82
CA LEU J 59 -27.61 -35.09 -25.76
C LEU J 59 -26.87 -35.99 -24.87
N ALA J 60 -27.54 -36.56 -23.82
CA ALA J 60 -26.85 -37.54 -23.03
C ALA J 60 -26.29 -38.77 -23.88
N MET J 61 -27.30 -39.56 -24.44
CA MET J 61 -27.13 -40.40 -25.51
C MET J 61 -26.20 -39.80 -26.55
N LYS J 62 -26.49 -38.61 -27.13
CA LYS J 62 -25.48 -38.01 -28.16
C LYS J 62 -24.05 -38.37 -27.66
N GLU J 63 -23.88 -38.56 -26.38
CA GLU J 63 -22.51 -38.67 -25.94
C GLU J 63 -22.15 -40.11 -25.69
N VAL J 64 -23.09 -40.79 -24.98
CA VAL J 64 -22.82 -42.18 -24.85
C VAL J 64 -22.37 -42.67 -26.26
N ILE J 65 -23.09 -42.21 -27.30
CA ILE J 65 -22.79 -42.65 -28.65
C ILE J 65 -21.27 -42.21 -28.75
N ASP J 66 -20.93 -40.98 -29.14
CA ASP J 66 -19.48 -40.70 -29.33
C ASP J 66 -18.38 -41.40 -28.54
N ALA J 67 -18.56 -41.35 -27.21
CA ALA J 67 -17.94 -42.37 -26.28
C ALA J 67 -17.68 -43.57 -27.08
N PHE J 68 -18.75 -44.33 -27.24
CA PHE J 68 -18.62 -45.56 -27.94
C PHE J 68 -17.97 -45.50 -29.29
N ILE J 69 -18.49 -44.70 -30.26
CA ILE J 69 -17.68 -44.61 -31.53
C ILE J 69 -16.18 -44.45 -31.31
N SER J 70 -15.73 -44.01 -30.16
CA SER J 70 -14.28 -43.93 -30.03
C SER J 70 -13.78 -45.16 -29.43
N GLU J 71 -13.99 -45.39 -28.13
CA GLU J 71 -13.72 -46.78 -27.55
C GLU J 71 -14.00 -47.98 -28.50
N ASN J 72 -15.21 -48.61 -28.41
CA ASN J 72 -15.36 -49.72 -29.31
C ASN J 72 -14.78 -49.38 -30.71
N GLY J 73 -15.06 -48.19 -31.23
CA GLY J 73 -14.41 -47.78 -32.48
C GLY J 73 -14.94 -48.68 -33.63
N TRP J 74 -16.16 -48.40 -34.17
CA TRP J 74 -16.62 -49.09 -35.44
C TRP J 74 -17.46 -48.36 -36.54
N VAL J 75 -17.28 -48.80 -37.87
CA VAL J 75 -18.24 -48.60 -39.04
C VAL J 75 -18.51 -47.01 -39.12
N GLU J 76 -18.95 -46.45 -40.27
CA GLU J 76 -19.05 -44.90 -40.27
C GLU J 76 -20.29 -44.03 -40.71
N ASP J 77 -20.23 -42.80 -40.11
CA ASP J 77 -20.90 -41.51 -40.53
C ASP J 77 -19.94 -40.15 -40.32
N TYR J 78 -20.65 -38.98 -40.60
CA TYR J 78 -20.43 -37.54 -40.19
C TYR J 78 -19.46 -36.74 -41.08
N ASP K 1 8.96 45.34 23.56
CA ASP K 1 9.85 44.16 23.58
C ASP K 1 11.38 44.49 23.61
N ILE K 2 11.85 44.41 24.85
CA ILE K 2 12.88 43.34 25.30
C ILE K 2 14.03 42.54 24.40
N PRO K 3 14.93 43.24 23.75
CA PRO K 3 15.00 42.63 22.44
C PRO K 3 16.13 41.54 22.27
N ASP K 4 16.18 40.98 21.07
CA ASP K 4 16.72 39.63 21.00
C ASP K 4 18.13 39.52 21.18
N TYR K 5 18.89 40.51 20.63
CA TYR K 5 20.33 40.33 20.59
C TYR K 5 20.70 40.45 22.03
N LEU K 6 19.78 40.42 23.00
CA LEU K 6 20.28 40.40 24.34
C LEU K 6 20.25 39.04 25.05
N CYS K 7 19.74 38.01 24.35
CA CYS K 7 19.39 36.67 24.95
C CYS K 7 20.33 35.61 24.66
N GLY K 8 20.67 34.75 25.61
CA GLY K 8 21.24 33.36 25.40
C GLY K 8 20.81 32.82 24.07
N LYS K 9 21.83 32.54 23.23
CA LYS K 9 21.46 31.75 22.06
C LYS K 9 20.80 30.25 22.35
N ILE K 10 21.15 29.69 23.51
CA ILE K 10 20.51 28.63 24.13
C ILE K 10 19.59 29.18 25.15
N SER K 11 19.58 30.45 25.42
CA SER K 11 18.92 30.63 26.75
C SER K 11 17.56 31.18 26.52
N PHE K 12 17.46 31.86 25.40
CA PHE K 12 16.25 32.55 25.06
C PHE K 12 15.71 33.46 26.18
N GLU K 13 16.60 33.80 27.15
CA GLU K 13 16.39 34.77 28.19
C GLU K 13 17.52 35.80 27.87
N LEU K 14 17.38 36.88 28.68
CA LEU K 14 18.35 37.91 28.97
C LEU K 14 19.50 37.36 29.60
N MET K 15 20.65 37.75 29.18
CA MET K 15 21.78 37.02 29.65
C MET K 15 22.37 37.50 30.97
N ARG K 16 22.03 36.96 32.10
CA ARG K 16 22.75 37.43 33.31
C ARG K 16 24.28 36.96 33.29
N GLU K 17 25.23 37.20 32.30
CA GLU K 17 26.63 36.56 32.25
C GLU K 17 27.34 36.16 30.91
N PRO K 18 27.50 37.17 30.03
CA PRO K 18 27.77 36.73 28.68
C PRO K 18 29.18 36.26 28.45
N CYS K 19 29.32 35.06 27.85
CA CYS K 19 30.61 34.55 27.27
C CYS K 19 30.56 34.72 25.80
N ILE K 20 31.69 34.74 25.14
CA ILE K 20 31.65 34.87 23.75
C ILE K 20 32.63 33.78 23.46
N THR K 21 32.99 33.47 22.21
CA THR K 21 33.40 32.17 21.75
C THR K 21 34.16 32.50 20.49
N PRO K 22 35.30 31.85 20.36
CA PRO K 22 36.31 32.23 19.41
C PRO K 22 35.49 32.39 18.25
N SER K 23 34.30 31.90 18.25
CA SER K 23 33.55 32.09 16.98
C SER K 23 32.92 33.48 16.82
N GLY K 24 32.47 34.18 17.86
CA GLY K 24 31.59 35.28 17.49
C GLY K 24 30.54 35.29 18.58
N ILE K 25 30.43 34.19 19.42
CA ILE K 25 28.94 33.99 19.68
C ILE K 25 28.79 34.10 21.10
N THR K 26 27.60 34.54 21.55
CA THR K 26 27.68 34.94 22.88
C THR K 26 26.70 34.29 23.63
N TYR K 27 26.91 33.89 24.87
CA TYR K 27 25.92 33.08 25.54
C TYR K 27 25.84 33.44 26.88
N ASP K 28 24.68 33.33 27.50
CA ASP K 28 24.68 33.31 28.93
C ASP K 28 25.63 32.20 29.44
N ARG K 29 26.24 32.39 30.59
CA ARG K 29 27.44 31.57 30.88
C ARG K 29 27.00 30.09 31.11
N LYS K 30 26.10 29.97 32.06
CA LYS K 30 25.96 28.66 32.57
C LYS K 30 25.34 27.81 31.42
N ASP K 31 24.50 28.44 30.63
CA ASP K 31 24.02 27.77 29.41
C ASP K 31 25.12 27.21 28.56
N ILE K 32 26.16 27.92 28.16
CA ILE K 32 27.03 27.37 27.09
C ILE K 32 27.97 26.53 27.90
N GLU K 33 27.74 26.32 29.19
CA GLU K 33 28.79 25.47 29.80
C GLU K 33 28.28 24.05 30.05
N GLU K 34 27.11 23.94 30.67
CA GLU K 34 26.30 22.68 30.46
C GLU K 34 26.40 22.21 28.97
N HIS K 35 26.14 23.12 27.99
CA HIS K 35 26.35 22.55 26.68
C HIS K 35 27.81 21.97 26.53
N LEU K 36 28.88 22.54 27.10
CA LEU K 36 30.07 21.76 26.63
C LEU K 36 30.38 20.50 27.38
N GLN K 37 29.86 20.32 28.63
CA GLN K 37 29.80 19.00 29.26
C GLN K 37 28.73 18.27 28.35
N ARG K 38 27.53 17.96 28.89
CA ARG K 38 26.37 17.46 28.19
C ARG K 38 26.33 17.31 26.69
N VAL K 39 26.78 18.22 25.81
CA VAL K 39 26.53 17.97 24.44
C VAL K 39 27.81 17.97 23.70
N GLY K 40 28.75 18.88 23.88
CA GLY K 40 29.61 19.02 22.71
C GLY K 40 30.78 19.87 23.13
N HIS K 41 31.98 19.56 22.71
CA HIS K 41 33.05 20.44 22.85
C HIS K 41 32.86 20.97 21.50
N PHE K 42 31.65 21.39 21.20
CA PHE K 42 31.79 22.32 20.02
C PHE K 42 30.74 23.49 20.26
N ASN K 43 30.72 24.42 19.28
CA ASN K 43 30.01 25.58 19.33
C ASN K 43 28.54 25.55 18.90
N PRO K 44 27.63 25.81 19.85
CA PRO K 44 26.32 25.55 19.38
C PRO K 44 25.96 26.01 18.05
N VAL K 45 26.73 26.77 17.21
CA VAL K 45 26.06 27.42 16.08
C VAL K 45 27.10 27.29 15.09
N THR K 46 28.32 27.20 15.49
CA THR K 46 29.18 27.26 14.28
C THR K 46 29.72 25.85 14.18
N ARG K 47 29.50 25.20 15.33
CA ARG K 47 29.79 23.80 15.21
C ARG K 47 31.29 23.64 15.31
N SER K 48 32.18 24.52 14.83
CA SER K 48 33.56 24.61 15.46
C SER K 48 33.94 24.18 16.85
N PRO K 49 35.14 23.67 16.89
CA PRO K 49 35.55 22.93 18.15
C PRO K 49 35.48 23.94 19.38
N LEU K 50 35.13 23.53 20.63
CA LEU K 50 35.12 24.55 21.56
C LEU K 50 35.34 24.07 22.85
N THR K 51 36.37 24.56 23.43
CA THR K 51 36.44 23.96 24.82
C THR K 51 36.04 25.04 25.85
N GLN K 52 35.54 24.65 27.00
CA GLN K 52 35.39 25.48 28.18
C GLN K 52 36.21 26.75 28.38
N GLU K 53 37.53 26.78 28.09
CA GLU K 53 38.50 27.93 28.37
C GLU K 53 38.55 28.65 27.14
N GLN K 54 37.63 28.43 26.26
CA GLN K 54 38.02 29.38 25.24
C GLN K 54 37.12 30.50 25.40
N LEU K 55 36.29 30.32 26.43
CA LEU K 55 35.13 31.16 26.66
C LEU K 55 35.62 32.49 27.37
N ILE K 56 35.70 33.63 26.61
CA ILE K 56 36.06 35.00 27.18
C ILE K 56 34.84 35.81 27.70
N PRO K 57 34.80 36.47 28.91
CA PRO K 57 33.62 37.40 29.32
C PRO K 57 33.38 38.60 28.46
N ASN K 58 32.12 38.87 28.23
CA ASN K 58 31.85 39.79 27.11
C ASN K 58 31.24 40.94 27.96
N LEU K 59 32.28 41.57 28.52
CA LEU K 59 32.45 42.73 29.48
C LEU K 59 31.66 43.78 28.95
N ALA K 60 31.95 44.04 27.65
CA ALA K 60 31.11 44.94 26.80
C ALA K 60 29.59 44.64 26.91
N MET K 61 29.21 43.35 26.99
CA MET K 61 27.86 43.11 26.80
C MET K 61 27.35 43.25 28.16
N LYS K 62 28.20 43.13 29.15
CA LYS K 62 27.58 42.96 30.39
C LYS K 62 27.14 44.35 30.87
N GLU K 63 27.94 45.35 30.38
CA GLU K 63 27.65 46.77 30.58
C GLU K 63 26.39 47.05 29.93
N VAL K 64 26.37 46.98 28.57
CA VAL K 64 25.03 47.11 27.79
C VAL K 64 23.77 46.49 28.48
N ILE K 65 24.04 45.28 28.93
CA ILE K 65 22.92 44.61 29.59
C ILE K 65 22.46 45.50 30.69
N ASP K 66 23.50 46.10 31.37
CA ASP K 66 23.22 46.69 32.76
C ASP K 66 22.31 47.94 32.74
N ALA K 67 22.59 48.70 31.65
CA ALA K 67 21.79 49.78 31.04
C ALA K 67 20.40 49.44 31.09
N PHE K 68 20.18 48.59 30.11
CA PHE K 68 18.92 48.00 29.98
C PHE K 68 18.31 47.45 31.29
N ILE K 69 19.00 46.51 32.01
CA ILE K 69 18.46 46.00 33.39
C ILE K 69 18.01 47.26 34.18
N SER K 70 18.91 48.31 34.17
CA SER K 70 18.78 49.43 35.09
C SER K 70 17.60 50.27 34.62
N GLU K 71 17.61 50.81 33.38
CA GLU K 71 16.41 51.68 33.06
C GLU K 71 15.04 51.09 32.42
N ASN K 72 14.96 49.75 32.28
CA ASN K 72 13.67 49.09 32.10
C ASN K 72 13.53 48.34 33.45
N GLY K 73 12.58 47.57 33.93
N PRO L 3 26.40 58.00 23.97
CA PRO L 3 26.99 56.73 23.52
C PRO L 3 27.59 55.70 24.61
N ASP L 4 28.89 55.29 24.31
CA ASP L 4 29.84 55.09 25.42
C ASP L 4 30.69 53.77 25.79
N TYR L 5 29.91 52.87 26.53
CA TYR L 5 30.24 51.45 26.49
C TYR L 5 30.05 51.03 25.09
N LEU L 6 29.24 51.71 24.28
CA LEU L 6 29.56 51.64 22.87
C LEU L 6 30.88 52.17 22.39
N CYS L 7 31.90 52.43 23.24
CA CYS L 7 33.03 53.03 22.56
C CYS L 7 34.36 52.51 22.72
N GLY L 8 35.16 52.70 21.67
CA GLY L 8 36.38 51.93 21.49
C GLY L 8 37.32 52.37 22.52
N LYS L 9 37.49 51.65 23.66
CA LYS L 9 38.58 51.93 24.61
C LYS L 9 39.93 52.70 23.89
N ILE L 10 39.92 53.02 22.61
CA ILE L 10 41.01 53.73 22.06
C ILE L 10 40.32 54.77 21.06
N SER L 11 39.94 54.45 19.81
CA SER L 11 38.78 55.18 19.12
C SER L 11 38.15 56.34 19.98
N PHE L 12 37.69 55.94 21.17
CA PHE L 12 36.95 56.88 21.93
C PHE L 12 35.84 57.34 21.08
N GLU L 13 35.58 56.60 20.01
CA GLU L 13 34.20 56.76 19.56
C GLU L 13 33.35 55.47 19.38
N LEU L 14 32.24 55.67 18.61
CA LEU L 14 31.36 54.60 18.10
C LEU L 14 32.17 53.44 17.59
N MET L 15 31.84 52.28 18.21
CA MET L 15 32.57 51.06 17.71
C MET L 15 31.97 50.70 16.21
N ARG L 16 32.85 50.49 15.22
CA ARG L 16 32.31 50.17 13.93
C ARG L 16 32.62 48.74 13.65
N GLU L 17 33.75 48.26 14.14
CA GLU L 17 33.96 46.85 13.95
C GLU L 17 34.46 46.23 15.29
N PRO L 18 33.50 46.29 16.22
CA PRO L 18 33.81 45.96 17.63
C PRO L 18 34.38 44.57 17.57
N CYS L 19 35.46 44.30 18.24
CA CYS L 19 35.74 42.88 18.34
C CYS L 19 36.71 42.66 19.59
N ILE L 20 36.68 41.62 20.38
CA ILE L 20 36.92 41.74 21.82
C ILE L 20 38.18 40.96 22.02
N THR L 21 38.71 40.90 23.20
CA THR L 21 40.09 40.54 23.25
C THR L 21 39.97 39.36 24.19
N PRO L 22 40.92 38.39 24.24
CA PRO L 22 40.93 37.37 25.36
C PRO L 22 40.72 37.93 26.68
N SER L 23 40.89 39.25 26.89
CA SER L 23 40.85 39.69 28.32
C SER L 23 39.53 40.25 28.56
N GLY L 24 38.64 40.28 27.58
CA GLY L 24 37.25 40.62 28.10
C GLY L 24 37.09 42.01 27.50
N ILE L 25 37.94 42.36 26.55
CA ILE L 25 37.90 43.71 26.31
C ILE L 25 37.50 44.07 25.02
N THR L 26 36.43 44.82 25.04
CA THR L 26 36.09 45.32 23.76
C THR L 26 36.70 46.63 23.09
N TYR L 27 37.63 46.39 22.17
CA TYR L 27 38.07 47.36 21.24
C TYR L 27 37.30 47.66 19.98
N ASP L 28 38.01 48.10 18.92
CA ASP L 28 37.53 48.38 17.58
C ASP L 28 38.68 47.93 16.65
N ARG L 29 38.41 46.96 15.74
CA ARG L 29 39.54 46.31 14.99
C ARG L 29 40.69 47.40 14.57
N LYS L 30 40.25 48.48 13.79
CA LYS L 30 41.24 49.34 13.11
C LYS L 30 42.23 49.66 14.15
N ASP L 31 41.71 50.19 15.32
CA ASP L 31 42.57 50.77 16.48
C ASP L 31 43.45 49.77 17.03
N ILE L 32 42.86 48.69 17.47
CA ILE L 32 43.74 47.85 18.21
C ILE L 32 44.78 47.06 17.37
N GLU L 33 44.60 47.10 16.05
CA GLU L 33 45.35 46.20 15.14
C GLU L 33 46.54 47.08 15.10
N GLU L 34 46.22 48.40 14.86
CA GLU L 34 47.27 49.47 14.77
C GLU L 34 48.16 49.45 16.01
N HIS L 35 47.44 49.41 17.20
CA HIS L 35 48.18 49.30 18.45
C HIS L 35 49.01 48.04 18.36
N LEU L 36 48.31 46.94 18.09
CA LEU L 36 49.07 45.67 18.01
C LEU L 36 50.42 45.75 17.31
N GLN L 37 50.37 46.51 16.16
CA GLN L 37 51.48 46.60 15.18
C GLN L 37 52.46 47.85 15.39
N ARG L 38 51.98 49.17 15.54
CA ARG L 38 52.77 50.28 16.20
C ARG L 38 53.01 49.72 17.76
N VAL L 39 52.45 50.41 18.81
CA VAL L 39 52.90 50.13 20.20
C VAL L 39 53.59 48.78 20.62
N GLY L 40 53.00 47.56 20.45
CA GLY L 40 53.36 46.36 21.29
C GLY L 40 52.37 45.13 20.97
N HIS L 41 52.85 43.91 21.31
CA HIS L 41 51.76 42.94 21.17
C HIS L 41 51.24 43.01 22.54
N PHE L 42 50.51 44.09 22.96
CA PHE L 42 49.73 43.55 24.20
C PHE L 42 48.44 44.16 24.36
N ASN L 43 47.75 43.53 25.28
CA ASN L 43 46.42 44.02 25.50
C ASN L 43 46.60 45.36 26.17
N PRO L 44 46.27 46.36 25.44
CA PRO L 44 46.02 47.77 25.91
C PRO L 44 45.50 47.91 27.31
N VAL L 45 44.82 46.98 27.94
CA VAL L 45 44.23 47.45 29.20
C VAL L 45 44.80 46.64 30.24
N THR L 46 45.27 45.43 29.90
CA THR L 46 45.59 44.45 31.05
C THR L 46 47.03 44.21 30.88
N ARG L 47 47.49 44.78 29.82
CA ARG L 47 48.94 44.58 29.61
C ARG L 47 49.20 43.00 29.23
N SER L 48 48.08 42.14 29.10
CA SER L 48 48.35 40.68 28.77
C SER L 48 48.85 40.66 27.36
N PRO L 49 49.72 39.64 27.09
CA PRO L 49 50.51 39.52 25.79
C PRO L 49 49.39 39.22 24.88
N LEU L 50 49.44 39.79 23.71
CA LEU L 50 48.26 39.71 22.96
C LEU L 50 48.63 40.05 21.54
N THR L 51 48.16 39.21 20.61
CA THR L 51 48.85 39.26 19.25
C THR L 51 47.53 39.21 18.51
N GLN L 52 47.55 39.71 17.26
CA GLN L 52 46.39 39.86 16.31
C GLN L 52 45.56 38.57 15.91
N GLU L 53 46.28 37.45 15.71
CA GLU L 53 45.57 36.14 15.88
C GLU L 53 44.56 36.19 16.97
N GLN L 54 44.67 36.74 18.18
CA GLN L 54 43.64 36.31 19.17
C GLN L 54 42.42 37.25 19.15
N LEU L 55 42.33 38.19 18.17
CA LEU L 55 41.06 38.92 18.31
C LEU L 55 39.70 38.49 17.58
N ILE L 56 38.81 37.87 18.33
CA ILE L 56 37.47 37.49 17.92
C ILE L 56 36.45 38.65 17.63
N PRO L 57 35.63 38.62 16.55
CA PRO L 57 34.59 39.71 16.41
C PRO L 57 33.45 39.69 17.40
N ASN L 58 32.80 40.84 17.63
CA ASN L 58 32.00 40.91 18.81
C ASN L 58 30.72 41.07 18.20
N LEU L 59 30.20 39.89 17.74
CA LEU L 59 28.90 39.97 16.99
C LEU L 59 27.82 40.53 17.80
N ALA L 60 27.62 40.23 19.08
CA ALA L 60 26.49 40.98 19.81
C ALA L 60 26.70 42.54 19.92
N MET L 61 27.99 42.96 20.07
CA MET L 61 28.36 44.32 19.95
C MET L 61 27.80 44.94 18.69
N LYS L 62 28.45 44.72 17.54
CA LYS L 62 27.88 45.10 16.24
C LYS L 62 26.34 45.05 16.19
N GLU L 63 25.63 44.11 16.84
CA GLU L 63 24.21 44.32 16.79
C GLU L 63 23.76 45.41 17.75
N VAL L 64 24.28 45.49 19.03
CA VAL L 64 23.84 46.69 19.90
C VAL L 64 24.06 48.11 19.24
N ILE L 65 25.29 48.32 18.86
CA ILE L 65 25.61 49.38 17.99
C ILE L 65 24.50 49.42 16.95
N ASP L 66 24.55 48.42 16.03
CA ASP L 66 23.70 48.50 14.72
C ASP L 66 22.26 48.99 14.95
N ALA L 67 21.72 48.49 16.06
CA ALA L 67 20.37 48.77 16.54
C ALA L 67 20.10 50.15 16.98
N PHE L 68 21.19 50.78 17.38
CA PHE L 68 21.03 52.06 18.00
C PHE L 68 21.44 53.11 16.95
N ILE L 69 22.38 52.76 16.01
CA ILE L 69 22.76 53.61 14.86
C ILE L 69 21.50 53.83 14.06
N SER L 70 20.68 52.79 13.90
CA SER L 70 19.51 52.96 13.10
C SER L 70 18.70 53.34 14.30
N GLU L 71 18.65 54.63 14.59
CA GLU L 71 17.76 55.14 15.70
C GLU L 71 17.79 56.64 15.77
N ASN L 72 18.97 57.08 16.20
CA ASN L 72 19.36 58.39 16.67
C ASN L 72 20.39 58.60 15.49
N GLY L 73 19.86 58.29 14.39
#